data_9IUJ
#
_entry.id   9IUJ
#
_cell.length_a   1.00
_cell.length_b   1.00
_cell.length_c   1.00
_cell.angle_alpha   90.00
_cell.angle_beta   90.00
_cell.angle_gamma   90.00
#
_symmetry.space_group_name_H-M   'P 1'
#
loop_
_entity.id
_entity.type
_entity.pdbx_description
1 polymer 'Integrin alpha-V,Integrin alpha-V,Uncharacterized protein DKFZp686C11235'
2 polymer 'Integrin beta-3,Integrin beta-3,Uncharacterized protein DKFZp686C11235'
3 polymer 'Disintegrin rhodostomin'
4 branched beta-D-mannopyranose-(1-4)-2-acetamido-2-deoxy-beta-D-glucopyranose-(1-4)-2-acetamido-2-deoxy-beta-D-glucopyranose
5 branched 2-acetamido-2-deoxy-beta-D-glucopyranose-(1-4)-2-acetamido-2-deoxy-beta-D-glucopyranose
6 branched alpha-D-mannopyranose-(1-4)-beta-D-mannopyranose-(1-6)-[alpha-D-mannopyranose-(1-3)]beta-D-mannopyranose-(1-4)-2-acetamido-2-deoxy-beta-D-glucopyranose-(1-4)-2-acetamido-2-deoxy-beta-D-glucopyranose
7 non-polymer 'CALCIUM ION'
8 non-polymer 2-acetamido-2-deoxy-beta-D-glucopyranose
9 non-polymer 'MAGNESIUM ION'
#
loop_
_entity_poly.entity_id
_entity_poly.type
_entity_poly.pdbx_seq_one_letter_code
_entity_poly.pdbx_strand_id
1 'polypeptide(L)'
;FNLDVDSPAEYSGPEGSYFGFAVDFFVPSASSRMFLLVGAPKANTTQPGIVEGGQVLKCDWSSTRRCQPIEFDATGNRDY
AKDDPLEFKSHQWFGASVRSKQDKILACAPLYHWRTEMKQEREPVGTCFLQDGTKTVEYAPCRSQDIDADGQGFCQGGFS
IDFTKADRVLLGGPGSFYWQGQLISDQVAEIVSKYDPNVYSIKYNNQLATRTAQAIFDDSYLGYSVAVGDFNGDGIDDFV
SGVPRAARTLGMVYIYDGKNMSSLYNFTGEQMAAYFGFSVAATDINGDDYADVFIGAPLFMDRGSDGKLQEVGQVSVSLQ
RASGDFQTTKLNGFEVFARFGSAIAPLGDLDQDGFNDIAIAAPYGGEDKKGIVYIFNGRSTGLNAVPSQILEGQWAARSM
PPSFGYSMKGATDIDKNGYPDLIVGAFGVDRAILYRARPVITVNAGLEVYPSILNQDNKTCSLPGTALKVSCFNVRFCLK
ADGKGVLPRKLNFQVELLLDKLKQKGAIRRALFLYSRSPSHSKNMTISRGGLMQCEELIAYLRDESEFRDKLTPITIFME
YRLDYRTAADTTGLQPILNQFTPANISRQAHILLDCGEDNVCKPKLEVSVDSDQKKIYIGDDNPLTLIVKAQNQGEGAYE
AELIVSIPLQADFIGVVRNNEALARLSCAFKTENQTRQVVCDLGNPMKAGTQLLAGLRFSVHQQSEMDTSVKFDLQIQSS
NLFDKVSPVVSHKVDLAVLAAVEIRGVSSPDHVFLPIPNWEHKENPETEEDVGPVVQHIYELRNNGPSSFSKAMLHLQWP
YKYNNNTLLYILHYDIDGPMNCTSDMEINPLRIKISSLQTTEKNDTVAGQGERDHLITKRDLALSEGDIHTLGCGVAQCL
KIVCQVGRLDRGKSAILYVKSLLWTETFMNKENQNHSYSLKSSASFNVIEFPYKNLPIEDITNSTLVTTNVTWGIQPDKT
HTCPPCPAPELLGGPSVFLFPPKPKDTLMISRTPEVTCVVVDVSHEDPEVKFNWYVDGVEVHNAKTKPREEQYNSTYRVV
SVLTVLHQDWLNGKEYKCKVSNKALPAPIEKTISKAKGQPREPQVYTLPPSREEMTKNQVSLTCLVKGFYPSDIAVEWES
NGQPENNYKTTPPVLDSDGSFFLTSKLTVDKSRWQQGNVFSCSVMHEALHNHYTQKSLSLSPGK
;
A
2 'polypeptide(L)'
;GPNICTTRGVSSCQQCLAVSPMCAWCSDEALPLGSPRCDLKENLLKDNCAPESIEFPVSEARVLEDRPLSDKGSGDSSQV
TQVSPQRIALRLRPDDSKNFSIQVRQVEDYPVDIYYLMDLSYSMKDDLWSIQNLGTKLATQMRKLTSNLRIGFGAFVDKP
VSPYMYISPPEALENPCYDMKTTCLPMFGYKHVLTLTDQVTRFNEEVKKQSVSRNRDAPEGGFDAIMQATVCDEKIGWRN
DASHLLVFTTDAKTHIALDGRLAGIVQPNDGQCHVGSDNHYSASTTMDYPSLGLMTEKLSQKNINLIFAVTENVVNLYQN
YSELIPGTTVGVLSMDSSNVLQLIVDAYGKIRSKVELEVRDLPEELSLSFNATCLNNEVIPGLKSCMGLKIGDTVSFSIE
AKVRGCPQEKEKSFTIKPVGFKDSLIVQVTFDCDCACQAQAEPNSHRCNNGNGTFECGVCRCGPGWLGSQCECSEEDYRP
SQQDECSPREGQPVCSQRGECLCGQCVCHSSDFGKITGKYCECDDFSCVRYKGEMCSGHGQCSCGDCLCDSDWTGYYCNC
TTRTDTCMSSNGLLCSGRGKCECGSCVCIQPGSYGDTCEKCPTCPDACTFKKECVECKKFDRGALHDENTCNRYCRDEIE
SVKELKDTGKDAVNCTYKNEDDCVVRFQYYEDSSGKSILYVVEEPECPKGPDDKTHTCPPCPAPELLGGPSVFLFPPKPK
DTLMISRTPEVTCVVVDVSHEDPEVKFNWYVDGVEVHNAKTKPREEQYNSTYRVVSVLTVLHQDWLNGKEYKCKVSNKAL
PAPIEKTISKAKGQPREPQVYTLPPSREEMTKNQVSLYCLVKGFYPSDIAVEWESNGQPENNYKTTPPVLDSDGSFFLYS
KLTVDKSRWQQGNVFSCSVMHEALHNHYTQKSLSLSPGK
;
B
3 'polypeptide(L)' GKECDCSSPENPCCDAATCKLRPGAQCGEGLCCEQCKFSRAGKICRIPRGDMPDDRCTGQSADCPRYH C
#
loop_
_chem_comp.id
_chem_comp.type
_chem_comp.name
_chem_comp.formula
BMA D-saccharide, beta linking beta-D-mannopyranose 'C6 H12 O6'
CA non-polymer 'CALCIUM ION' 'Ca 2'
MAN D-saccharide, alpha linking alpha-D-mannopyranose 'C6 H12 O6'
MG non-polymer 'MAGNESIUM ION' 'Mg 2'
NAG D-saccharide, beta linking 2-acetamido-2-deoxy-beta-D-glucopyranose 'C8 H15 N O6'
#
# COMPACT_ATOMS: atom_id res chain seq x y z
N PHE A 1 10.48 4.16 22.79
CA PHE A 1 9.59 5.30 23.01
C PHE A 1 10.34 6.44 23.69
N ASN A 2 11.55 6.14 24.20
CA ASN A 2 12.33 7.09 24.97
C ASN A 2 13.44 7.74 24.15
N LEU A 3 13.51 7.49 22.85
CA LEU A 3 14.50 8.14 22.02
C LEU A 3 14.13 9.61 21.80
N ASP A 4 15.12 10.49 21.94
CA ASP A 4 14.90 11.92 21.79
C ASP A 4 14.94 12.29 20.31
N VAL A 5 13.81 12.78 19.80
CA VAL A 5 13.66 13.08 18.38
C VAL A 5 13.58 14.57 18.09
N ASP A 6 13.34 15.41 19.10
CA ASP A 6 13.20 16.84 18.84
C ASP A 6 14.55 17.48 18.53
N SER A 7 15.60 17.11 19.25
CA SER A 7 16.93 17.68 19.08
C SER A 7 17.97 16.58 18.96
N PRO A 8 18.01 15.90 17.82
CA PRO A 8 19.07 14.91 17.59
C PRO A 8 20.34 15.54 17.07
N ALA A 9 21.46 14.86 17.31
CA ALA A 9 22.75 15.33 16.85
C ALA A 9 22.94 14.98 15.38
N GLU A 10 22.87 15.98 14.52
CA GLU A 10 22.94 15.80 13.07
C GLU A 10 24.36 16.03 12.59
N TYR A 11 24.87 15.11 11.79
CA TYR A 11 26.20 15.19 11.22
C TYR A 11 26.10 15.19 9.70
N SER A 12 26.98 15.92 9.03
CA SER A 12 26.95 16.07 7.59
C SER A 12 28.33 15.81 7.01
N GLY A 13 28.34 15.20 5.83
CA GLY A 13 29.58 14.93 5.12
C GLY A 13 29.62 15.64 3.77
N PRO A 14 30.64 15.33 2.98
CA PRO A 14 30.74 15.94 1.65
C PRO A 14 29.57 15.54 0.76
N GLU A 15 29.22 16.43 -0.17
CA GLU A 15 28.11 16.17 -1.08
C GLU A 15 28.45 15.01 -2.01
N GLY A 16 27.54 14.04 -2.09
CA GLY A 16 27.75 12.89 -2.95
C GLY A 16 28.74 11.87 -2.43
N SER A 17 29.17 11.99 -1.18
CA SER A 17 30.17 11.11 -0.60
C SER A 17 29.57 9.86 0.05
N TYR A 18 28.24 9.73 0.05
CA TYR A 18 27.55 8.63 0.72
C TYR A 18 27.86 8.61 2.21
N PHE A 19 28.06 9.79 2.79
CA PHE A 19 28.28 9.88 4.23
C PHE A 19 27.08 9.36 4.99
N GLY A 20 27.33 8.49 5.96
CA GLY A 20 26.26 7.81 6.65
C GLY A 20 25.89 6.46 6.09
N PHE A 21 26.60 5.98 5.08
CA PHE A 21 26.33 4.65 4.53
C PHE A 21 26.60 3.57 5.57
N ALA A 22 27.67 3.74 6.35
CA ALA A 22 28.00 2.86 7.46
C ALA A 22 28.21 3.71 8.70
N VAL A 23 27.57 3.32 9.80
CA VAL A 23 27.69 4.04 11.06
C VAL A 23 28.10 3.05 12.14
N ASP A 24 28.81 3.56 13.15
CA ASP A 24 29.25 2.76 14.28
C ASP A 24 29.69 3.71 15.39
N PHE A 25 29.88 3.15 16.58
CA PHE A 25 30.41 3.87 17.72
C PHE A 25 31.89 3.54 17.89
N PHE A 26 32.66 4.54 18.30
CA PHE A 26 34.05 4.34 18.70
C PHE A 26 34.16 4.61 20.19
N VAL A 27 34.46 3.58 20.97
CA VAL A 27 34.59 3.67 22.41
C VAL A 27 35.97 3.17 22.82
N PRO A 28 37.00 4.00 22.71
CA PRO A 28 38.35 3.55 23.07
C PRO A 28 38.42 3.12 24.53
N SER A 29 39.17 2.05 24.78
CA SER A 29 39.32 1.53 26.13
C SER A 29 40.34 2.30 26.95
N ALA A 30 41.09 3.22 26.34
CA ALA A 30 42.09 4.01 27.03
C ALA A 30 41.71 5.48 27.15
N SER A 31 40.58 5.89 26.59
CA SER A 31 40.15 7.28 26.64
C SER A 31 38.69 7.36 27.05
N SER A 32 38.34 8.44 27.74
CA SER A 32 36.97 8.67 28.18
C SER A 32 36.09 9.28 27.11
N ARG A 33 36.66 9.64 25.96
CA ARG A 33 35.89 10.22 24.86
C ARG A 33 35.38 9.12 23.93
N MET A 34 34.18 9.31 23.42
CA MET A 34 33.60 8.43 22.42
C MET A 34 33.35 9.19 21.13
N PHE A 35 33.43 8.47 20.01
CA PHE A 35 33.30 9.05 18.69
C PHE A 35 32.32 8.24 17.87
N LEU A 36 31.77 8.88 16.84
CA LEU A 36 30.93 8.22 15.85
C LEU A 36 31.79 7.86 14.65
N LEU A 37 31.75 6.60 14.26
CA LEU A 37 32.51 6.11 13.12
C LEU A 37 31.57 6.05 11.92
N VAL A 38 31.72 7.01 11.01
CA VAL A 38 30.85 7.14 9.85
C VAL A 38 31.67 6.86 8.60
N GLY A 39 31.19 5.94 7.77
CA GLY A 39 31.85 5.62 6.52
C GLY A 39 31.21 6.35 5.36
N ALA A 40 32.07 6.88 4.48
CA ALA A 40 31.65 7.61 3.29
C ALA A 40 32.30 6.93 2.09
N PRO A 41 31.68 5.87 1.55
CA PRO A 41 32.35 5.05 0.53
C PRO A 41 32.65 5.78 -0.77
N LYS A 42 32.02 6.92 -1.04
CA LYS A 42 32.25 7.64 -2.29
C LYS A 42 32.95 8.98 -2.06
N ALA A 43 33.53 9.18 -0.88
CA ALA A 43 34.19 10.43 -0.58
C ALA A 43 35.53 10.53 -1.29
N ASN A 44 35.95 11.76 -1.55
CA ASN A 44 37.23 12.04 -2.21
C ASN A 44 38.30 12.18 -1.14
N THR A 45 39.33 11.34 -1.22
CA THR A 45 40.41 11.33 -0.27
C THR A 45 41.58 12.14 -0.79
N THR A 46 42.69 12.13 -0.04
CA THR A 46 43.92 12.79 -0.45
C THR A 46 44.95 11.80 -1.00
N GLN A 47 44.55 10.56 -1.26
CA GLN A 47 45.48 9.60 -1.83
C GLN A 47 45.89 10.03 -3.23
N PRO A 48 47.18 9.94 -3.57
CA PRO A 48 47.64 10.42 -4.88
C PRO A 48 47.12 9.54 -6.01
N GLY A 49 46.36 10.16 -6.92
CA GLY A 49 45.84 9.46 -8.07
C GLY A 49 44.61 8.61 -7.84
N ILE A 50 43.94 8.78 -6.70
CA ILE A 50 42.77 7.99 -6.35
C ILE A 50 41.55 8.92 -6.34
N VAL A 51 40.50 8.53 -7.05
CA VAL A 51 39.29 9.32 -7.17
C VAL A 51 38.15 8.55 -6.51
N GLU A 52 37.48 9.19 -5.55
CA GLU A 52 36.32 8.62 -4.87
C GLU A 52 36.64 7.25 -4.26
N GLY A 53 37.80 7.17 -3.60
CA GLY A 53 38.16 5.95 -2.91
C GLY A 53 37.37 5.70 -1.64
N GLY A 54 36.79 6.73 -1.05
CA GLY A 54 36.05 6.59 0.18
C GLY A 54 36.93 6.71 1.41
N GLN A 55 36.28 7.03 2.53
CA GLN A 55 37.00 7.22 3.78
C GLN A 55 36.05 6.96 4.95
N VAL A 56 36.65 6.79 6.13
CA VAL A 56 35.92 6.62 7.37
C VAL A 56 36.27 7.79 8.27
N LEU A 57 35.24 8.48 8.77
CA LEU A 57 35.41 9.68 9.58
C LEU A 57 34.99 9.40 11.00
N LYS A 58 35.78 9.85 11.97
CA LYS A 58 35.41 9.82 13.37
C LYS A 58 34.86 11.19 13.76
N CYS A 59 33.69 11.20 14.39
CA CYS A 59 32.96 12.43 14.68
C CYS A 59 32.91 12.65 16.18
N ASP A 60 33.34 13.84 16.61
CA ASP A 60 33.28 14.20 18.02
C ASP A 60 31.86 14.56 18.41
N TRP A 61 31.36 13.93 19.48
CA TRP A 61 30.01 14.20 19.97
C TRP A 61 29.96 15.29 21.01
N SER A 62 31.06 15.50 21.75
CA SER A 62 31.03 16.43 22.88
C SER A 62 30.68 17.85 22.44
N SER A 63 31.31 18.32 21.37
CA SER A 63 31.07 19.69 20.93
C SER A 63 31.47 19.84 19.47
N THR A 64 30.92 20.89 18.84
CA THR A 64 31.25 21.35 17.50
C THR A 64 30.84 20.36 16.40
N ARG A 65 30.34 19.19 16.78
CA ARG A 65 29.81 18.19 15.83
C ARG A 65 30.80 17.92 14.69
N ARG A 66 32.09 18.01 14.98
CA ARG A 66 33.10 17.92 13.93
C ARG A 66 33.41 16.48 13.58
N CYS A 67 33.59 16.22 12.30
CA CYS A 67 33.97 14.91 11.78
C CYS A 67 35.31 15.02 11.08
N GLN A 68 36.26 14.18 11.49
CA GLN A 68 37.58 14.18 10.90
C GLN A 68 37.93 12.79 10.39
N PRO A 69 38.46 12.68 9.17
CA PRO A 69 38.75 11.36 8.61
C PRO A 69 39.86 10.64 9.36
N ILE A 70 39.78 9.31 9.34
CA ILE A 70 40.81 8.45 9.91
C ILE A 70 41.69 7.97 8.76
N GLU A 71 43.01 8.17 8.90
CA GLU A 71 43.95 7.85 7.81
C GLU A 71 44.35 6.38 7.91
N PHE A 72 43.42 5.51 7.50
CA PHE A 72 43.73 4.09 7.40
C PHE A 72 44.83 3.85 6.36
N ASP A 73 44.72 4.51 5.21
CA ASP A 73 45.69 4.36 4.13
C ASP A 73 45.90 5.72 3.47
N ALA A 74 47.15 6.18 3.44
CA ALA A 74 47.48 7.46 2.84
C ALA A 74 48.19 7.32 1.49
N THR A 75 48.65 6.13 1.14
CA THR A 75 49.35 5.92 -0.12
C THR A 75 48.37 5.51 -1.21
N GLY A 76 48.74 5.82 -2.45
CA GLY A 76 47.88 5.53 -3.58
C GLY A 76 47.97 4.09 -4.05
N ASN A 77 47.96 3.89 -5.37
CA ASN A 77 48.01 2.55 -5.92
C ASN A 77 49.46 2.05 -5.95
N ARG A 78 49.68 0.85 -5.41
CA ARG A 78 50.99 0.23 -5.51
C ARG A 78 51.22 -0.30 -6.92
N ASP A 79 52.49 -0.44 -7.27
CA ASP A 79 52.89 -0.87 -8.60
C ASP A 79 53.50 -2.26 -8.53
N TYR A 80 53.01 -3.17 -9.37
CA TYR A 80 53.60 -4.50 -9.46
C TYR A 80 54.92 -4.48 -10.21
N ALA A 81 55.08 -3.55 -11.15
CA ALA A 81 56.29 -3.41 -11.95
C ALA A 81 56.47 -1.93 -12.28
N LYS A 82 57.30 -1.64 -13.27
CA LYS A 82 57.55 -0.26 -13.68
C LYS A 82 56.24 0.42 -14.08
N ASP A 83 55.61 -0.09 -15.13
CA ASP A 83 54.28 0.37 -15.55
C ASP A 83 53.33 -0.82 -15.42
N ASP A 84 52.82 -1.02 -14.21
CA ASP A 84 51.96 -2.15 -13.89
C ASP A 84 51.31 -1.91 -12.53
N PRO A 85 50.20 -1.16 -12.48
CA PRO A 85 49.58 -0.89 -11.17
C PRO A 85 49.06 -2.17 -10.54
N LEU A 86 49.55 -2.44 -9.32
CA LEU A 86 49.18 -3.67 -8.62
C LEU A 86 47.74 -3.64 -8.12
N GLU A 87 47.25 -2.47 -7.71
CA GLU A 87 45.92 -2.35 -7.14
C GLU A 87 45.22 -1.13 -7.72
N PHE A 88 43.91 -1.08 -7.53
CA PHE A 88 43.06 -0.02 -8.06
C PHE A 88 42.14 0.45 -6.94
N LYS A 89 42.54 1.51 -6.25
CA LYS A 89 41.80 2.03 -5.11
C LYS A 89 40.76 3.08 -5.51
N SER A 90 40.66 3.43 -6.78
CA SER A 90 39.62 4.36 -7.22
C SER A 90 38.27 3.66 -7.23
N HIS A 91 37.28 4.30 -6.64
CA HIS A 91 35.93 3.75 -6.50
C HIS A 91 35.93 2.41 -5.78
N GLN A 92 36.82 2.27 -4.79
CA GLN A 92 36.92 1.04 -4.02
C GLN A 92 35.85 0.93 -2.95
N TRP A 93 35.08 1.98 -2.72
CA TRP A 93 33.98 1.99 -1.75
C TRP A 93 34.49 1.72 -0.34
N PHE A 94 35.62 2.32 0.02
CA PHE A 94 36.15 2.19 1.37
C PHE A 94 35.26 2.94 2.34
N GLY A 95 34.85 2.27 3.42
CA GLY A 95 33.90 2.82 4.35
C GLY A 95 32.48 2.32 4.19
N ALA A 96 32.24 1.38 3.27
CA ALA A 96 30.92 0.80 3.10
C ALA A 96 30.53 -0.12 4.26
N SER A 97 31.50 -0.59 5.04
CA SER A 97 31.25 -1.41 6.21
C SER A 97 32.25 -1.04 7.29
N VAL A 98 31.76 -0.50 8.40
CA VAL A 98 32.60 -0.06 9.50
C VAL A 98 32.18 -0.82 10.75
N ARG A 99 33.15 -1.44 11.42
CA ARG A 99 32.93 -2.12 12.69
C ARG A 99 34.01 -1.68 13.67
N SER A 100 33.65 -1.63 14.95
CA SER A 100 34.56 -1.16 15.97
C SER A 100 34.36 -1.93 17.27
N LYS A 101 35.45 -2.53 17.76
CA LYS A 101 35.51 -3.07 19.10
C LYS A 101 36.07 -2.00 20.04
N GLN A 102 36.51 -2.39 21.23
CA GLN A 102 37.02 -1.44 22.22
C GLN A 102 38.01 -0.45 21.60
N ASP A 103 39.14 -0.96 21.10
CA ASP A 103 40.14 -0.11 20.48
C ASP A 103 40.35 -0.41 19.00
N LYS A 104 39.80 -1.49 18.48
CA LYS A 104 40.00 -1.86 17.09
C LYS A 104 38.91 -1.25 16.21
N ILE A 105 39.32 -0.76 15.04
CA ILE A 105 38.39 -0.27 14.02
C ILE A 105 38.61 -1.10 12.77
N LEU A 106 37.52 -1.67 12.24
CA LEU A 106 37.58 -2.47 11.03
C LEU A 106 36.78 -1.75 9.95
N ALA A 107 37.48 -1.22 8.94
CA ALA A 107 36.87 -0.56 7.81
C ALA A 107 37.28 -1.31 6.54
N CYS A 108 36.32 -1.54 5.65
CA CYS A 108 36.54 -2.39 4.50
C CYS A 108 36.13 -1.67 3.21
N ALA A 109 36.74 -2.11 2.11
CA ALA A 109 36.48 -1.58 0.77
C ALA A 109 36.06 -2.74 -0.13
N PRO A 110 34.76 -3.06 -0.16
CA PRO A 110 34.32 -4.25 -0.90
C PRO A 110 34.64 -4.19 -2.38
N LEU A 111 34.58 -3.01 -2.99
CA LEU A 111 34.82 -2.86 -4.42
C LEU A 111 36.27 -2.58 -4.76
N TYR A 112 37.18 -2.80 -3.81
CA TYR A 112 38.60 -2.65 -4.07
C TYR A 112 39.07 -3.68 -5.08
N HIS A 113 39.75 -3.22 -6.12
CA HIS A 113 40.18 -4.07 -7.22
C HIS A 113 41.69 -4.31 -7.15
N TRP A 114 42.09 -5.49 -7.59
CA TRP A 114 43.47 -5.95 -7.46
C TRP A 114 43.94 -6.53 -8.78
N ARG A 115 45.18 -6.18 -9.15
CA ARG A 115 45.86 -6.87 -10.24
C ARG A 115 46.61 -8.06 -9.66
N THR A 116 46.21 -9.26 -10.03
CA THR A 116 46.73 -10.47 -9.42
C THR A 116 48.22 -10.63 -9.73
N GLU A 117 48.83 -11.64 -9.13
CA GLU A 117 50.26 -11.89 -9.29
C GLU A 117 50.58 -12.78 -10.49
N MET A 118 49.58 -13.13 -11.29
CA MET A 118 49.78 -13.99 -12.45
C MET A 118 49.60 -13.23 -13.75
N LYS A 119 48.45 -12.59 -13.95
CA LYS A 119 48.18 -11.85 -15.18
C LYS A 119 47.56 -10.51 -14.83
N GLN A 120 47.66 -9.57 -15.76
CA GLN A 120 47.08 -8.24 -15.60
C GLN A 120 45.56 -8.36 -15.59
N GLU A 121 44.96 -8.21 -14.41
CA GLU A 121 43.52 -8.34 -14.24
C GLU A 121 43.02 -7.21 -13.35
N ARG A 122 41.70 -7.17 -13.15
CA ARG A 122 41.05 -6.22 -12.24
C ARG A 122 39.96 -7.02 -11.51
N GLU A 123 40.31 -7.59 -10.37
CA GLU A 123 39.43 -8.48 -9.64
C GLU A 123 38.99 -7.82 -8.34
N PRO A 124 37.69 -7.62 -8.13
CA PRO A 124 37.23 -7.00 -6.89
C PRO A 124 37.35 -7.94 -5.70
N VAL A 125 38.58 -8.21 -5.25
CA VAL A 125 38.79 -9.08 -4.11
C VAL A 125 38.28 -8.45 -2.82
N GLY A 126 38.25 -7.12 -2.76
CA GLY A 126 37.88 -6.43 -1.54
C GLY A 126 39.03 -6.41 -0.54
N THR A 127 39.09 -5.37 0.29
CA THR A 127 40.16 -5.26 1.27
C THR A 127 39.61 -4.58 2.51
N CYS A 128 40.29 -4.82 3.64
CA CYS A 128 39.93 -4.22 4.91
C CYS A 128 41.18 -3.64 5.57
N PHE A 129 40.97 -2.62 6.39
CA PHE A 129 42.04 -2.01 7.16
C PHE A 129 41.67 -2.07 8.64
N LEU A 130 42.47 -2.79 9.42
CA LEU A 130 42.25 -2.94 10.85
C LEU A 130 43.19 -2.00 11.59
N GLN A 131 42.62 -1.10 12.38
CA GLN A 131 43.38 -0.12 13.14
C GLN A 131 43.22 -0.42 14.63
N ASP A 132 44.34 -0.61 15.32
CA ASP A 132 44.30 -0.88 16.75
C ASP A 132 44.78 0.34 17.53
N GLY A 133 44.38 1.53 17.09
CA GLY A 133 44.75 2.76 17.76
C GLY A 133 46.04 3.34 17.24
N THR A 134 47.14 2.58 17.36
CA THR A 134 48.45 3.03 16.94
C THR A 134 48.92 2.36 15.65
N LYS A 135 48.70 1.06 15.50
CA LYS A 135 49.17 0.30 14.34
C LYS A 135 47.98 0.02 13.43
N THR A 136 48.08 0.43 12.17
CA THR A 136 47.07 0.18 11.17
C THR A 136 47.61 -0.89 10.21
N VAL A 137 46.93 -2.04 10.16
CA VAL A 137 47.31 -3.13 9.27
C VAL A 137 46.24 -3.28 8.21
N GLU A 138 46.55 -4.08 7.19
CA GLU A 138 45.64 -4.33 6.08
C GLU A 138 45.23 -5.81 6.11
N TYR A 139 43.93 -6.05 6.07
CA TYR A 139 43.36 -7.39 6.12
C TYR A 139 42.64 -7.66 4.81
N ALA A 140 43.23 -8.50 3.96
CA ALA A 140 42.66 -8.87 2.67
C ALA A 140 42.63 -10.39 2.56
N PRO A 141 41.70 -11.04 3.26
CA PRO A 141 41.63 -12.51 3.19
C PRO A 141 41.34 -13.05 1.81
N CYS A 142 40.60 -12.32 0.98
CA CYS A 142 40.21 -12.78 -0.34
C CYS A 142 41.22 -12.38 -1.42
N ARG A 143 42.36 -11.82 -1.03
CA ARG A 143 43.45 -11.49 -1.96
C ARG A 143 44.43 -12.65 -2.11
N SER A 144 43.96 -13.88 -1.96
CA SER A 144 44.82 -15.05 -1.99
C SER A 144 45.21 -15.37 -3.44
N GLN A 145 45.92 -16.49 -3.62
CA GLN A 145 46.34 -16.93 -4.94
C GLN A 145 45.28 -17.74 -5.67
N ASP A 146 44.25 -18.21 -4.97
CA ASP A 146 43.07 -18.80 -5.62
C ASP A 146 42.26 -17.65 -6.18
N ILE A 147 42.68 -17.15 -7.35
CA ILE A 147 42.17 -15.90 -7.88
C ILE A 147 41.53 -16.22 -9.23
N ASP A 148 40.19 -16.12 -9.28
CA ASP A 148 39.40 -16.17 -10.51
C ASP A 148 37.95 -15.92 -10.09
N ALA A 149 37.02 -16.03 -11.04
CA ALA A 149 35.60 -16.02 -10.70
C ALA A 149 35.22 -17.28 -9.92
N ASP A 150 35.84 -18.42 -10.26
CA ASP A 150 35.58 -19.65 -9.53
C ASP A 150 36.42 -19.78 -8.27
N GLY A 151 37.31 -18.83 -8.00
CA GLY A 151 38.05 -18.75 -6.77
C GLY A 151 37.55 -17.63 -5.89
N GLN A 152 38.49 -16.89 -5.31
CA GLN A 152 38.17 -15.73 -4.47
C GLN A 152 38.46 -14.41 -5.17
N GLY A 153 38.57 -14.42 -6.50
CA GLY A 153 38.92 -13.22 -7.23
C GLY A 153 37.86 -12.15 -7.16
N PHE A 154 36.59 -12.53 -7.19
CA PHE A 154 35.48 -11.60 -7.12
C PHE A 154 34.79 -11.69 -5.77
N CYS A 155 35.53 -12.06 -4.72
CA CYS A 155 34.96 -12.27 -3.40
C CYS A 155 34.33 -10.99 -2.86
N GLN A 156 34.98 -9.85 -3.06
CA GLN A 156 34.55 -8.58 -2.50
C GLN A 156 34.48 -8.66 -0.98
N GLY A 157 35.60 -9.06 -0.37
CA GLY A 157 35.65 -9.20 1.07
C GLY A 157 35.40 -7.88 1.77
N GLY A 158 34.78 -7.96 2.93
CA GLY A 158 34.38 -6.77 3.65
C GLY A 158 33.03 -6.22 3.24
N PHE A 159 32.28 -6.94 2.40
CA PHE A 159 30.90 -6.56 2.11
C PHE A 159 30.09 -6.51 3.40
N SER A 160 30.30 -7.48 4.29
CA SER A 160 29.74 -7.47 5.63
C SER A 160 30.81 -7.95 6.60
N ILE A 161 30.92 -7.28 7.74
CA ILE A 161 31.93 -7.61 8.74
C ILE A 161 31.28 -7.57 10.12
N ASP A 162 31.92 -8.25 11.06
CA ASP A 162 31.44 -8.28 12.44
C ASP A 162 32.59 -8.66 13.36
N PHE A 163 32.37 -8.41 14.65
CA PHE A 163 33.32 -8.72 15.70
C PHE A 163 32.72 -9.73 16.66
N THR A 164 33.49 -10.76 17.00
CA THR A 164 33.06 -11.73 18.00
C THR A 164 33.60 -11.33 19.37
N LYS A 165 33.05 -11.98 20.41
CA LYS A 165 33.47 -11.67 21.78
C LYS A 165 34.91 -12.10 22.04
N ALA A 166 35.41 -13.10 21.30
CA ALA A 166 36.75 -13.64 21.51
C ALA A 166 37.79 -13.01 20.61
N ASP A 167 37.60 -11.75 20.21
CA ASP A 167 38.53 -11.03 19.36
C ASP A 167 38.77 -11.76 18.04
N ARG A 168 37.67 -12.00 17.33
CA ARG A 168 37.70 -12.58 16.00
C ARG A 168 36.92 -11.70 15.04
N VAL A 169 37.35 -11.68 13.79
CA VAL A 169 36.72 -10.87 12.75
C VAL A 169 36.00 -11.82 11.80
N LEU A 170 34.68 -11.67 11.72
CA LEU A 170 33.87 -12.41 10.76
C LEU A 170 33.70 -11.56 9.51
N LEU A 171 34.13 -12.07 8.38
CA LEU A 171 34.11 -11.34 7.11
C LEU A 171 33.27 -12.09 6.10
N GLY A 172 32.44 -11.36 5.37
CA GLY A 172 31.59 -11.95 4.36
C GLY A 172 31.83 -11.41 2.97
N GLY A 173 32.15 -12.29 2.03
CA GLY A 173 32.26 -11.92 0.64
C GLY A 173 31.31 -12.73 -0.22
N PRO A 174 30.28 -12.08 -0.76
CA PRO A 174 29.24 -12.79 -1.52
C PRO A 174 29.59 -13.10 -2.97
N GLY A 175 30.86 -12.95 -3.37
CA GLY A 175 31.22 -13.19 -4.75
C GLY A 175 32.05 -14.44 -4.97
N SER A 176 32.54 -15.04 -3.88
CA SER A 176 33.45 -16.17 -4.00
C SER A 176 32.80 -17.37 -4.68
N PHE A 177 33.59 -18.08 -5.48
CA PHE A 177 33.19 -19.33 -6.13
C PHE A 177 31.95 -19.12 -7.00
N TYR A 178 32.11 -18.23 -7.99
CA TYR A 178 31.02 -17.87 -8.89
C TYR A 178 29.80 -17.38 -8.12
N TRP A 179 30.04 -16.45 -7.20
CA TRP A 179 29.01 -15.76 -6.42
C TRP A 179 28.23 -16.68 -5.49
N GLN A 180 28.80 -17.84 -5.14
CA GLN A 180 28.23 -18.63 -4.05
C GLN A 180 28.31 -17.87 -2.74
N GLY A 181 29.43 -17.23 -2.49
CA GLY A 181 29.67 -16.52 -1.25
C GLY A 181 30.63 -17.28 -0.33
N GLN A 182 31.16 -16.55 0.64
CA GLN A 182 32.10 -17.14 1.58
C GLN A 182 32.07 -16.37 2.90
N LEU A 183 32.29 -17.09 3.98
CA LEU A 183 32.51 -16.52 5.30
C LEU A 183 33.95 -16.81 5.71
N ILE A 184 34.67 -15.78 6.14
CA ILE A 184 36.06 -15.93 6.56
C ILE A 184 36.20 -15.33 7.95
N SER A 185 36.74 -16.10 8.88
CA SER A 185 36.96 -15.67 10.25
C SER A 185 38.43 -15.74 10.58
N ASP A 186 38.94 -14.69 11.23
CA ASP A 186 40.34 -14.62 11.60
C ASP A 186 40.47 -13.98 12.97
N GLN A 187 41.50 -14.37 13.72
CA GLN A 187 41.80 -13.73 14.99
C GLN A 187 42.43 -12.37 14.75
N VAL A 188 42.01 -11.38 15.54
CA VAL A 188 42.54 -10.02 15.38
C VAL A 188 44.03 -10.00 15.66
N ALA A 189 44.48 -10.69 16.71
CA ALA A 189 45.90 -10.73 17.03
C ALA A 189 46.71 -11.34 15.90
N GLU A 190 46.19 -12.41 15.29
CA GLU A 190 46.87 -13.00 14.14
C GLU A 190 46.94 -12.03 12.97
N ILE A 191 45.87 -11.28 12.73
CA ILE A 191 45.86 -10.31 11.65
C ILE A 191 46.92 -9.24 11.88
N VAL A 192 47.01 -8.73 13.11
CA VAL A 192 47.99 -7.68 13.41
C VAL A 192 49.42 -8.24 13.31
N SER A 193 49.64 -9.44 13.85
CA SER A 193 50.99 -9.97 13.93
C SER A 193 51.51 -10.41 12.56
N LYS A 194 50.65 -11.01 11.74
CA LYS A 194 51.07 -11.58 10.47
C LYS A 194 51.14 -10.56 9.33
N TYR A 195 50.84 -9.30 9.60
CA TYR A 195 50.85 -8.30 8.55
C TYR A 195 52.27 -8.02 8.07
N ASP A 196 52.42 -7.87 6.76
CA ASP A 196 53.67 -7.46 6.13
C ASP A 196 53.35 -6.82 4.78
N PRO A 197 53.74 -5.56 4.58
CA PRO A 197 53.35 -4.86 3.34
C PRO A 197 53.86 -5.52 2.06
N ASN A 198 55.04 -6.13 2.11
CA ASN A 198 55.63 -6.70 0.89
C ASN A 198 54.81 -7.86 0.35
N VAL A 199 54.30 -8.72 1.23
CA VAL A 199 53.51 -9.87 0.82
C VAL A 199 52.05 -9.48 0.79
N TYR A 200 51.37 -9.78 -0.32
CA TYR A 200 49.97 -9.43 -0.50
C TYR A 200 49.03 -10.59 -0.22
N SER A 201 49.44 -11.81 -0.53
CA SER A 201 48.63 -13.00 -0.25
C SER A 201 49.07 -13.62 1.08
N ILE A 202 48.81 -12.87 2.14
CA ILE A 202 49.20 -13.30 3.48
C ILE A 202 48.31 -14.45 3.91
N LYS A 203 48.93 -15.53 4.39
CA LYS A 203 48.21 -16.71 4.87
C LYS A 203 48.17 -16.65 6.40
N TYR A 204 46.96 -16.62 6.96
CA TYR A 204 46.77 -16.48 8.40
C TYR A 204 46.44 -17.84 9.00
N ASN A 205 47.11 -18.17 10.09
CA ASN A 205 46.83 -19.41 10.82
C ASN A 205 45.53 -19.27 11.60
N ASN A 206 44.93 -20.41 11.93
CA ASN A 206 43.68 -20.49 12.69
C ASN A 206 42.57 -19.70 12.01
N GLN A 207 42.53 -19.73 10.68
CA GLN A 207 41.49 -19.03 9.93
C GLN A 207 40.36 -19.98 9.57
N LEU A 208 39.14 -19.59 9.91
CA LEU A 208 37.96 -20.37 9.59
C LEU A 208 37.30 -19.79 8.34
N ALA A 209 37.14 -20.63 7.33
CA ALA A 209 36.54 -20.21 6.07
C ALA A 209 35.61 -21.30 5.55
N THR A 210 34.57 -20.88 4.85
CA THR A 210 33.68 -21.80 4.17
C THR A 210 34.25 -22.14 2.81
N ARG A 211 34.20 -23.43 2.45
CA ARG A 211 34.77 -23.91 1.21
C ARG A 211 33.75 -23.80 0.07
N THR A 212 34.24 -24.04 -1.15
CA THR A 212 33.36 -24.00 -2.31
C THR A 212 32.40 -25.18 -2.27
N ALA A 213 31.25 -25.00 -2.90
CA ALA A 213 30.19 -26.00 -2.94
C ALA A 213 29.91 -26.39 -4.39
N GLN A 214 28.86 -27.18 -4.58
CA GLN A 214 28.47 -27.60 -5.91
C GLN A 214 27.99 -26.41 -6.75
N ALA A 215 28.02 -26.58 -8.07
CA ALA A 215 27.69 -25.49 -8.97
C ALA A 215 26.24 -25.06 -8.86
N ILE A 216 25.36 -25.91 -8.30
CA ILE A 216 23.96 -25.54 -8.12
C ILE A 216 23.76 -24.55 -6.98
N PHE A 217 24.82 -24.21 -6.25
CA PHE A 217 24.78 -23.20 -5.20
C PHE A 217 25.29 -21.85 -5.66
N ASP A 218 25.58 -21.70 -6.95
CA ASP A 218 26.12 -20.45 -7.48
C ASP A 218 25.11 -19.33 -7.36
N ASP A 219 25.63 -18.10 -7.27
CA ASP A 219 24.81 -16.89 -7.17
C ASP A 219 23.87 -16.95 -5.97
N SER A 220 24.38 -17.44 -4.84
CA SER A 220 23.62 -17.46 -3.60
C SER A 220 23.90 -16.25 -2.72
N TYR A 221 25.09 -15.65 -2.86
CA TYR A 221 25.47 -14.43 -2.13
C TYR A 221 25.60 -14.68 -0.63
N LEU A 222 26.31 -15.75 -0.26
CA LEU A 222 26.62 -15.99 1.14
C LEU A 222 27.62 -14.94 1.62
N GLY A 223 27.36 -14.36 2.78
CA GLY A 223 28.15 -13.25 3.25
C GLY A 223 27.62 -11.89 2.88
N TYR A 224 26.42 -11.84 2.29
CA TYR A 224 25.76 -10.55 2.03
C TYR A 224 25.55 -9.79 3.32
N SER A 225 25.08 -10.48 4.36
CA SER A 225 24.97 -9.94 5.70
C SER A 225 25.54 -10.95 6.68
N VAL A 226 26.15 -10.45 7.76
CA VAL A 226 26.74 -11.30 8.77
C VAL A 226 26.25 -10.86 10.14
N ALA A 227 26.25 -11.80 11.08
CA ALA A 227 25.93 -11.54 12.48
C ALA A 227 26.62 -12.57 13.34
N VAL A 228 26.80 -12.25 14.62
CA VAL A 228 27.49 -13.11 15.55
C VAL A 228 26.60 -13.32 16.77
N GLY A 229 26.52 -14.56 17.24
CA GLY A 229 25.79 -14.90 18.44
C GLY A 229 26.07 -16.34 18.80
N ASP A 230 25.66 -16.72 20.00
CA ASP A 230 25.89 -18.07 20.50
C ASP A 230 24.62 -18.89 20.33
N PHE A 231 24.75 -20.04 19.65
CA PHE A 231 23.60 -20.87 19.33
C PHE A 231 23.85 -22.34 19.67
N ASN A 232 24.82 -22.63 20.52
CA ASN A 232 25.02 -23.96 21.07
C ASN A 232 25.50 -23.81 22.51
N GLY A 233 26.01 -24.91 23.08
CA GLY A 233 26.26 -24.95 24.51
C GLY A 233 27.36 -24.00 24.97
N ASP A 234 28.47 -23.94 24.23
CA ASP A 234 29.64 -23.20 24.69
C ASP A 234 29.38 -21.71 24.60
N GLY A 235 30.37 -20.91 24.96
CA GLY A 235 30.27 -19.47 24.94
C GLY A 235 30.79 -18.78 23.71
N ILE A 236 31.36 -19.53 22.76
CA ILE A 236 31.90 -18.93 21.55
C ILE A 236 30.77 -18.37 20.69
N ASP A 237 31.08 -17.35 19.90
CA ASP A 237 30.09 -16.73 19.02
C ASP A 237 30.02 -17.48 17.70
N ASP A 238 28.82 -17.91 17.33
CA ASP A 238 28.58 -18.55 16.05
C ASP A 238 28.31 -17.52 14.98
N PHE A 239 28.36 -17.95 13.73
CA PHE A 239 28.33 -17.06 12.58
C PHE A 239 26.98 -17.16 11.88
N VAL A 240 26.19 -16.08 11.97
CA VAL A 240 24.92 -15.96 11.27
C VAL A 240 25.16 -15.17 10.00
N SER A 241 24.79 -15.75 8.86
CA SER A 241 24.99 -15.10 7.56
C SER A 241 23.72 -15.19 6.74
N GLY A 242 23.37 -14.07 6.10
CA GLY A 242 22.26 -14.07 5.18
C GLY A 242 22.69 -14.48 3.78
N VAL A 243 21.89 -15.33 3.15
CA VAL A 243 22.15 -15.84 1.82
C VAL A 243 20.93 -15.50 0.97
N PRO A 244 20.77 -14.25 0.55
CA PRO A 244 19.46 -13.79 0.06
C PRO A 244 19.02 -14.38 -1.27
N ARG A 245 19.92 -14.99 -2.05
CA ARG A 245 19.56 -15.56 -3.33
C ARG A 245 19.54 -17.09 -3.31
N ALA A 246 19.65 -17.71 -2.14
CA ALA A 246 19.73 -19.15 -2.06
C ALA A 246 18.34 -19.77 -2.22
N ALA A 247 18.34 -21.09 -2.42
CA ALA A 247 17.12 -21.90 -2.54
C ALA A 247 16.21 -21.35 -3.64
N ARG A 248 16.80 -21.15 -4.82
CA ARG A 248 16.09 -20.58 -5.97
C ARG A 248 15.51 -19.21 -5.62
N THR A 249 16.41 -18.30 -5.26
CA THR A 249 16.12 -16.91 -4.88
C THR A 249 15.09 -16.80 -3.77
N LEU A 250 14.80 -17.91 -3.07
CA LEU A 250 13.90 -17.84 -1.92
C LEU A 250 14.55 -17.09 -0.77
N GLY A 251 15.86 -17.21 -0.61
CA GLY A 251 16.57 -16.61 0.49
C GLY A 251 16.80 -17.61 1.61
N MET A 252 18.00 -17.60 2.18
CA MET A 252 18.35 -18.50 3.27
C MET A 252 19.26 -17.77 4.25
N VAL A 253 19.31 -18.30 5.46
CA VAL A 253 20.23 -17.83 6.49
C VAL A 253 21.00 -19.02 7.01
N TYR A 254 22.32 -18.98 6.90
CA TYR A 254 23.19 -20.04 7.38
C TYR A 254 23.76 -19.66 8.73
N ILE A 255 23.65 -20.56 9.70
CA ILE A 255 24.30 -20.41 10.99
C ILE A 255 25.42 -21.42 11.07
N TYR A 256 26.65 -20.93 11.24
CA TYR A 256 27.83 -21.75 11.27
C TYR A 256 28.42 -21.78 12.68
N ASP A 257 29.04 -22.91 13.02
CA ASP A 257 29.74 -23.01 14.29
C ASP A 257 30.87 -21.99 14.34
N GLY A 258 30.98 -21.29 15.46
CA GLY A 258 32.05 -20.32 15.62
C GLY A 258 33.39 -20.90 15.97
N LYS A 259 33.46 -22.21 16.17
CA LYS A 259 34.69 -22.89 16.54
C LYS A 259 35.40 -23.54 15.36
N ASN A 260 34.66 -24.17 14.44
CA ASN A 260 35.28 -24.78 13.28
C ASN A 260 34.48 -24.57 11.99
N MET A 261 33.64 -23.53 11.94
CA MET A 261 32.87 -23.18 10.74
C MET A 261 32.04 -24.35 10.25
N SER A 262 31.38 -25.04 11.18
CA SER A 262 30.50 -26.15 10.85
C SER A 262 29.05 -25.69 10.83
N SER A 263 28.29 -26.16 9.86
CA SER A 263 26.89 -25.76 9.72
C SER A 263 26.09 -26.19 10.94
N LEU A 264 25.27 -25.26 11.44
CA LEU A 264 24.50 -25.49 12.66
C LEU A 264 23.01 -25.55 12.40
N TYR A 265 22.44 -24.51 11.79
CA TYR A 265 21.00 -24.44 11.60
C TYR A 265 20.72 -23.60 10.36
N ASN A 266 19.52 -23.76 9.81
CA ASN A 266 19.16 -23.10 8.56
C ASN A 266 17.81 -22.43 8.67
N PHE A 267 17.68 -21.28 8.03
CA PHE A 267 16.41 -20.61 7.83
C PHE A 267 16.16 -20.48 6.32
N THR A 268 14.90 -20.58 5.94
CA THR A 268 14.52 -20.51 4.53
C THR A 268 13.32 -19.57 4.38
N GLY A 269 13.34 -18.78 3.30
CA GLY A 269 12.24 -17.88 3.04
C GLY A 269 11.03 -18.59 2.48
N GLU A 270 9.89 -17.90 2.54
CA GLU A 270 8.64 -18.45 2.04
C GLU A 270 8.21 -17.84 0.71
N GLN A 271 8.84 -16.76 0.28
CA GLN A 271 8.51 -16.09 -0.97
C GLN A 271 9.77 -15.84 -1.77
N MET A 272 9.64 -15.91 -3.09
CA MET A 272 10.77 -15.74 -3.98
C MET A 272 11.02 -14.27 -4.27
N ALA A 273 12.29 -13.93 -4.48
CA ALA A 273 12.75 -12.57 -4.77
C ALA A 273 12.43 -11.59 -3.63
N ALA A 274 12.18 -12.10 -2.43
CA ALA A 274 11.94 -11.25 -1.27
C ALA A 274 13.22 -10.85 -0.56
N TYR A 275 14.37 -11.42 -0.94
CA TYR A 275 15.65 -11.17 -0.30
C TYR A 275 15.61 -11.50 1.19
N PHE A 276 15.33 -12.77 1.47
CA PHE A 276 15.43 -13.30 2.82
C PHE A 276 16.90 -13.46 3.17
N GLY A 277 17.41 -12.58 4.02
CA GLY A 277 18.82 -12.53 4.35
C GLY A 277 19.51 -11.23 4.01
N PHE A 278 18.76 -10.20 3.59
CA PHE A 278 19.36 -8.91 3.31
C PHE A 278 19.98 -8.31 4.56
N SER A 279 19.31 -8.45 5.71
CA SER A 279 19.85 -8.03 6.99
C SER A 279 19.60 -9.12 8.01
N VAL A 280 20.60 -9.39 8.84
CA VAL A 280 20.49 -10.38 9.92
C VAL A 280 20.96 -9.73 11.21
N ALA A 281 20.22 -9.96 12.28
CA ALA A 281 20.57 -9.47 13.60
C ALA A 281 20.49 -10.61 14.60
N ALA A 282 21.39 -10.58 15.59
CA ALA A 282 21.44 -11.60 16.63
C ALA A 282 21.50 -10.90 17.98
N THR A 283 20.42 -11.04 18.75
CA THR A 283 20.36 -10.48 20.09
C THR A 283 19.27 -11.20 20.87
N ASP A 284 19.42 -11.21 22.20
CA ASP A 284 18.45 -11.83 23.08
C ASP A 284 17.32 -10.85 23.33
N ILE A 285 16.13 -11.15 22.83
CA ILE A 285 15.02 -10.21 22.89
C ILE A 285 14.06 -10.48 24.06
N ASN A 286 14.10 -11.67 24.65
CA ASN A 286 13.25 -11.99 25.80
C ASN A 286 14.05 -12.15 27.09
N GLY A 287 15.34 -11.84 27.07
CA GLY A 287 16.13 -11.82 28.31
C GLY A 287 16.29 -13.14 29.01
N ASP A 288 16.54 -14.22 28.26
CA ASP A 288 16.84 -15.52 28.87
C ASP A 288 18.20 -16.05 28.41
N ASP A 289 19.09 -15.17 27.97
CA ASP A 289 20.48 -15.49 27.63
C ASP A 289 20.61 -16.44 26.45
N TYR A 290 19.60 -16.51 25.59
CA TYR A 290 19.69 -17.25 24.33
C TYR A 290 19.47 -16.26 23.20
N ALA A 291 20.47 -16.15 22.32
CA ALA A 291 20.41 -15.16 21.24
C ALA A 291 19.35 -15.54 20.22
N ASP A 292 18.59 -14.54 19.78
CA ASP A 292 17.56 -14.72 18.77
C ASP A 292 18.02 -14.17 17.44
N VAL A 293 17.43 -14.68 16.36
CA VAL A 293 17.80 -14.32 14.99
C VAL A 293 16.69 -13.49 14.38
N PHE A 294 17.06 -12.32 13.85
CA PHE A 294 16.13 -11.44 13.16
C PHE A 294 16.58 -11.33 11.71
N ILE A 295 15.72 -11.74 10.79
CA ILE A 295 16.03 -11.79 9.36
C ILE A 295 15.07 -10.87 8.64
N GLY A 296 15.62 -9.94 7.86
CA GLY A 296 14.83 -8.99 7.10
C GLY A 296 14.63 -9.44 5.67
N ALA A 297 13.41 -9.29 5.17
CA ALA A 297 13.06 -9.55 3.78
C ALA A 297 12.37 -8.31 3.25
N PRO A 298 13.14 -7.28 2.88
CA PRO A 298 12.53 -5.98 2.53
C PRO A 298 11.66 -6.02 1.29
N LEU A 299 11.79 -7.03 0.43
CA LEU A 299 11.03 -7.11 -0.81
C LEU A 299 9.84 -8.06 -0.70
N PHE A 300 9.49 -8.50 0.51
CA PHE A 300 8.41 -9.46 0.67
C PHE A 300 7.08 -8.83 0.28
N MET A 301 6.26 -9.61 -0.44
CA MET A 301 4.95 -9.18 -0.90
C MET A 301 3.89 -10.01 -0.19
N ASP A 302 3.01 -9.34 0.54
CA ASP A 302 1.91 -9.98 1.25
C ASP A 302 0.59 -9.63 0.57
N ARG A 303 -0.46 -10.34 0.98
CA ARG A 303 -1.79 -10.13 0.44
C ARG A 303 -2.45 -8.94 1.14
N GLY A 304 -2.94 -7.99 0.34
CA GLY A 304 -3.59 -6.82 0.86
C GLY A 304 -5.05 -7.05 1.19
N SER A 305 -5.75 -5.94 1.43
CA SER A 305 -7.18 -6.03 1.76
C SER A 305 -7.99 -6.56 0.58
N ASP A 306 -7.54 -6.30 -0.65
CA ASP A 306 -8.23 -6.75 -1.85
C ASP A 306 -7.63 -8.02 -2.44
N GLY A 307 -6.73 -8.68 -1.73
CA GLY A 307 -6.14 -9.92 -2.20
C GLY A 307 -5.00 -9.76 -3.19
N LYS A 308 -4.48 -8.56 -3.38
CA LYS A 308 -3.39 -8.30 -4.31
C LYS A 308 -2.07 -8.24 -3.55
N LEU A 309 -1.03 -8.82 -4.14
CA LEU A 309 0.29 -8.79 -3.52
C LEU A 309 0.84 -7.37 -3.49
N GLN A 310 1.29 -6.94 -2.31
CA GLN A 310 1.86 -5.61 -2.13
C GLN A 310 3.20 -5.74 -1.44
N GLU A 311 4.22 -5.08 -1.99
CA GLU A 311 5.58 -5.18 -1.46
C GLU A 311 5.70 -4.27 -0.24
N VAL A 312 5.64 -4.88 0.94
CA VAL A 312 5.74 -4.14 2.19
C VAL A 312 6.99 -4.49 2.99
N GLY A 313 7.62 -5.63 2.72
CA GLY A 313 8.75 -6.08 3.51
C GLY A 313 8.31 -6.87 4.73
N GLN A 314 9.24 -7.68 5.24
CA GLN A 314 8.94 -8.52 6.39
C GLN A 314 10.22 -8.80 7.16
N VAL A 315 10.07 -8.96 8.48
CA VAL A 315 11.15 -9.37 9.36
C VAL A 315 10.71 -10.62 10.10
N SER A 316 11.55 -11.65 10.08
CA SER A 316 11.28 -12.92 10.75
C SER A 316 12.03 -12.95 12.07
N VAL A 317 11.32 -13.19 13.16
CA VAL A 317 11.89 -13.23 14.50
C VAL A 317 11.86 -14.67 14.98
N SER A 318 13.04 -15.25 15.17
CA SER A 318 13.18 -16.63 15.62
C SER A 318 13.80 -16.63 17.02
N LEU A 319 13.07 -17.19 17.99
CA LEU A 319 13.49 -17.21 19.38
C LEU A 319 14.20 -18.53 19.65
N GLN A 320 15.42 -18.46 20.18
CA GLN A 320 16.19 -19.65 20.49
C GLN A 320 15.71 -20.26 21.80
N ARG A 321 15.62 -21.59 21.82
CA ARG A 321 15.14 -22.33 22.98
C ARG A 321 16.30 -23.08 23.63
N ALA A 322 15.97 -23.87 24.65
CA ALA A 322 17.00 -24.64 25.34
C ALA A 322 17.68 -25.63 24.40
N SER A 323 16.90 -26.30 23.55
CA SER A 323 17.43 -27.16 22.51
C SER A 323 17.68 -26.31 21.25
N GLY A 324 17.89 -26.98 20.12
CA GLY A 324 18.10 -26.27 18.87
C GLY A 324 16.84 -25.71 18.23
N ASP A 325 15.69 -25.84 18.89
CA ASP A 325 14.45 -25.35 18.34
C ASP A 325 14.44 -23.83 18.26
N PHE A 326 13.68 -23.31 17.29
CA PHE A 326 13.50 -21.87 17.11
C PHE A 326 12.01 -21.59 16.96
N GLN A 327 11.53 -20.59 17.69
CA GLN A 327 10.14 -20.16 17.62
C GLN A 327 10.07 -18.95 16.71
N THR A 328 9.54 -19.14 15.50
CA THR A 328 9.60 -18.14 14.45
C THR A 328 8.26 -17.44 14.29
N THR A 329 8.29 -16.10 14.32
CA THR A 329 7.15 -15.25 14.02
C THR A 329 7.54 -14.28 12.92
N LYS A 330 6.56 -13.56 12.38
CA LYS A 330 6.77 -12.67 11.27
C LYS A 330 6.29 -11.26 11.60
N LEU A 331 7.01 -10.27 11.07
CA LEU A 331 6.69 -8.86 11.25
C LEU A 331 6.59 -8.21 9.87
N ASN A 332 5.37 -7.99 9.41
CA ASN A 332 5.15 -7.43 8.08
C ASN A 332 5.31 -5.91 8.09
N GLY A 333 5.63 -5.37 6.93
CA GLY A 333 5.78 -3.94 6.80
C GLY A 333 4.46 -3.20 6.82
N PHE A 334 4.56 -1.88 6.94
CA PHE A 334 3.39 -1.02 7.07
C PHE A 334 3.08 -0.20 5.83
N GLU A 335 4.07 0.06 4.97
CA GLU A 335 3.88 0.86 3.77
C GLU A 335 4.41 0.12 2.56
N VAL A 336 3.72 0.26 1.43
CA VAL A 336 4.12 -0.41 0.21
C VAL A 336 5.37 0.25 -0.35
N PHE A 337 6.29 -0.59 -0.85
CA PHE A 337 7.56 -0.17 -1.45
C PHE A 337 8.45 0.57 -0.47
N ALA A 338 8.32 0.27 0.83
CA ALA A 338 9.14 0.92 1.85
C ALA A 338 10.37 0.12 2.22
N ARG A 339 10.42 -1.17 1.86
CA ARG A 339 11.55 -2.05 2.19
C ARG A 339 11.78 -2.11 3.70
N PHE A 340 10.78 -2.70 4.37
CA PHE A 340 10.72 -2.71 5.83
C PHE A 340 11.92 -3.40 6.44
N GLY A 341 12.31 -4.56 5.91
CA GLY A 341 13.37 -5.34 6.52
C GLY A 341 14.77 -5.00 6.05
N SER A 342 14.99 -3.74 5.65
CA SER A 342 16.28 -3.35 5.10
C SER A 342 17.37 -3.38 6.17
N ALA A 343 17.13 -2.75 7.31
CA ALA A 343 18.11 -2.68 8.37
C ALA A 343 17.49 -3.07 9.69
N ILE A 344 18.17 -3.94 10.43
CA ILE A 344 17.77 -4.35 11.77
C ILE A 344 18.93 -4.08 12.70
N ALA A 345 18.73 -3.19 13.68
CA ALA A 345 19.78 -2.79 14.60
C ALA A 345 19.38 -3.08 16.03
N PRO A 346 20.03 -4.03 16.70
CA PRO A 346 19.78 -4.21 18.14
C PRO A 346 20.08 -2.94 18.91
N LEU A 347 19.21 -2.60 19.85
CA LEU A 347 19.33 -1.38 20.64
C LEU A 347 19.75 -1.64 22.07
N GLY A 348 19.95 -2.90 22.45
CA GLY A 348 20.13 -3.19 23.86
C GLY A 348 18.84 -2.95 24.61
N ASP A 349 18.97 -2.67 25.91
CA ASP A 349 17.80 -2.33 26.73
C ASP A 349 17.63 -0.83 26.66
N LEU A 350 16.86 -0.37 25.68
CA LEU A 350 16.73 1.07 25.42
C LEU A 350 16.04 1.78 26.57
N ASP A 351 15.08 1.12 27.23
CA ASP A 351 14.37 1.70 28.36
C ASP A 351 14.76 1.08 29.69
N GLN A 352 15.79 0.23 29.71
CA GLN A 352 16.29 -0.39 30.93
C GLN A 352 15.19 -1.14 31.67
N ASP A 353 14.35 -1.85 30.92
CA ASP A 353 13.25 -2.62 31.48
C ASP A 353 13.71 -4.01 31.87
N GLY A 354 14.52 -4.67 31.03
CA GLY A 354 15.00 -6.00 31.33
C GLY A 354 15.13 -6.87 30.11
N PHE A 355 14.51 -6.45 29.00
CA PHE A 355 14.57 -7.17 27.74
C PHE A 355 15.12 -6.25 26.67
N ASN A 356 16.05 -6.76 25.87
CA ASN A 356 16.66 -5.95 24.82
C ASN A 356 15.65 -5.61 23.74
N ASP A 357 15.87 -4.48 23.09
CA ASP A 357 15.00 -4.00 22.03
C ASP A 357 15.75 -4.04 20.70
N ILE A 358 15.04 -3.69 19.63
CA ILE A 358 15.59 -3.73 18.29
C ILE A 358 14.92 -2.65 17.44
N ALA A 359 15.65 -2.16 16.45
CA ALA A 359 15.17 -1.13 15.54
C ALA A 359 15.13 -1.69 14.12
N ILE A 360 14.00 -1.51 13.45
CA ILE A 360 13.82 -1.94 12.06
C ILE A 360 13.42 -0.72 11.25
N ALA A 361 14.12 -0.51 10.13
CA ALA A 361 13.97 0.71 9.34
C ALA A 361 13.47 0.38 7.94
N ALA A 362 12.50 1.17 7.48
CA ALA A 362 12.07 1.18 6.09
C ALA A 362 12.59 2.45 5.43
N PRO A 363 13.77 2.39 4.80
CA PRO A 363 14.43 3.63 4.35
C PRO A 363 13.70 4.38 3.25
N TYR A 364 12.67 3.78 2.63
CA TYR A 364 11.90 4.44 1.59
C TYR A 364 10.44 4.60 1.99
N GLY A 365 10.16 4.62 3.29
CA GLY A 365 8.81 4.81 3.78
C GLY A 365 8.55 6.25 4.18
N GLY A 366 7.42 6.46 4.84
CA GLY A 366 7.05 7.77 5.31
C GLY A 366 6.61 8.70 4.18
N GLU A 367 6.39 9.95 4.56
CA GLU A 367 6.01 10.97 3.58
C GLU A 367 7.23 11.37 2.75
N ASP A 368 6.99 11.59 1.46
CA ASP A 368 8.03 11.99 0.49
C ASP A 368 9.13 10.95 0.36
N LYS A 369 8.87 9.70 0.79
CA LYS A 369 9.82 8.60 0.70
C LYS A 369 11.14 8.93 1.39
N LYS A 370 11.07 9.68 2.49
CA LYS A 370 12.30 10.12 3.16
C LYS A 370 12.96 8.98 3.92
N GLY A 371 12.17 8.15 4.60
CA GLY A 371 12.71 7.06 5.39
C GLY A 371 12.07 7.04 6.76
N ILE A 372 11.94 5.85 7.32
CA ILE A 372 11.28 5.66 8.61
C ILE A 372 11.99 4.55 9.37
N VAL A 373 12.03 4.67 10.70
CA VAL A 373 12.65 3.69 11.57
C VAL A 373 11.63 3.28 12.63
N TYR A 374 11.49 1.98 12.84
CA TYR A 374 10.56 1.43 13.82
C TYR A 374 11.34 0.85 14.99
N ILE A 375 10.87 1.18 16.19
CA ILE A 375 11.50 0.67 17.41
C ILE A 375 10.55 -0.32 18.07
N PHE A 376 11.02 -1.53 18.28
CA PHE A 376 10.22 -2.59 18.89
C PHE A 376 10.87 -2.98 20.21
N ASN A 377 10.06 -3.07 21.27
CA ASN A 377 10.55 -3.40 22.60
C ASN A 377 10.37 -4.88 22.86
N GLY A 378 11.43 -5.53 23.32
CA GLY A 378 11.36 -6.94 23.62
C GLY A 378 10.56 -7.21 24.89
N ARG A 379 9.86 -8.34 24.89
CA ARG A 379 9.07 -8.77 26.03
C ARG A 379 9.50 -10.18 26.42
N SER A 380 8.95 -10.66 27.54
CA SER A 380 9.32 -11.99 28.03
C SER A 380 8.89 -13.08 27.06
N THR A 381 7.82 -12.85 26.29
CA THR A 381 7.34 -13.82 25.31
C THR A 381 7.93 -13.59 23.93
N GLY A 382 8.79 -12.59 23.76
CA GLY A 382 9.37 -12.30 22.47
C GLY A 382 9.46 -10.82 22.17
N LEU A 383 8.87 -10.40 21.05
CA LEU A 383 8.90 -9.03 20.59
C LEU A 383 7.49 -8.48 20.48
N ASN A 384 7.30 -7.25 20.90
CA ASN A 384 6.01 -6.58 20.76
C ASN A 384 5.80 -6.22 19.28
N ALA A 385 4.70 -6.71 18.70
CA ALA A 385 4.45 -6.52 17.28
C ALA A 385 4.09 -5.08 16.92
N VAL A 386 3.77 -4.24 17.90
CA VAL A 386 3.40 -2.85 17.68
C VAL A 386 4.59 -1.98 18.06
N PRO A 387 5.18 -1.22 17.13
CA PRO A 387 6.32 -0.37 17.49
C PRO A 387 5.90 0.73 18.46
N SER A 388 6.82 1.07 19.36
CA SER A 388 6.55 2.07 20.38
C SER A 388 6.97 3.48 19.98
N GLN A 389 7.83 3.61 18.97
CA GLN A 389 8.27 4.93 18.54
C GLN A 389 8.50 4.90 17.03
N ILE A 390 8.40 6.07 16.42
CA ILE A 390 8.54 6.24 14.98
C ILE A 390 9.54 7.36 14.74
N LEU A 391 10.64 7.04 14.05
CA LEU A 391 11.63 8.05 13.65
C LEU A 391 11.47 8.31 12.15
N GLU A 392 11.31 9.58 11.79
CA GLU A 392 11.06 9.98 10.42
C GLU A 392 12.24 10.76 9.87
N GLY A 393 12.55 10.55 8.59
CA GLY A 393 13.54 11.36 7.92
C GLY A 393 13.05 12.79 7.77
N GLN A 394 13.98 13.73 7.87
CA GLN A 394 13.66 15.16 7.79
C GLN A 394 14.42 15.87 6.68
N TRP A 395 14.95 15.12 5.71
CA TRP A 395 15.70 15.70 4.61
C TRP A 395 15.15 15.17 3.30
N ALA A 396 14.87 16.08 2.37
CA ALA A 396 14.32 15.70 1.08
C ALA A 396 15.41 15.18 0.16
N ALA A 397 14.99 14.41 -0.84
CA ALA A 397 15.93 13.84 -1.79
C ALA A 397 16.54 14.92 -2.67
N ARG A 398 17.86 14.81 -2.89
CA ARG A 398 18.56 15.73 -3.77
C ARG A 398 18.64 15.17 -5.19
N SER A 399 19.27 13.99 -5.34
CA SER A 399 19.31 13.30 -6.61
C SER A 399 18.88 11.86 -6.42
N MET A 400 19.10 11.33 -5.23
CA MET A 400 18.80 9.96 -4.85
C MET A 400 17.99 9.98 -3.56
N PRO A 401 17.22 8.92 -3.29
CA PRO A 401 16.41 8.89 -2.07
C PRO A 401 17.28 9.05 -0.83
N PRO A 402 16.79 9.77 0.19
CA PRO A 402 17.63 10.00 1.38
C PRO A 402 18.04 8.72 2.08
N SER A 403 17.24 7.66 1.99
CA SER A 403 17.56 6.36 2.58
C SER A 403 17.81 6.46 4.07
N PHE A 404 16.99 7.26 4.75
CA PHE A 404 17.08 7.37 6.20
C PHE A 404 16.73 6.02 6.84
N GLY A 405 17.68 5.43 7.54
CA GLY A 405 17.52 4.11 8.10
C GLY A 405 18.18 2.99 7.32
N TYR A 406 18.88 3.32 6.22
CA TYR A 406 19.60 2.29 5.48
C TYR A 406 20.69 1.64 6.33
N SER A 407 21.24 2.38 7.29
CA SER A 407 22.20 1.86 8.23
C SER A 407 21.93 2.44 9.60
N MET A 408 21.87 1.59 10.62
CA MET A 408 21.70 2.02 11.99
C MET A 408 22.65 1.28 12.91
N LYS A 409 23.06 1.94 13.98
CA LYS A 409 23.91 1.36 15.01
C LYS A 409 23.41 1.81 16.37
N GLY A 410 23.36 0.89 17.33
CA GLY A 410 22.91 1.23 18.66
C GLY A 410 23.62 0.48 19.76
N ALA A 411 22.93 0.30 20.89
CA ALA A 411 23.41 -0.48 22.04
C ALA A 411 24.66 0.11 22.67
N THR A 412 24.92 1.41 22.50
CA THR A 412 26.05 2.07 23.11
C THR A 412 25.58 3.35 23.79
N ASP A 413 25.95 3.52 25.05
CA ASP A 413 25.60 4.71 25.83
C ASP A 413 26.68 5.75 25.61
N ILE A 414 26.38 6.73 24.75
CA ILE A 414 27.39 7.71 24.37
C ILE A 414 27.44 8.90 25.32
N ASP A 415 26.38 9.17 26.07
CA ASP A 415 26.36 10.31 26.99
C ASP A 415 26.44 9.90 28.46
N LYS A 416 26.72 8.62 28.74
CA LYS A 416 26.87 8.12 30.11
C LYS A 416 25.65 8.39 30.98
N ASN A 417 24.46 8.38 30.38
CA ASN A 417 23.23 8.56 31.13
C ASN A 417 22.56 7.24 31.49
N GLY A 418 23.14 6.11 31.11
CA GLY A 418 22.62 4.81 31.48
C GLY A 418 21.81 4.12 30.40
N TYR A 419 21.46 4.81 29.32
CA TYR A 419 20.61 4.24 28.30
C TYR A 419 21.34 4.21 26.96
N PRO A 420 21.14 3.18 26.14
CA PRO A 420 21.84 3.09 24.86
C PRO A 420 21.32 4.10 23.85
N ASP A 421 22.20 4.50 22.94
CA ASP A 421 21.89 5.47 21.90
C ASP A 421 21.65 4.76 20.58
N LEU A 422 21.46 5.54 19.52
CA LEU A 422 21.21 5.00 18.19
C LEU A 422 21.64 6.01 17.14
N ILE A 423 22.54 5.60 16.25
CA ILE A 423 22.93 6.40 15.10
C ILE A 423 22.18 5.90 13.89
N VAL A 424 21.59 6.83 13.13
CA VAL A 424 20.91 6.52 11.88
C VAL A 424 21.61 7.28 10.77
N GLY A 425 21.95 6.58 9.69
CA GLY A 425 22.66 7.17 8.57
C GLY A 425 21.76 7.28 7.35
N ALA A 426 21.66 8.50 6.82
CA ALA A 426 20.91 8.79 5.60
C ALA A 426 21.94 9.18 4.55
N PHE A 427 22.48 8.18 3.85
CA PHE A 427 23.55 8.45 2.88
C PHE A 427 23.03 9.11 1.62
N GLY A 428 21.73 9.09 1.38
CA GLY A 428 21.18 9.79 0.23
C GLY A 428 21.40 11.29 0.33
N VAL A 429 21.26 11.84 1.52
CA VAL A 429 21.54 13.25 1.79
C VAL A 429 22.88 13.45 2.46
N ASP A 430 23.68 12.38 2.61
CA ASP A 430 24.98 12.42 3.27
C ASP A 430 24.87 12.96 4.68
N ARG A 431 24.08 12.26 5.50
CA ARG A 431 23.81 12.67 6.87
C ARG A 431 23.91 11.47 7.80
N ALA A 432 24.40 11.73 9.01
CA ALA A 432 24.37 10.77 10.11
C ALA A 432 23.70 11.44 11.30
N ILE A 433 22.74 10.75 11.91
CA ILE A 433 21.91 11.32 12.96
C ILE A 433 22.03 10.46 14.20
N LEU A 434 22.30 11.09 15.33
CA LEU A 434 22.42 10.39 16.61
C LEU A 434 21.19 10.68 17.46
N TYR A 435 20.50 9.62 17.88
CA TYR A 435 19.33 9.73 18.75
C TYR A 435 19.70 9.24 20.14
N ARG A 436 19.42 10.07 21.14
CA ARG A 436 19.75 9.76 22.53
C ARG A 436 18.50 9.26 23.24
N ALA A 437 18.63 8.14 23.95
CA ALA A 437 17.52 7.62 24.72
C ALA A 437 17.34 8.42 26.01
N ARG A 438 16.09 8.69 26.34
CA ARG A 438 15.79 9.48 27.53
C ARG A 438 15.57 8.57 28.74
N PRO A 439 15.85 9.07 29.94
CA PRO A 439 15.57 8.28 31.14
C PRO A 439 14.08 8.05 31.29
N VAL A 440 13.72 6.81 31.62
CA VAL A 440 12.33 6.42 31.80
C VAL A 440 11.99 6.44 33.28
N ILE A 441 10.92 7.14 33.63
CA ILE A 441 10.49 7.28 35.01
C ILE A 441 9.22 6.45 35.20
N THR A 442 9.31 5.39 35.99
CA THR A 442 8.16 4.56 36.30
C THR A 442 7.47 5.10 37.55
N VAL A 443 6.19 5.41 37.42
CA VAL A 443 5.42 6.08 38.46
C VAL A 443 4.35 5.13 38.98
N ASN A 444 4.35 4.90 40.28
CA ASN A 444 3.32 4.09 40.94
C ASN A 444 2.39 5.06 41.67
N ALA A 445 1.35 5.52 40.97
CA ALA A 445 0.41 6.47 41.51
C ALA A 445 -0.81 5.76 42.09
N GLY A 446 -1.22 6.19 43.27
CA GLY A 446 -2.39 5.63 43.91
C GLY A 446 -3.41 6.69 44.27
N LEU A 447 -4.68 6.29 44.39
CA LEU A 447 -5.75 7.23 44.74
C LEU A 447 -6.71 6.49 45.67
N GLU A 448 -6.66 6.82 46.95
CA GLU A 448 -7.52 6.22 47.96
C GLU A 448 -8.59 7.20 48.38
N VAL A 449 -9.82 6.72 48.50
CA VAL A 449 -10.96 7.54 48.90
C VAL A 449 -11.56 6.93 50.17
N TYR A 450 -12.00 7.81 51.07
CA TYR A 450 -12.75 7.37 52.24
C TYR A 450 -14.05 6.73 51.76
N PRO A 451 -14.67 5.84 52.58
CA PRO A 451 -15.61 4.84 52.05
C PRO A 451 -16.49 5.31 50.90
N SER A 452 -16.47 4.53 49.81
CA SER A 452 -17.09 4.97 48.56
C SER A 452 -18.57 5.26 48.72
N ILE A 453 -19.24 4.59 49.64
CA ILE A 453 -20.65 4.85 49.91
C ILE A 453 -20.74 6.11 50.76
N LEU A 454 -21.34 7.15 50.21
CA LEU A 454 -21.49 8.43 50.90
C LEU A 454 -22.91 8.57 51.42
N ASN A 455 -23.04 8.95 52.69
CA ASN A 455 -24.34 9.13 53.32
C ASN A 455 -24.68 10.62 53.33
N GLN A 456 -25.76 10.99 52.66
CA GLN A 456 -26.17 12.38 52.62
C GLN A 456 -26.63 12.87 53.98
N ASP A 457 -27.28 12.00 54.77
CA ASP A 457 -27.74 12.41 56.09
C ASP A 457 -26.58 12.64 57.05
N ASN A 458 -25.51 11.84 56.93
CA ASN A 458 -24.34 11.98 57.79
C ASN A 458 -23.61 13.25 57.42
N LYS A 459 -23.83 14.32 58.20
CA LYS A 459 -23.36 15.66 57.87
C LYS A 459 -22.54 16.23 59.02
N THR A 460 -21.60 15.43 59.53
CA THR A 460 -20.72 15.86 60.62
C THR A 460 -19.43 16.49 60.09
N CYS A 461 -19.56 17.50 59.23
CA CYS A 461 -18.41 18.19 58.66
C CYS A 461 -18.68 19.69 58.64
N SER A 462 -17.79 20.47 59.23
CA SER A 462 -17.93 21.91 59.25
C SER A 462 -17.51 22.50 57.90
N LEU A 463 -17.85 23.76 57.69
CA LEU A 463 -17.58 24.45 56.44
C LEU A 463 -16.98 25.83 56.72
N PRO A 464 -16.19 26.36 55.79
CA PRO A 464 -15.69 27.72 55.95
C PRO A 464 -16.65 28.75 55.37
N GLY A 465 -16.77 29.86 56.07
CA GLY A 465 -17.63 30.95 55.64
C GLY A 465 -19.07 30.93 56.13
N THR A 466 -19.72 29.77 56.02
CA THR A 466 -21.12 29.62 56.44
C THR A 466 -21.35 28.50 57.44
N ALA A 467 -20.54 27.44 57.42
CA ALA A 467 -20.68 26.31 58.34
C ALA A 467 -22.08 25.70 58.27
N LEU A 468 -22.48 25.30 57.07
CA LEU A 468 -23.80 24.71 56.86
C LEU A 468 -23.90 23.29 57.37
N LYS A 469 -22.77 22.65 57.72
CA LYS A 469 -22.75 21.29 58.25
C LYS A 469 -23.39 20.31 57.28
N VAL A 470 -22.73 20.16 56.12
CA VAL A 470 -23.17 19.23 55.09
C VAL A 470 -22.14 18.11 55.01
N SER A 471 -22.55 16.98 54.44
CA SER A 471 -21.73 15.78 54.39
C SER A 471 -20.41 16.04 53.66
N CYS A 472 -19.40 15.26 54.02
CA CYS A 472 -18.08 15.40 53.43
C CYS A 472 -17.39 14.03 53.41
N PHE A 473 -16.43 13.90 52.50
CA PHE A 473 -15.63 12.69 52.38
C PHE A 473 -14.23 13.06 51.91
N ASN A 474 -13.27 12.19 52.18
CA ASN A 474 -11.86 12.48 51.97
C ASN A 474 -11.34 11.80 50.71
N VAL A 475 -10.23 12.34 50.20
CA VAL A 475 -9.52 11.77 49.06
C VAL A 475 -8.02 11.80 49.36
N ARG A 476 -7.37 10.65 49.18
CA ARG A 476 -5.94 10.52 49.41
C ARG A 476 -5.28 9.97 48.16
N PHE A 477 -4.26 10.66 47.68
CA PHE A 477 -3.56 10.26 46.47
C PHE A 477 -2.07 10.27 46.74
N CYS A 478 -1.39 9.19 46.34
CA CYS A 478 0.01 8.99 46.65
C CYS A 478 0.80 8.88 45.35
N LEU A 479 2.03 9.40 45.37
CA LEU A 479 2.90 9.43 44.20
C LEU A 479 4.28 8.95 44.58
N LYS A 480 4.80 7.97 43.85
CA LYS A 480 6.20 7.60 43.94
C LYS A 480 6.73 7.31 42.53
N ALA A 481 7.92 7.80 42.24
CA ALA A 481 8.52 7.63 40.93
C ALA A 481 9.95 7.11 41.10
N ASP A 482 10.29 6.09 40.33
CA ASP A 482 11.64 5.54 40.34
C ASP A 482 12.06 5.26 38.90
N GLY A 483 13.37 5.31 38.68
CA GLY A 483 13.91 5.08 37.35
C GLY A 483 15.38 4.77 37.42
N LYS A 484 15.89 4.24 36.32
CA LYS A 484 17.30 3.90 36.18
C LYS A 484 18.04 4.99 35.42
N GLY A 485 19.37 4.86 35.40
CA GLY A 485 20.20 5.79 34.68
C GLY A 485 20.36 7.12 35.41
N VAL A 486 20.96 8.07 34.70
CA VAL A 486 21.21 9.39 35.26
C VAL A 486 19.87 10.12 35.37
N LEU A 487 19.54 10.57 36.58
CA LEU A 487 18.27 11.21 36.87
C LEU A 487 18.41 11.91 38.20
N PRO A 488 18.05 13.18 38.30
CA PRO A 488 18.16 13.89 39.59
C PRO A 488 17.21 13.29 40.61
N ARG A 489 17.60 13.40 41.88
CA ARG A 489 16.88 12.71 42.95
C ARG A 489 15.44 13.19 43.05
N LYS A 490 15.21 14.50 42.97
CA LYS A 490 13.90 15.09 43.16
C LYS A 490 13.28 15.39 41.81
N LEU A 491 12.09 14.86 41.57
CA LEU A 491 11.32 15.11 40.35
C LEU A 491 10.08 15.91 40.68
N ASN A 492 9.74 16.84 39.80
CA ASN A 492 8.60 17.73 39.99
C ASN A 492 7.39 17.17 39.25
N PHE A 493 6.33 16.87 40.00
CA PHE A 493 5.07 16.41 39.44
C PHE A 493 3.97 17.41 39.81
N GLN A 494 3.04 17.61 38.90
CA GLN A 494 1.84 18.39 39.19
C GLN A 494 0.63 17.48 38.98
N VAL A 495 -0.24 17.41 39.97
CA VAL A 495 -1.40 16.53 39.93
C VAL A 495 -2.66 17.39 39.95
N GLU A 496 -3.64 16.98 39.16
CA GLU A 496 -4.94 17.65 39.11
C GLU A 496 -6.02 16.66 39.51
N LEU A 497 -6.92 17.10 40.38
CA LEU A 497 -8.05 16.29 40.83
C LEU A 497 -9.33 16.89 40.25
N LEU A 498 -10.04 16.11 39.45
CA LEU A 498 -11.30 16.54 38.87
C LEU A 498 -12.40 15.60 39.35
N LEU A 499 -13.44 16.17 39.95
CA LEU A 499 -14.58 15.41 40.40
C LEU A 499 -15.60 15.26 39.28
N ASP A 500 -16.48 14.28 39.43
CA ASP A 500 -17.59 14.05 38.50
C ASP A 500 -17.08 13.79 37.08
N LYS A 501 -16.05 12.96 36.96
CA LYS A 501 -15.59 12.51 35.65
C LYS A 501 -16.62 11.57 35.04
N LEU A 502 -16.62 11.50 33.71
CA LEU A 502 -17.56 10.72 32.90
C LEU A 502 -18.98 11.26 33.01
N LYS A 503 -19.20 12.28 33.83
CA LYS A 503 -20.49 12.94 33.96
C LYS A 503 -20.42 14.42 33.64
N GLN A 504 -19.23 15.02 33.60
CA GLN A 504 -19.06 16.44 33.33
C GLN A 504 -19.20 16.68 31.83
N LYS A 505 -20.43 16.95 31.41
CA LYS A 505 -20.74 17.30 30.03
C LYS A 505 -21.61 18.56 30.01
N GLY A 506 -21.18 19.56 30.78
CA GLY A 506 -21.95 20.77 30.94
C GLY A 506 -23.06 20.69 31.95
N ALA A 507 -23.24 19.55 32.62
CA ALA A 507 -24.29 19.37 33.60
C ALA A 507 -23.82 19.85 34.97
N ILE A 508 -24.60 19.57 36.00
CA ILE A 508 -24.26 19.99 37.36
C ILE A 508 -23.21 19.06 37.94
N ARG A 509 -22.41 19.58 38.86
CA ARG A 509 -21.38 18.82 39.56
C ARG A 509 -21.74 18.77 41.03
N ARG A 510 -21.71 17.56 41.60
CA ARG A 510 -22.19 17.32 42.95
C ARG A 510 -21.09 17.32 44.01
N ALA A 511 -19.90 16.82 43.68
CA ALA A 511 -18.81 16.71 44.63
C ALA A 511 -17.93 17.96 44.56
N LEU A 512 -17.81 18.66 45.68
CA LEU A 512 -17.03 19.89 45.75
C LEU A 512 -16.05 19.80 46.92
N PHE A 513 -14.85 20.33 46.71
CA PHE A 513 -13.83 20.31 47.76
C PHE A 513 -14.20 21.27 48.89
N LEU A 514 -13.79 20.90 50.11
CA LEU A 514 -14.19 21.66 51.29
C LEU A 514 -13.65 23.08 51.28
N TYR A 515 -12.38 23.25 50.91
CA TYR A 515 -11.72 24.55 50.98
C TYR A 515 -11.72 25.29 49.66
N SER A 516 -11.30 24.63 48.57
CA SER A 516 -11.29 25.27 47.27
C SER A 516 -12.70 25.57 46.78
N ARG A 517 -13.69 24.81 47.24
CA ARG A 517 -15.09 24.95 46.82
C ARG A 517 -15.24 24.81 45.31
N SER A 518 -14.34 24.03 44.70
CA SER A 518 -14.34 23.82 43.26
C SER A 518 -14.18 22.34 42.96
N PRO A 519 -14.79 21.86 41.88
CA PRO A 519 -14.62 20.44 41.52
C PRO A 519 -13.23 20.09 41.05
N SER A 520 -12.42 21.07 40.67
CA SER A 520 -11.08 20.85 40.14
C SER A 520 -10.04 21.43 41.10
N HIS A 521 -9.08 20.61 41.49
CA HIS A 521 -7.99 21.03 42.36
C HIS A 521 -6.67 20.56 41.75
N SER A 522 -5.68 21.44 41.74
CA SER A 522 -4.36 21.14 41.20
C SER A 522 -3.31 21.43 42.25
N LYS A 523 -2.41 20.46 42.47
CA LYS A 523 -1.34 20.58 43.44
C LYS A 523 -0.04 20.09 42.83
N ASN A 524 1.04 20.82 43.11
CA ASN A 524 2.37 20.48 42.62
C ASN A 524 3.10 19.63 43.64
N MET A 525 3.83 18.64 43.15
CA MET A 525 4.58 17.71 44.00
C MET A 525 6.08 17.83 43.73
N THR A 526 6.87 17.62 44.77
CA THR A 526 8.33 17.52 44.67
C THR A 526 8.71 16.22 45.37
N ILE A 527 8.67 15.12 44.62
CA ILE A 527 8.91 13.79 45.17
C ILE A 527 10.29 13.33 44.74
N SER A 528 10.86 12.43 45.53
CA SER A 528 12.21 11.92 45.31
C SER A 528 12.18 10.54 44.68
N ARG A 529 13.20 10.24 43.89
CA ARG A 529 13.33 8.92 43.30
C ARG A 529 13.59 7.87 44.38
N GLY A 530 12.95 6.72 44.23
CA GLY A 530 13.10 5.66 45.21
C GLY A 530 12.57 5.96 46.59
N GLY A 531 11.73 6.99 46.71
CA GLY A 531 11.19 7.39 47.99
C GLY A 531 9.88 6.68 48.31
N LEU A 532 9.23 7.15 49.37
CA LEU A 532 7.99 6.57 49.84
C LEU A 532 6.81 7.18 49.10
N MET A 533 5.63 6.58 49.31
CA MET A 533 4.38 7.11 48.77
C MET A 533 4.11 8.47 49.42
N GLN A 534 4.26 9.54 48.66
CA GLN A 534 3.96 10.87 49.17
C GLN A 534 2.44 11.08 49.06
N CYS A 535 1.74 10.95 50.18
CA CYS A 535 0.29 11.03 50.20
C CYS A 535 -0.15 12.33 50.87
N GLU A 536 -1.16 12.97 50.29
CA GLU A 536 -1.76 14.17 50.87
C GLU A 536 -3.27 13.98 51.02
N GLU A 537 -3.83 14.63 52.02
CA GLU A 537 -5.23 14.50 52.39
C GLU A 537 -6.00 15.73 51.93
N LEU A 538 -7.15 15.48 51.28
CA LEU A 538 -8.06 16.55 50.89
C LEU A 538 -9.48 16.15 51.26
N ILE A 539 -10.32 17.16 51.51
CA ILE A 539 -11.69 16.95 51.96
C ILE A 539 -12.63 17.50 50.90
N ALA A 540 -13.59 16.67 50.49
CA ALA A 540 -14.61 17.05 49.53
C ALA A 540 -15.98 16.89 50.15
N TYR A 541 -16.86 17.88 49.92
CA TYR A 541 -18.19 17.89 50.50
C TYR A 541 -19.23 17.83 49.40
N LEU A 542 -20.28 17.05 49.63
CA LEU A 542 -21.37 16.92 48.69
C LEU A 542 -22.33 18.10 48.81
N ARG A 543 -23.18 18.25 47.79
CA ARG A 543 -24.16 19.32 47.78
C ARG A 543 -25.36 18.93 48.63
N ASP A 544 -26.43 19.72 48.55
CA ASP A 544 -27.65 19.42 49.28
C ASP A 544 -28.29 18.14 48.74
N GLU A 545 -28.95 17.41 49.63
CA GLU A 545 -29.56 16.14 49.26
C GLU A 545 -30.61 16.29 48.17
N SER A 546 -31.20 17.48 48.03
CA SER A 546 -32.21 17.75 47.00
C SER A 546 -31.76 18.89 46.09
N GLU A 547 -30.48 18.86 45.69
CA GLU A 547 -29.92 19.90 44.84
C GLU A 547 -29.48 19.38 43.48
N PHE A 548 -28.66 18.33 43.44
CA PHE A 548 -28.19 17.81 42.18
C PHE A 548 -29.27 17.00 41.47
N ARG A 549 -28.98 16.62 40.23
CA ARG A 549 -29.99 16.00 39.37
C ARG A 549 -30.45 14.65 39.90
N ASP A 550 -29.50 13.78 40.25
CA ASP A 550 -29.85 12.43 40.68
C ASP A 550 -28.73 11.86 41.55
N LYS A 551 -29.07 10.80 42.28
CA LYS A 551 -28.13 10.11 43.15
C LYS A 551 -27.81 8.71 42.67
N LEU A 552 -28.19 8.36 41.44
CA LEU A 552 -27.96 7.03 40.92
C LEU A 552 -26.61 6.89 40.23
N THR A 553 -26.23 7.89 39.43
CA THR A 553 -24.94 7.82 38.74
C THR A 553 -23.81 7.95 39.75
N PRO A 554 -22.86 7.03 39.77
CA PRO A 554 -21.78 7.10 40.77
C PRO A 554 -20.89 8.32 40.55
N ILE A 555 -20.39 8.85 41.66
CA ILE A 555 -19.46 9.96 41.61
C ILE A 555 -18.08 9.42 41.26
N THR A 556 -17.48 9.98 40.20
CA THR A 556 -16.20 9.52 39.69
C THR A 556 -15.13 10.56 40.03
N ILE A 557 -14.03 10.10 40.60
CA ILE A 557 -12.92 10.95 41.03
C ILE A 557 -11.75 10.69 40.10
N PHE A 558 -11.30 11.74 39.41
CA PHE A 558 -10.29 11.62 38.37
C PHE A 558 -9.02 12.35 38.81
N MET A 559 -7.89 11.65 38.80
CA MET A 559 -6.59 12.23 39.07
C MET A 559 -5.72 12.08 37.84
N GLU A 560 -5.08 13.18 37.43
CA GLU A 560 -4.19 13.19 36.27
C GLU A 560 -2.86 13.79 36.70
N TYR A 561 -1.81 12.99 36.70
CA TYR A 561 -0.47 13.43 37.06
C TYR A 561 0.40 13.48 35.81
N ARG A 562 1.17 14.55 35.68
CA ARG A 562 2.11 14.69 34.58
C ARG A 562 3.44 15.21 35.12
N LEU A 563 4.52 14.77 34.49
CA LEU A 563 5.86 15.10 34.95
C LEU A 563 6.29 16.45 34.38
N ASP A 564 6.76 17.33 35.25
CA ASP A 564 7.33 18.60 34.83
C ASP A 564 8.66 18.34 34.13
N TYR A 565 8.80 18.82 32.90
CA TYR A 565 9.85 18.36 32.00
C TYR A 565 11.07 19.27 31.97
N ARG A 566 11.22 20.21 32.91
CA ARG A 566 12.47 20.93 33.04
C ARG A 566 13.52 20.16 33.82
N THR A 567 13.66 18.88 33.50
CA THR A 567 14.53 17.95 34.21
C THR A 567 15.63 17.51 33.24
N ALA A 568 16.71 18.28 33.21
CA ALA A 568 17.78 18.07 32.26
C ALA A 568 19.00 17.48 32.94
N ALA A 569 19.83 16.81 32.13
CA ALA A 569 21.11 16.28 32.56
C ALA A 569 22.26 17.24 32.27
N ASP A 570 21.99 18.55 32.30
CA ASP A 570 22.93 19.61 31.94
C ASP A 570 23.68 19.31 30.65
N THR A 571 23.03 18.58 29.74
CA THR A 571 23.55 18.30 28.40
C THR A 571 22.43 18.64 27.42
N THR A 572 22.38 19.91 27.01
CA THR A 572 21.44 20.48 26.03
C THR A 572 19.99 20.11 26.30
N GLY A 573 19.69 19.71 27.53
CA GLY A 573 18.32 19.47 27.94
C GLY A 573 17.72 18.16 27.47
N LEU A 574 18.26 17.04 27.94
CA LEU A 574 17.69 15.72 27.65
C LEU A 574 16.66 15.41 28.73
N GLN A 575 15.40 15.74 28.46
CA GLN A 575 14.33 15.54 29.41
C GLN A 575 14.02 14.06 29.57
N PRO A 576 13.51 13.66 30.74
CA PRO A 576 13.14 12.26 30.95
C PRO A 576 11.77 11.98 30.31
N ILE A 577 11.36 10.72 30.38
CA ILE A 577 10.11 10.27 29.81
C ILE A 577 9.41 9.38 30.82
N LEU A 578 8.09 9.35 30.76
CA LEU A 578 7.29 8.41 31.54
C LEU A 578 7.12 7.12 30.76
N ASN A 579 6.94 6.02 31.49
CA ASN A 579 6.78 4.72 30.85
C ASN A 579 5.53 4.73 29.96
N GLN A 580 5.68 4.22 28.73
CA GLN A 580 4.57 4.22 27.79
C GLN A 580 3.44 3.32 28.27
N PHE A 581 3.76 2.15 28.81
CA PHE A 581 2.75 1.20 29.28
C PHE A 581 2.52 1.35 30.78
N THR A 582 2.06 2.53 31.16
CA THR A 582 1.63 2.82 32.51
C THR A 582 0.40 3.72 32.46
N PRO A 583 -0.50 3.62 33.43
CA PRO A 583 -1.67 4.51 33.42
C PRO A 583 -1.30 5.94 33.82
N ALA A 584 -1.38 6.85 32.85
CA ALA A 584 -1.11 8.26 33.14
C ALA A 584 -2.17 8.88 34.05
N ASN A 585 -3.32 8.22 34.22
CA ASN A 585 -4.36 8.70 35.11
C ASN A 585 -4.89 7.53 35.92
N ILE A 586 -5.45 7.85 37.08
CA ILE A 586 -6.12 6.86 37.93
C ILE A 586 -7.46 7.44 38.36
N SER A 587 -8.52 6.65 38.27
CA SER A 587 -9.86 7.11 38.56
C SER A 587 -10.55 6.14 39.51
N ARG A 588 -11.14 6.68 40.57
CA ARG A 588 -11.89 5.91 41.55
C ARG A 588 -13.35 6.35 41.54
N GLN A 589 -14.21 5.46 42.03
CA GLN A 589 -15.65 5.69 42.02
C GLN A 589 -16.18 5.79 43.45
N ALA A 590 -17.03 6.78 43.68
CA ALA A 590 -17.72 6.96 44.96
C ALA A 590 -19.22 6.92 44.72
N HIS A 591 -19.93 6.22 45.60
CA HIS A 591 -21.37 6.02 45.45
C HIS A 591 -22.13 6.78 46.54
N ILE A 592 -23.43 6.96 46.34
CA ILE A 592 -24.25 7.65 47.35
C ILE A 592 -25.12 6.65 48.12
N LEU A 593 -25.16 6.76 49.45
CA LEU A 593 -25.93 5.81 50.24
C LEU A 593 -27.43 6.00 49.98
N LEU A 594 -28.06 4.95 49.50
CA LEU A 594 -29.49 4.96 49.20
C LEU A 594 -30.05 3.59 49.54
N ASP A 595 -31.05 3.55 50.42
CA ASP A 595 -31.63 2.28 50.84
C ASP A 595 -32.30 1.61 49.66
N CYS A 596 -31.67 0.55 49.14
CA CYS A 596 -32.09 -0.10 47.90
C CYS A 596 -32.00 -1.61 48.05
N GLY A 597 -32.30 -2.11 49.23
CA GLY A 597 -32.30 -3.55 49.46
C GLY A 597 -30.89 -4.12 49.54
N GLU A 598 -30.82 -5.45 49.60
CA GLU A 598 -29.51 -6.10 49.71
C GLU A 598 -28.75 -6.07 48.40
N ASP A 599 -29.46 -6.03 47.28
CA ASP A 599 -28.77 -6.10 45.99
C ASP A 599 -28.10 -4.77 45.66
N ASN A 600 -28.26 -3.78 46.54
CA ASN A 600 -27.65 -2.46 46.44
C ASN A 600 -28.20 -1.64 45.28
N VAL A 601 -29.28 -2.08 44.65
CA VAL A 601 -29.92 -1.33 43.57
C VAL A 601 -31.42 -1.26 43.84
N CYS A 602 -31.99 -0.10 43.54
CA CYS A 602 -33.41 0.15 43.77
C CYS A 602 -34.20 -0.34 42.55
N LYS A 603 -35.17 -1.21 42.79
CA LYS A 603 -35.97 -1.82 41.73
C LYS A 603 -37.44 -1.54 42.00
N PRO A 604 -37.98 -0.43 41.50
CA PRO A 604 -39.36 -0.06 41.83
C PRO A 604 -40.39 -0.81 40.99
N LYS A 605 -41.62 -0.76 41.47
CA LYS A 605 -42.79 -1.25 40.75
C LYS A 605 -43.74 -0.08 40.57
N LEU A 606 -43.89 0.39 39.34
CA LEU A 606 -44.65 1.59 39.04
C LEU A 606 -46.00 1.22 38.41
N GLU A 607 -47.07 1.79 38.96
CA GLU A 607 -48.43 1.54 38.48
C GLU A 607 -49.14 2.87 38.28
N VAL A 608 -49.97 2.93 37.24
CA VAL A 608 -50.75 4.13 36.93
C VAL A 608 -52.15 3.71 36.54
N SER A 609 -53.14 4.50 36.96
CA SER A 609 -54.54 4.23 36.65
C SER A 609 -55.28 5.55 36.54
N VAL A 610 -56.41 5.52 35.83
CA VAL A 610 -57.17 6.73 35.58
C VAL A 610 -58.61 6.34 35.29
N ASP A 611 -59.55 7.19 35.73
CA ASP A 611 -60.97 7.03 35.43
C ASP A 611 -61.44 8.26 34.66
N SER A 612 -62.59 8.10 33.99
CA SER A 612 -63.11 9.16 33.13
C SER A 612 -63.85 10.22 33.94
N ASP A 613 -64.91 9.81 34.65
CA ASP A 613 -65.79 10.68 35.43
C ASP A 613 -66.67 11.54 34.54
N GLN A 614 -66.43 11.51 33.24
CA GLN A 614 -67.31 12.13 32.26
C GLN A 614 -67.78 11.14 31.20
N LYS A 615 -66.88 10.31 30.68
CA LYS A 615 -67.20 9.20 29.78
C LYS A 615 -67.78 9.66 28.44
N LYS A 616 -67.93 10.97 28.26
CA LYS A 616 -68.47 11.51 27.01
C LYS A 616 -68.29 13.01 27.00
N ILE A 617 -67.94 13.56 25.83
CA ILE A 617 -67.83 15.00 25.61
C ILE A 617 -68.50 15.33 24.29
N TYR A 618 -69.05 16.54 24.21
CA TYR A 618 -69.77 16.97 23.02
C TYR A 618 -68.82 17.71 22.08
N ILE A 619 -69.02 17.48 20.78
CA ILE A 619 -68.01 17.86 19.79
C ILE A 619 -67.84 19.38 19.72
N GLY A 620 -68.96 20.11 19.64
CA GLY A 620 -68.91 21.52 19.29
C GLY A 620 -68.35 22.43 20.36
N ASP A 621 -68.31 22.00 21.61
CA ASP A 621 -67.92 22.87 22.71
C ASP A 621 -66.49 22.58 23.17
N ASP A 622 -65.94 23.52 23.93
CA ASP A 622 -64.67 23.33 24.63
C ASP A 622 -65.01 22.78 26.01
N ASN A 623 -64.98 21.46 26.13
CA ASN A 623 -65.47 20.79 27.32
C ASN A 623 -64.38 20.68 28.36
N PRO A 624 -64.63 21.13 29.60
CA PRO A 624 -63.65 20.91 30.68
C PRO A 624 -63.58 19.43 31.03
N LEU A 625 -62.39 18.85 30.90
CA LEU A 625 -62.18 17.44 31.14
C LEU A 625 -61.13 17.28 32.24
N THR A 626 -61.51 16.60 33.32
CA THR A 626 -60.62 16.36 34.45
C THR A 626 -60.37 14.86 34.56
N LEU A 627 -59.10 14.47 34.49
CA LEU A 627 -58.71 13.07 34.61
C LEU A 627 -58.11 12.82 35.99
N ILE A 628 -58.66 11.83 36.70
CA ILE A 628 -58.20 11.46 38.03
C ILE A 628 -57.16 10.37 37.87
N VAL A 629 -55.90 10.69 38.16
CA VAL A 629 -54.78 9.79 37.94
C VAL A 629 -54.25 9.31 39.28
N LYS A 630 -54.04 8.00 39.40
CA LYS A 630 -53.44 7.40 40.59
C LYS A 630 -52.07 6.86 40.21
N ALA A 631 -51.02 7.43 40.78
CA ALA A 631 -49.64 7.03 40.54
C ALA A 631 -49.08 6.46 41.83
N GLN A 632 -48.79 5.17 41.84
CA GLN A 632 -48.28 4.49 43.03
C GLN A 632 -47.05 3.68 42.67
N ASN A 633 -46.06 3.70 43.56
CA ASN A 633 -44.85 2.89 43.44
C ASN A 633 -44.87 1.90 44.61
N GLN A 634 -45.24 0.66 44.32
CA GLN A 634 -45.23 -0.40 45.32
C GLN A 634 -43.87 -1.09 45.42
N GLY A 635 -42.92 -0.70 44.60
CA GLY A 635 -41.55 -1.15 44.69
C GLY A 635 -40.71 -0.19 45.50
N GLU A 636 -39.40 -0.27 45.30
CA GLU A 636 -38.47 0.55 46.06
C GLU A 636 -38.34 1.93 45.43
N GLY A 637 -37.34 2.69 45.89
CA GLY A 637 -37.24 4.09 45.52
C GLY A 637 -37.13 4.29 44.02
N ALA A 638 -37.91 5.24 43.52
CA ALA A 638 -37.92 5.63 42.11
C ALA A 638 -37.31 7.02 42.00
N TYR A 639 -36.16 7.09 41.33
CA TYR A 639 -35.42 8.35 41.27
C TYR A 639 -35.91 9.21 40.11
N GLU A 640 -36.18 10.47 40.40
CA GLU A 640 -36.68 11.43 39.41
C GLU A 640 -37.98 10.92 38.77
N ALA A 641 -38.96 10.64 39.63
CA ALA A 641 -40.22 10.09 39.17
C ALA A 641 -41.15 11.18 38.67
N GLU A 642 -41.63 11.01 37.45
CA GLU A 642 -42.65 11.87 36.88
C GLU A 642 -43.56 11.03 36.00
N LEU A 643 -44.83 11.40 35.95
CA LEU A 643 -45.77 10.69 35.08
C LEU A 643 -45.87 11.44 33.76
N ILE A 644 -45.99 10.69 32.67
CA ILE A 644 -46.03 11.25 31.32
C ILE A 644 -47.45 11.07 30.80
N VAL A 645 -48.14 12.19 30.58
CA VAL A 645 -49.47 12.19 29.97
C VAL A 645 -49.31 12.74 28.56
N SER A 646 -49.27 11.86 27.58
CA SER A 646 -49.10 12.25 26.18
C SER A 646 -50.48 12.50 25.60
N ILE A 647 -50.95 13.73 25.70
CA ILE A 647 -52.26 14.13 25.21
C ILE A 647 -52.22 14.13 23.69
N PRO A 648 -53.35 13.95 23.01
CA PRO A 648 -53.33 13.93 21.54
C PRO A 648 -53.28 15.33 20.95
N LEU A 649 -53.43 15.42 19.63
CA LEU A 649 -53.41 16.72 18.97
C LEU A 649 -54.62 17.57 19.35
N GLN A 650 -55.60 16.97 20.03
CA GLN A 650 -56.86 17.66 20.27
C GLN A 650 -56.79 18.59 21.48
N ALA A 651 -56.55 18.05 22.67
CA ALA A 651 -56.71 18.82 23.90
C ALA A 651 -55.40 19.51 24.29
N ASP A 652 -55.51 20.35 25.32
CA ASP A 652 -54.36 21.01 25.92
C ASP A 652 -54.58 21.06 27.43
N PHE A 653 -53.51 21.32 28.18
CA PHE A 653 -53.55 21.30 29.62
C PHE A 653 -54.03 22.64 30.17
N ILE A 654 -54.83 22.58 31.22
CA ILE A 654 -55.37 23.76 31.88
C ILE A 654 -54.70 24.01 33.22
N GLY A 655 -54.72 23.03 34.11
CA GLY A 655 -54.10 23.16 35.40
C GLY A 655 -54.49 22.03 36.32
N VAL A 656 -53.79 21.94 37.44
CA VAL A 656 -54.03 20.93 38.45
C VAL A 656 -55.17 21.37 39.35
N VAL A 657 -55.96 20.41 39.81
CA VAL A 657 -57.08 20.70 40.69
C VAL A 657 -56.56 20.91 42.11
N ARG A 658 -56.80 22.10 42.67
CA ARG A 658 -56.38 22.42 44.02
C ARG A 658 -57.53 22.80 44.94
N ASN A 659 -58.77 22.72 44.45
CA ASN A 659 -59.94 23.08 45.24
C ASN A 659 -60.37 21.99 46.22
N ASN A 660 -59.78 20.81 46.14
CA ASN A 660 -60.13 19.70 47.03
C ASN A 660 -58.87 19.14 47.67
N GLU A 661 -59.00 18.68 48.91
CA GLU A 661 -57.87 18.13 49.63
C GLU A 661 -57.61 16.67 49.31
N ALA A 662 -58.57 15.97 48.70
CA ALA A 662 -58.37 14.58 48.35
C ALA A 662 -57.35 14.40 47.23
N LEU A 663 -57.12 15.43 46.44
CA LEU A 663 -56.14 15.39 45.36
C LEU A 663 -54.94 16.25 45.73
N ALA A 664 -53.88 16.11 44.96
CA ALA A 664 -52.60 16.76 45.23
C ALA A 664 -52.41 17.99 44.35
N ARG A 665 -51.40 18.78 44.70
CA ARG A 665 -51.04 19.99 43.98
C ARG A 665 -49.77 19.81 43.14
N LEU A 666 -49.60 18.65 42.51
CA LEU A 666 -48.38 18.30 41.77
C LEU A 666 -47.91 19.44 40.88
N SER A 667 -46.61 19.74 40.96
CA SER A 667 -46.00 20.68 40.04
C SER A 667 -45.97 20.09 38.64
N CYS A 668 -46.64 20.75 37.70
CA CYS A 668 -46.83 20.20 36.36
C CYS A 668 -46.38 21.19 35.31
N ALA A 669 -46.02 20.65 34.14
CA ALA A 669 -45.48 21.45 33.06
C ALA A 669 -45.97 20.91 31.72
N PHE A 670 -46.01 21.78 30.72
CA PHE A 670 -46.39 21.42 29.37
C PHE A 670 -45.11 21.30 28.53
N LYS A 671 -44.88 20.12 27.96
CA LYS A 671 -43.71 19.87 27.14
C LYS A 671 -44.14 19.56 25.71
N THR A 672 -43.29 19.97 24.76
CA THR A 672 -43.55 19.78 23.34
C THR A 672 -42.38 19.18 22.58
N GLU A 673 -41.33 18.73 23.25
CA GLU A 673 -40.11 18.32 22.57
C GLU A 673 -40.30 17.01 21.79
N ASN A 674 -39.56 16.90 20.70
CA ASN A 674 -39.42 15.66 19.92
C ASN A 674 -40.77 15.15 19.41
N GLN A 675 -41.40 15.98 18.58
CA GLN A 675 -42.55 15.64 17.75
C GLN A 675 -43.80 15.34 18.57
N THR A 676 -43.72 15.32 19.89
CA THR A 676 -44.85 14.93 20.72
C THR A 676 -45.00 15.90 21.89
N ARG A 677 -46.20 16.45 22.04
CA ARG A 677 -46.52 17.27 23.19
C ARG A 677 -47.12 16.40 24.30
N GLN A 678 -46.73 16.69 25.53
CA GLN A 678 -47.13 15.86 26.66
C GLN A 678 -47.06 16.71 27.94
N VAL A 679 -47.63 16.18 29.01
CA VAL A 679 -47.69 16.85 30.30
C VAL A 679 -46.90 16.02 31.30
N VAL A 680 -45.97 16.67 32.01
CA VAL A 680 -45.18 16.02 33.04
C VAL A 680 -45.55 16.63 34.38
N CYS A 681 -45.44 15.83 35.44
CA CYS A 681 -45.72 16.28 36.80
C CYS A 681 -44.76 15.57 37.74
N ASP A 682 -44.08 16.34 38.60
CA ASP A 682 -43.10 15.76 39.50
C ASP A 682 -43.79 14.87 40.53
N LEU A 683 -43.28 13.65 40.69
CA LEU A 683 -43.84 12.69 41.62
C LEU A 683 -42.95 12.48 42.84
N GLY A 684 -41.85 13.20 42.94
CA GLY A 684 -40.97 13.08 44.10
C GLY A 684 -39.63 12.50 43.75
N ASN A 685 -38.57 13.13 44.26
CA ASN A 685 -37.19 12.70 44.04
C ASN A 685 -36.53 12.45 45.38
N PRO A 686 -36.41 11.18 45.80
CA PRO A 686 -36.89 9.96 45.14
C PRO A 686 -38.36 9.71 45.41
N MET A 687 -38.99 8.81 44.66
CA MET A 687 -40.38 8.45 44.87
C MET A 687 -40.40 7.24 45.80
N LYS A 688 -40.71 7.46 47.07
CA LYS A 688 -40.49 6.45 48.09
C LYS A 688 -41.42 5.26 47.90
N ALA A 689 -41.09 4.17 48.61
CA ALA A 689 -41.83 2.93 48.49
C ALA A 689 -43.23 3.06 49.09
N GLY A 690 -44.19 2.41 48.43
CA GLY A 690 -45.56 2.35 48.93
C GLY A 690 -46.29 3.68 48.89
N THR A 691 -45.69 4.68 48.25
CA THR A 691 -46.31 6.00 48.16
C THR A 691 -47.37 5.99 47.07
N GLN A 692 -48.60 6.36 47.43
CA GLN A 692 -49.73 6.36 46.51
C GLN A 692 -50.15 7.79 46.26
N LEU A 693 -50.03 8.22 45.01
CA LEU A 693 -50.39 9.58 44.61
C LEU A 693 -51.76 9.56 43.92
N LEU A 694 -52.55 10.60 44.18
CA LEU A 694 -53.84 10.78 43.53
C LEU A 694 -54.05 12.26 43.28
N ALA A 695 -54.29 12.63 42.02
CA ALA A 695 -54.47 14.02 41.64
C ALA A 695 -55.30 14.08 40.36
N GLY A 696 -55.72 15.28 40.00
CA GLY A 696 -56.52 15.48 38.82
C GLY A 696 -55.93 16.55 37.93
N LEU A 697 -56.14 16.39 36.63
CA LEU A 697 -55.61 17.29 35.61
C LEU A 697 -56.76 17.80 34.76
N ARG A 698 -56.92 19.12 34.71
CA ARG A 698 -57.99 19.72 33.93
C ARG A 698 -57.53 19.97 32.49
N PHE A 699 -58.44 19.78 31.54
CA PHE A 699 -58.10 19.94 30.13
C PHE A 699 -59.18 20.72 29.37
N SER A 700 -59.02 20.80 28.06
CA SER A 700 -60.01 21.47 27.20
C SER A 700 -59.88 20.87 25.81
N VAL A 701 -60.93 20.20 25.34
CA VAL A 701 -60.87 19.42 24.11
C VAL A 701 -61.77 20.08 23.07
N HIS A 702 -61.27 20.18 21.84
CA HIS A 702 -62.03 20.64 20.70
C HIS A 702 -61.62 19.81 19.50
N GLN A 703 -62.57 19.04 18.95
CA GLN A 703 -62.27 18.03 17.95
C GLN A 703 -61.67 18.62 16.67
N GLN A 704 -60.74 17.88 16.07
CA GLN A 704 -60.09 18.30 14.82
C GLN A 704 -60.91 17.89 13.60
N SER A 705 -61.07 16.59 13.39
CA SER A 705 -61.75 16.06 12.22
C SER A 705 -63.13 15.57 12.62
N GLU A 706 -64.14 15.95 11.82
CA GLU A 706 -65.52 15.75 12.20
C GLU A 706 -65.89 14.29 12.41
N MET A 707 -65.08 13.36 11.91
CA MET A 707 -65.25 11.92 12.14
C MET A 707 -64.02 11.44 12.93
N ASP A 708 -64.10 11.54 14.25
CA ASP A 708 -63.03 11.08 15.13
C ASP A 708 -63.49 10.02 16.11
N THR A 709 -64.68 10.20 16.71
CA THR A 709 -65.41 9.17 17.44
C THR A 709 -64.79 8.84 18.79
N SER A 710 -63.62 9.39 19.10
CA SER A 710 -62.97 9.07 20.37
C SER A 710 -61.83 10.05 20.64
N VAL A 711 -61.48 10.17 21.91
CA VAL A 711 -60.29 10.89 22.36
C VAL A 711 -59.50 9.94 23.25
N LYS A 712 -58.27 9.62 22.83
CA LYS A 712 -57.44 8.65 23.52
C LYS A 712 -56.23 9.33 24.15
N PHE A 713 -56.03 9.11 25.44
CA PHE A 713 -54.85 9.55 26.15
C PHE A 713 -53.91 8.37 26.38
N ASP A 714 -52.70 8.69 26.86
CA ASP A 714 -51.73 7.67 27.24
C ASP A 714 -51.00 8.14 28.48
N LEU A 715 -50.96 7.27 29.50
CA LEU A 715 -50.34 7.59 30.78
C LEU A 715 -49.23 6.59 31.06
N GLN A 716 -48.08 7.10 31.50
CA GLN A 716 -46.94 6.25 31.82
C GLN A 716 -46.02 6.97 32.79
N ILE A 717 -45.61 6.28 33.83
CA ILE A 717 -44.62 6.78 34.78
C ILE A 717 -43.26 6.21 34.42
N GLN A 718 -42.24 7.07 34.43
CA GLN A 718 -40.88 6.63 34.17
C GLN A 718 -39.94 7.28 35.17
N SER A 719 -38.83 6.59 35.45
CA SER A 719 -37.82 7.07 36.37
C SER A 719 -36.46 6.85 35.76
N SER A 720 -35.45 7.51 36.33
CA SER A 720 -34.08 7.38 35.87
C SER A 720 -33.37 6.17 36.45
N ASN A 721 -34.10 5.22 37.00
CA ASN A 721 -33.49 4.01 37.54
C ASN A 721 -33.00 3.12 36.39
N LEU A 722 -32.22 2.10 36.76
CA LEU A 722 -31.62 1.24 35.74
C LEU A 722 -32.47 0.02 35.41
N PHE A 723 -33.31 -0.44 36.32
CA PHE A 723 -34.14 -1.63 36.08
C PHE A 723 -35.52 -1.40 36.66
N ASP A 724 -36.55 -1.78 35.89
CA ASP A 724 -37.95 -1.47 36.20
C ASP A 724 -38.14 0.02 36.47
N LYS A 725 -37.67 0.84 35.53
CA LYS A 725 -37.72 2.29 35.64
C LYS A 725 -38.96 2.89 34.99
N VAL A 726 -39.86 2.07 34.45
CA VAL A 726 -41.03 2.55 33.73
C VAL A 726 -42.26 1.77 34.17
N SER A 727 -43.40 2.45 34.20
CA SER A 727 -44.69 1.82 34.45
C SER A 727 -45.28 1.30 33.15
N PRO A 728 -46.19 0.33 33.22
CA PRO A 728 -46.93 -0.06 32.01
C PRO A 728 -47.76 1.10 31.48
N VAL A 729 -47.81 1.21 30.16
CA VAL A 729 -48.54 2.30 29.52
C VAL A 729 -50.03 2.05 29.63
N VAL A 730 -50.77 3.03 30.13
CA VAL A 730 -52.22 2.96 30.27
C VAL A 730 -52.83 3.97 29.32
N SER A 731 -53.79 3.52 28.51
CA SER A 731 -54.46 4.37 27.54
C SER A 731 -55.90 4.58 27.98
N HIS A 732 -56.28 5.84 28.18
CA HIS A 732 -57.64 6.20 28.56
C HIS A 732 -58.35 6.82 27.37
N LYS A 733 -59.59 6.38 27.13
CA LYS A 733 -60.36 6.82 25.97
C LYS A 733 -61.62 7.55 26.44
N VAL A 734 -61.87 8.70 25.84
CA VAL A 734 -63.09 9.48 26.07
C VAL A 734 -63.84 9.57 24.76
N ASP A 735 -65.12 9.18 24.78
CA ASP A 735 -65.93 9.12 23.57
C ASP A 735 -66.54 10.47 23.25
N LEU A 736 -66.43 10.88 21.98
CA LEU A 736 -67.08 12.11 21.54
C LEU A 736 -68.58 11.90 21.40
N ALA A 737 -69.35 12.90 21.79
CA ALA A 737 -70.80 12.82 21.70
C ALA A 737 -71.36 13.92 20.81
N GLY B 1 -62.63 14.72 -26.04
CA GLY B 1 -63.09 15.94 -25.43
C GLY B 1 -61.99 16.97 -25.24
N PRO B 2 -62.32 18.08 -24.53
CA PRO B 2 -61.29 19.08 -24.25
C PRO B 2 -60.02 18.41 -23.80
N ASN B 3 -58.93 18.78 -24.44
CA ASN B 3 -57.64 18.19 -24.11
C ASN B 3 -56.52 19.22 -24.22
N ILE B 4 -55.27 18.76 -24.14
CA ILE B 4 -54.13 19.67 -24.25
C ILE B 4 -54.03 20.24 -25.66
N CYS B 5 -54.53 19.53 -26.68
CA CYS B 5 -54.57 20.11 -28.01
C CYS B 5 -55.55 21.28 -28.07
N THR B 6 -56.75 21.08 -27.54
CA THR B 6 -57.78 22.10 -27.52
C THR B 6 -57.43 23.27 -26.62
N THR B 7 -56.40 23.15 -25.80
CA THR B 7 -55.99 24.22 -24.91
C THR B 7 -54.66 24.87 -25.27
N ARG B 8 -53.85 24.27 -26.14
CA ARG B 8 -52.57 24.88 -26.49
C ARG B 8 -52.42 25.09 -27.98
N GLY B 9 -52.96 24.17 -28.79
CA GLY B 9 -52.81 24.25 -30.23
C GLY B 9 -53.89 25.00 -30.98
N VAL B 10 -54.84 25.62 -30.28
CA VAL B 10 -55.93 26.31 -30.96
C VAL B 10 -55.46 27.59 -31.64
N SER B 11 -54.23 28.05 -31.35
CA SER B 11 -53.75 29.29 -31.95
C SER B 11 -53.62 29.17 -33.45
N SER B 12 -52.91 28.14 -33.92
CA SER B 12 -52.72 27.93 -35.35
C SER B 12 -52.07 26.57 -35.58
N CYS B 13 -51.82 26.27 -36.86
CA CYS B 13 -51.44 24.92 -37.26
C CYS B 13 -50.05 24.54 -36.74
N GLN B 14 -49.07 25.44 -36.86
CA GLN B 14 -47.71 25.10 -36.44
C GLN B 14 -47.65 24.87 -34.94
N GLN B 15 -48.31 25.74 -34.16
CA GLN B 15 -48.37 25.52 -32.72
C GLN B 15 -49.12 24.25 -32.36
N CYS B 16 -50.20 23.94 -33.08
CA CYS B 16 -50.92 22.69 -32.83
C CYS B 16 -50.01 21.49 -33.08
N LEU B 17 -49.24 21.52 -34.17
CA LEU B 17 -48.29 20.46 -34.43
C LEU B 17 -47.24 20.39 -33.34
N ALA B 18 -46.83 21.54 -32.81
CA ALA B 18 -45.80 21.59 -31.79
C ALA B 18 -46.29 21.09 -30.44
N VAL B 19 -47.59 21.18 -30.18
CA VAL B 19 -48.12 20.86 -28.85
C VAL B 19 -47.77 19.43 -28.45
N SER B 20 -48.27 18.46 -29.22
CA SER B 20 -48.13 17.05 -28.84
C SER B 20 -48.02 16.21 -30.10
N PRO B 21 -47.36 15.06 -30.03
CA PRO B 21 -47.28 14.17 -31.21
C PRO B 21 -48.65 13.72 -31.72
N MET B 22 -49.65 13.60 -30.85
CA MET B 22 -50.96 13.12 -31.25
C MET B 22 -51.95 14.24 -31.52
N CYS B 23 -51.53 15.49 -31.44
CA CYS B 23 -52.38 16.61 -31.85
C CYS B 23 -52.54 16.62 -33.37
N ALA B 24 -53.75 16.92 -33.83
CA ALA B 24 -54.04 16.97 -35.25
C ALA B 24 -54.77 18.27 -35.57
N TRP B 25 -54.57 18.76 -36.78
CA TRP B 25 -55.13 20.03 -37.23
C TRP B 25 -56.12 19.82 -38.38
N CYS B 26 -57.13 20.69 -38.41
CA CYS B 26 -58.15 20.67 -39.45
C CYS B 26 -58.04 21.95 -40.26
N SER B 27 -57.97 21.80 -41.58
CA SER B 27 -57.87 22.94 -42.50
C SER B 27 -59.07 23.00 -43.44
N ASP B 28 -60.25 22.63 -42.93
CA ASP B 28 -61.48 22.63 -43.71
C ASP B 28 -62.35 23.79 -43.26
N GLU B 29 -62.75 24.63 -44.20
CA GLU B 29 -63.61 25.77 -43.87
C GLU B 29 -65.03 25.34 -43.52
N ALA B 30 -65.40 24.09 -43.83
CA ALA B 30 -66.74 23.62 -43.54
C ALA B 30 -66.98 23.51 -42.04
N LEU B 31 -65.91 23.37 -41.26
CA LEU B 31 -66.03 23.24 -39.81
C LEU B 31 -66.52 24.58 -39.23
N PRO B 32 -67.65 24.57 -38.53
CA PRO B 32 -68.17 25.83 -37.97
C PRO B 32 -67.28 26.37 -36.87
N LEU B 33 -67.30 27.69 -36.71
CA LEU B 33 -66.52 28.34 -35.67
C LEU B 33 -67.05 27.93 -34.30
N GLY B 34 -66.14 27.48 -33.43
CA GLY B 34 -66.52 27.01 -32.12
C GLY B 34 -65.98 25.60 -31.87
N SER B 35 -66.04 24.75 -32.90
CA SER B 35 -65.43 23.44 -32.75
C SER B 35 -63.91 23.56 -32.77
N PRO B 36 -63.22 22.78 -31.95
CA PRO B 36 -61.76 22.87 -31.90
C PRO B 36 -61.13 22.54 -33.24
N ARG B 37 -60.09 23.30 -33.58
CA ARG B 37 -59.29 23.05 -34.77
C ARG B 37 -58.07 22.20 -34.51
N CYS B 38 -57.69 22.01 -33.24
CA CYS B 38 -56.58 21.15 -32.87
C CYS B 38 -57.09 20.12 -31.87
N ASP B 39 -57.06 18.85 -32.26
CA ASP B 39 -57.55 17.77 -31.41
C ASP B 39 -56.99 16.45 -31.94
N LEU B 40 -57.54 15.36 -31.44
CA LEU B 40 -57.18 14.04 -31.94
C LEU B 40 -57.61 13.89 -33.40
N LYS B 41 -56.84 13.08 -34.15
CA LYS B 41 -57.24 12.77 -35.51
C LYS B 41 -58.57 12.03 -35.52
N GLU B 42 -58.77 11.11 -34.58
CA GLU B 42 -60.07 10.47 -34.43
C GLU B 42 -61.14 11.49 -34.05
N ASN B 43 -60.78 12.42 -33.16
CA ASN B 43 -61.71 13.50 -32.81
C ASN B 43 -62.04 14.37 -34.01
N LEU B 44 -61.04 14.68 -34.84
CA LEU B 44 -61.30 15.48 -36.04
C LEU B 44 -62.21 14.73 -37.01
N LEU B 45 -61.98 13.42 -37.18
CA LEU B 45 -62.87 12.63 -38.03
C LEU B 45 -64.29 12.61 -37.48
N LYS B 46 -64.43 12.49 -36.16
CA LYS B 46 -65.74 12.57 -35.53
C LYS B 46 -66.36 13.94 -35.74
N ASP B 47 -65.54 14.97 -35.87
CA ASP B 47 -66.00 16.32 -36.13
C ASP B 47 -66.12 16.62 -37.62
N ASN B 48 -66.40 15.60 -38.42
CA ASN B 48 -66.64 15.65 -39.87
C ASN B 48 -65.69 16.64 -40.58
N CYS B 49 -64.44 16.63 -40.14
CA CYS B 49 -63.38 17.36 -40.81
C CYS B 49 -62.89 16.55 -42.01
N ALA B 50 -62.60 17.24 -43.10
CA ALA B 50 -62.17 16.58 -44.33
C ALA B 50 -60.84 15.86 -44.09
N PRO B 51 -60.73 14.58 -44.42
CA PRO B 51 -59.45 13.89 -44.25
C PRO B 51 -58.30 14.53 -45.02
N GLU B 52 -58.58 15.08 -46.21
CA GLU B 52 -57.56 15.82 -46.94
C GLU B 52 -57.20 17.12 -46.23
N SER B 53 -58.11 17.65 -45.42
CA SER B 53 -57.87 18.87 -44.66
C SER B 53 -57.31 18.59 -43.27
N ILE B 54 -56.99 17.34 -42.97
CA ILE B 54 -56.40 16.97 -41.69
C ILE B 54 -54.89 16.90 -41.86
N GLU B 55 -54.17 17.74 -41.12
CA GLU B 55 -52.71 17.77 -41.16
C GLU B 55 -52.17 17.07 -39.92
N PHE B 56 -51.91 15.78 -40.07
CA PHE B 56 -51.41 14.95 -38.98
C PHE B 56 -50.15 14.23 -39.44
N PRO B 57 -48.99 14.88 -39.43
CA PRO B 57 -47.74 14.21 -39.81
C PRO B 57 -47.20 13.42 -38.63
N VAL B 58 -46.97 12.13 -38.85
CA VAL B 58 -46.52 11.21 -37.80
C VAL B 58 -45.00 11.07 -37.90
N SER B 59 -44.32 11.25 -36.79
CA SER B 59 -42.87 11.06 -36.76
C SER B 59 -42.53 9.61 -37.07
N GLU B 60 -41.54 9.42 -37.93
CA GLU B 60 -41.17 8.08 -38.39
C GLU B 60 -39.71 8.06 -38.78
N ALA B 61 -39.18 6.85 -38.90
CA ALA B 61 -37.78 6.63 -39.27
C ALA B 61 -37.74 5.99 -40.65
N ARG B 62 -36.99 6.62 -41.57
CA ARG B 62 -36.84 6.14 -42.94
C ARG B 62 -35.40 5.68 -43.14
N VAL B 63 -35.19 4.36 -43.13
CA VAL B 63 -33.87 3.80 -43.38
C VAL B 63 -33.53 3.97 -44.85
N LEU B 64 -32.31 4.43 -45.13
CA LEU B 64 -31.85 4.65 -46.49
C LEU B 64 -30.83 3.62 -46.95
N GLU B 65 -29.78 3.39 -46.17
CA GLU B 65 -28.80 2.36 -46.46
C GLU B 65 -28.86 1.29 -45.37
N ASP B 66 -29.10 0.06 -45.77
CA ASP B 66 -29.24 -1.05 -44.81
C ASP B 66 -28.53 -2.30 -45.32
N ARG B 67 -27.33 -2.12 -45.88
CA ARG B 67 -26.52 -3.28 -46.21
C ARG B 67 -26.12 -3.99 -44.92
N PRO B 68 -26.24 -5.32 -44.88
CA PRO B 68 -26.14 -6.02 -43.60
C PRO B 68 -24.74 -5.97 -43.02
N LEU B 69 -24.67 -6.15 -41.71
CA LEU B 69 -23.39 -6.18 -41.02
C LEU B 69 -22.51 -7.28 -41.60
N SER B 70 -21.27 -6.94 -41.90
CA SER B 70 -20.38 -7.88 -42.57
C SER B 70 -20.03 -9.03 -41.64
N ASP B 71 -19.50 -10.10 -42.23
CA ASP B 71 -19.15 -11.30 -41.49
C ASP B 71 -17.79 -11.80 -41.94
N LYS B 72 -17.14 -12.53 -41.05
CA LYS B 72 -15.84 -13.12 -41.35
C LYS B 72 -15.96 -14.62 -41.59
N GLN B 79 -14.93 -2.70 -48.17
CA GLN B 79 -15.33 -2.19 -46.86
C GLN B 79 -16.26 -3.14 -46.13
N VAL B 80 -16.13 -3.19 -44.81
CA VAL B 80 -16.99 -4.01 -43.97
C VAL B 80 -18.00 -3.12 -43.28
N THR B 81 -19.26 -3.54 -43.29
CA THR B 81 -20.32 -2.78 -42.64
C THR B 81 -20.39 -3.17 -41.17
N GLN B 82 -20.14 -2.22 -40.29
CA GLN B 82 -20.02 -2.49 -38.87
C GLN B 82 -21.15 -1.90 -38.04
N VAL B 83 -21.92 -0.96 -38.58
CA VAL B 83 -23.07 -0.39 -37.90
C VAL B 83 -24.23 -0.37 -38.88
N SER B 84 -25.34 -1.00 -38.51
CA SER B 84 -26.53 -1.02 -39.33
C SER B 84 -27.72 -0.58 -38.50
N PRO B 85 -28.58 0.30 -39.01
CA PRO B 85 -28.49 0.99 -40.31
C PRO B 85 -27.42 2.07 -40.29
N GLN B 86 -27.02 2.58 -41.44
CA GLN B 86 -25.96 3.57 -41.53
C GLN B 86 -26.42 4.90 -42.10
N ARG B 87 -27.66 5.00 -42.55
CA ARG B 87 -28.21 6.26 -43.02
C ARG B 87 -29.71 6.25 -42.72
N ILE B 88 -30.10 6.84 -41.59
CA ILE B 88 -31.48 6.86 -41.14
C ILE B 88 -31.98 8.29 -41.16
N ALA B 89 -33.13 8.50 -41.79
CA ALA B 89 -33.73 9.81 -41.90
C ALA B 89 -34.82 9.96 -40.85
N LEU B 90 -34.70 10.99 -40.02
CA LEU B 90 -35.62 11.23 -38.92
C LEU B 90 -36.48 12.44 -39.23
N ARG B 91 -37.80 12.26 -39.17
CA ARG B 91 -38.76 13.35 -39.28
C ARG B 91 -39.44 13.50 -37.93
N LEU B 92 -39.13 14.58 -37.22
CA LEU B 92 -39.66 14.80 -35.88
C LEU B 92 -40.47 16.07 -35.84
N ARG B 93 -41.74 15.95 -35.48
CA ARG B 93 -42.55 17.10 -35.17
C ARG B 93 -42.15 17.66 -33.81
N PRO B 94 -42.41 18.95 -33.55
CA PRO B 94 -41.94 19.55 -32.30
C PRO B 94 -42.53 18.85 -31.09
N ASP B 95 -41.72 18.73 -30.04
CA ASP B 95 -42.10 18.07 -28.79
C ASP B 95 -42.57 16.63 -29.05
N ASP B 96 -41.70 15.88 -29.72
CA ASP B 96 -41.99 14.48 -30.03
C ASP B 96 -40.75 13.65 -29.80
N SER B 97 -40.97 12.37 -29.50
CA SER B 97 -39.91 11.41 -29.29
C SER B 97 -40.11 10.22 -30.23
N LYS B 98 -39.05 9.87 -30.96
CA LYS B 98 -39.08 8.74 -31.88
C LYS B 98 -37.90 7.83 -31.58
N ASN B 99 -38.13 6.52 -31.68
CA ASN B 99 -37.12 5.52 -31.35
C ASN B 99 -36.69 4.76 -32.60
N PHE B 100 -35.39 4.51 -32.69
CA PHE B 100 -34.82 3.72 -33.78
C PHE B 100 -33.80 2.76 -33.21
N SER B 101 -33.55 1.68 -33.95
CA SER B 101 -32.70 0.60 -33.48
C SER B 101 -31.45 0.49 -34.35
N ILE B 102 -30.32 0.21 -33.72
CA ILE B 102 -29.05 0.00 -34.41
C ILE B 102 -28.42 -1.29 -33.89
N GLN B 103 -27.50 -1.82 -34.68
CA GLN B 103 -26.76 -3.03 -34.32
C GLN B 103 -25.29 -2.81 -34.60
N VAL B 104 -24.45 -3.06 -33.59
CA VAL B 104 -23.02 -2.92 -33.72
C VAL B 104 -22.40 -4.30 -33.59
N ARG B 105 -21.60 -4.68 -34.58
CA ARG B 105 -20.96 -5.99 -34.61
C ARG B 105 -19.46 -5.81 -34.84
N GLN B 106 -18.65 -6.39 -33.98
CA GLN B 106 -17.20 -6.27 -34.07
C GLN B 106 -16.69 -7.35 -35.04
N VAL B 107 -16.31 -6.92 -36.24
CA VAL B 107 -15.78 -7.84 -37.24
C VAL B 107 -14.37 -7.48 -37.68
N GLU B 108 -13.99 -6.24 -37.42
CA GLU B 108 -12.60 -5.92 -37.67
C GLU B 108 -11.70 -6.61 -36.65
N ASP B 109 -10.53 -7.05 -37.11
CA ASP B 109 -9.63 -7.79 -36.25
C ASP B 109 -8.99 -6.85 -35.22
N TYR B 110 -8.55 -7.45 -34.12
CA TYR B 110 -8.00 -6.69 -33.00
C TYR B 110 -6.63 -6.13 -33.35
N PRO B 111 -6.35 -4.88 -32.98
CA PRO B 111 -4.98 -4.36 -33.08
C PRO B 111 -4.12 -4.90 -31.94
N VAL B 112 -3.00 -5.52 -32.30
CA VAL B 112 -2.12 -6.15 -31.33
C VAL B 112 -0.72 -5.58 -31.50
N ASP B 113 -0.10 -5.19 -30.38
CA ASP B 113 1.28 -4.74 -30.35
C ASP B 113 2.11 -5.79 -29.62
N ILE B 114 3.13 -6.32 -30.31
CA ILE B 114 4.01 -7.32 -29.74
C ILE B 114 5.42 -6.75 -29.70
N TYR B 115 6.00 -6.68 -28.50
CA TYR B 115 7.40 -6.32 -28.33
C TYR B 115 8.17 -7.55 -27.89
N TYR B 116 9.29 -7.80 -28.55
CA TYR B 116 10.08 -9.02 -28.37
C TYR B 116 11.39 -8.66 -27.68
N LEU B 117 11.63 -9.25 -26.52
CA LEU B 117 12.85 -9.01 -25.75
C LEU B 117 13.75 -10.23 -25.86
N MET B 118 14.97 -10.03 -26.36
CA MET B 118 15.92 -11.10 -26.61
C MET B 118 17.06 -11.03 -25.61
N ASP B 119 17.41 -12.17 -25.03
CA ASP B 119 18.62 -12.30 -24.22
C ASP B 119 19.79 -12.48 -25.17
N LEU B 120 20.62 -11.45 -25.30
CA LEU B 120 21.76 -11.49 -26.21
C LEU B 120 23.08 -11.70 -25.46
N SER B 121 23.03 -12.47 -24.38
CA SER B 121 24.23 -12.80 -23.62
C SER B 121 24.92 -14.01 -24.25
N TYR B 122 26.07 -14.38 -23.69
CA TYR B 122 26.89 -15.42 -24.29
C TYR B 122 26.33 -16.82 -24.05
N SER B 123 25.56 -17.02 -22.97
CA SER B 123 24.90 -18.29 -22.74
C SER B 123 23.81 -18.57 -23.78
N MET B 124 23.41 -17.54 -24.53
CA MET B 124 22.40 -17.68 -25.58
C MET B 124 23.02 -17.93 -26.95
N LYS B 125 24.30 -18.32 -27.00
CA LYS B 125 24.93 -18.61 -28.27
C LYS B 125 24.31 -19.84 -28.94
N ASP B 126 23.82 -20.79 -28.15
CA ASP B 126 23.15 -21.97 -28.66
C ASP B 126 21.64 -21.82 -28.72
N ASP B 127 21.11 -20.65 -28.35
CA ASP B 127 19.69 -20.37 -28.45
C ASP B 127 19.38 -19.18 -29.34
N LEU B 128 20.40 -18.57 -29.96
CA LEU B 128 20.15 -17.45 -30.87
C LEU B 128 19.24 -17.86 -32.01
N TRP B 129 19.50 -19.04 -32.61
CA TRP B 129 18.63 -19.49 -33.70
C TRP B 129 17.21 -19.70 -33.21
N SER B 130 17.07 -20.28 -32.02
CA SER B 130 15.74 -20.53 -31.46
C SER B 130 14.98 -19.22 -31.25
N ILE B 131 15.65 -18.20 -30.70
CA ILE B 131 14.95 -16.95 -30.42
C ILE B 131 14.63 -16.21 -31.71
N GLN B 132 15.52 -16.25 -32.70
CA GLN B 132 15.21 -15.62 -33.98
C GLN B 132 14.04 -16.31 -34.68
N ASN B 133 14.03 -17.65 -34.66
CA ASN B 133 12.91 -18.39 -35.23
C ASN B 133 11.62 -18.10 -34.48
N LEU B 134 11.71 -17.96 -33.15
CA LEU B 134 10.52 -17.61 -32.37
C LEU B 134 10.00 -16.23 -32.78
N GLY B 135 10.89 -15.27 -33.00
CA GLY B 135 10.44 -13.95 -33.43
C GLY B 135 9.76 -13.98 -34.78
N THR B 136 10.37 -14.67 -35.74
CA THR B 136 9.77 -14.76 -37.07
C THR B 136 8.43 -15.49 -37.03
N LYS B 137 8.35 -16.59 -36.28
CA LYS B 137 7.10 -17.33 -36.16
C LYS B 137 6.05 -16.52 -35.43
N LEU B 138 6.45 -15.71 -34.46
CA LEU B 138 5.53 -14.81 -33.78
C LEU B 138 4.92 -13.82 -34.75
N ALA B 139 5.77 -13.19 -35.57
CA ALA B 139 5.27 -12.24 -36.56
C ALA B 139 4.32 -12.91 -37.53
N THR B 140 4.68 -14.10 -38.03
CA THR B 140 3.83 -14.82 -38.97
C THR B 140 2.50 -15.21 -38.34
N GLN B 141 2.55 -15.71 -37.10
CA GLN B 141 1.34 -16.19 -36.43
C GLN B 141 0.36 -15.06 -36.17
N MET B 142 0.86 -13.91 -35.69
CA MET B 142 -0.06 -12.79 -35.53
C MET B 142 -0.46 -12.15 -36.84
N ARG B 143 0.34 -12.26 -37.90
CA ARG B 143 -0.11 -11.78 -39.20
C ARG B 143 -1.28 -12.62 -39.71
N LYS B 144 -1.23 -13.92 -39.47
CA LYS B 144 -2.34 -14.79 -39.86
C LYS B 144 -3.49 -14.78 -38.86
N LEU B 145 -3.26 -14.29 -37.64
CA LEU B 145 -4.30 -14.26 -36.61
C LEU B 145 -5.09 -12.96 -36.64
N THR B 146 -4.43 -11.82 -36.76
CA THR B 146 -5.06 -10.52 -36.83
C THR B 146 -4.45 -9.71 -37.96
N SER B 147 -5.25 -8.80 -38.52
CA SER B 147 -4.81 -7.98 -39.65
C SER B 147 -4.30 -6.61 -39.23
N ASN B 148 -4.15 -6.37 -37.93
CA ASN B 148 -3.75 -5.05 -37.45
C ASN B 148 -2.57 -5.18 -36.49
N LEU B 149 -1.54 -5.94 -36.89
CA LEU B 149 -0.42 -6.26 -36.03
C LEU B 149 0.69 -5.22 -36.16
N ARG B 150 1.21 -4.78 -35.02
CA ARG B 150 2.40 -3.94 -34.94
C ARG B 150 3.43 -4.65 -34.08
N ILE B 151 4.64 -4.81 -34.61
CA ILE B 151 5.66 -5.63 -33.96
C ILE B 151 6.99 -4.89 -33.90
N GLY B 152 7.79 -5.23 -32.90
CA GLY B 152 9.10 -4.64 -32.70
C GLY B 152 9.85 -5.45 -31.67
N PHE B 153 11.12 -5.10 -31.45
CA PHE B 153 11.94 -5.90 -30.55
C PHE B 153 13.08 -5.08 -29.99
N GLY B 154 13.68 -5.61 -28.92
CA GLY B 154 14.83 -5.04 -28.26
C GLY B 154 15.72 -6.15 -27.73
N ALA B 155 16.77 -5.76 -27.00
CA ALA B 155 17.74 -6.73 -26.50
C ALA B 155 18.33 -6.25 -25.19
N PHE B 156 18.89 -7.20 -24.44
CA PHE B 156 19.51 -6.92 -23.16
C PHE B 156 20.62 -7.92 -22.90
N VAL B 157 21.59 -7.52 -22.08
CA VAL B 157 22.56 -8.48 -21.55
C VAL B 157 22.55 -8.43 -20.02
N ASP B 158 22.98 -7.30 -19.46
CA ASP B 158 23.09 -7.07 -18.03
C ASP B 158 23.62 -5.65 -17.83
N LYS B 159 23.69 -5.23 -16.57
CA LYS B 159 24.24 -3.93 -16.25
C LYS B 159 25.71 -3.87 -16.66
N PRO B 160 26.12 -2.89 -17.47
CA PRO B 160 27.53 -2.81 -17.90
C PRO B 160 28.43 -2.17 -16.85
N VAL B 161 28.67 -2.91 -15.76
CA VAL B 161 29.58 -2.49 -14.70
C VAL B 161 30.23 -3.73 -14.12
N SER B 162 31.32 -3.52 -13.40
CA SER B 162 31.95 -4.60 -12.66
C SER B 162 31.03 -5.00 -11.50
N PRO B 163 30.98 -6.30 -11.14
CA PRO B 163 31.74 -7.44 -11.68
C PRO B 163 31.09 -8.12 -12.88
N TYR B 164 30.01 -7.57 -13.43
CA TYR B 164 29.36 -8.21 -14.56
C TYR B 164 30.17 -8.05 -15.85
N MET B 165 30.73 -6.87 -16.08
CA MET B 165 31.47 -6.64 -17.31
C MET B 165 32.90 -7.14 -17.18
N TYR B 166 33.50 -7.44 -18.33
CA TYR B 166 34.94 -7.69 -18.43
C TYR B 166 35.62 -6.35 -18.68
N ILE B 167 36.04 -5.69 -17.60
CA ILE B 167 36.66 -4.37 -17.71
C ILE B 167 38.15 -4.44 -17.94
N SER B 168 38.73 -5.64 -18.06
CA SER B 168 40.15 -5.78 -18.29
C SER B 168 40.38 -7.09 -19.04
N PRO B 169 41.32 -7.15 -19.99
CA PRO B 169 42.23 -6.09 -20.46
C PRO B 169 41.50 -5.01 -21.25
N PRO B 170 42.15 -3.91 -21.62
CA PRO B 170 41.45 -2.87 -22.42
C PRO B 170 40.91 -3.39 -23.73
N GLU B 171 41.45 -4.48 -24.26
CA GLU B 171 40.89 -5.10 -25.45
C GLU B 171 39.59 -5.84 -25.19
N ALA B 172 39.26 -6.09 -23.92
CA ALA B 172 38.03 -6.78 -23.56
C ALA B 172 36.83 -5.83 -23.47
N LEU B 173 37.04 -4.52 -23.56
CA LEU B 173 35.92 -3.59 -23.52
C LEU B 173 35.13 -3.64 -24.82
N GLU B 174 35.82 -3.61 -25.96
CA GLU B 174 35.17 -3.73 -27.26
C GLU B 174 34.98 -5.17 -27.70
N ASN B 175 35.63 -6.12 -27.03
CA ASN B 175 35.53 -7.54 -27.39
C ASN B 175 35.57 -8.36 -26.11
N PRO B 176 34.41 -8.61 -25.49
CA PRO B 176 34.40 -9.35 -24.23
C PRO B 176 34.92 -10.77 -24.32
N CYS B 177 34.97 -11.35 -25.52
CA CYS B 177 35.51 -12.69 -25.72
C CYS B 177 37.02 -12.68 -26.01
N TYR B 178 37.71 -11.59 -25.66
CA TYR B 178 39.15 -11.53 -25.87
C TYR B 178 39.88 -12.58 -25.04
N ASP B 179 39.41 -12.82 -23.82
CA ASP B 179 40.05 -13.80 -22.95
C ASP B 179 39.94 -15.22 -23.53
N MET B 180 38.87 -15.50 -24.27
CA MET B 180 38.67 -16.81 -24.89
C MET B 180 39.03 -16.80 -26.37
N LYS B 181 39.60 -15.70 -26.87
CA LYS B 181 40.13 -15.64 -28.24
C LYS B 181 39.02 -15.77 -29.28
N THR B 182 37.94 -15.04 -29.08
CA THR B 182 36.84 -14.99 -30.03
C THR B 182 36.31 -13.55 -30.03
N THR B 183 35.38 -13.27 -30.93
CA THR B 183 34.80 -11.94 -31.09
C THR B 183 33.33 -11.96 -30.73
N CYS B 184 32.93 -11.04 -29.84
CA CYS B 184 31.53 -10.84 -29.50
C CYS B 184 31.26 -9.35 -29.38
N LEU B 185 29.98 -8.99 -29.43
CA LEU B 185 29.59 -7.60 -29.35
C LEU B 185 29.87 -7.05 -27.95
N PRO B 186 30.10 -5.75 -27.83
CA PRO B 186 30.28 -5.15 -26.50
C PRO B 186 29.03 -5.28 -25.65
N MET B 187 29.25 -5.34 -24.33
CA MET B 187 28.13 -5.49 -23.41
C MET B 187 27.30 -4.24 -23.26
N PHE B 188 26.00 -4.42 -23.13
CA PHE B 188 25.07 -3.31 -22.96
C PHE B 188 24.00 -3.73 -21.96
N GLY B 189 23.29 -2.74 -21.43
CA GLY B 189 22.23 -3.01 -20.49
C GLY B 189 20.91 -3.33 -21.17
N TYR B 190 20.44 -2.41 -21.99
CA TYR B 190 19.21 -2.60 -22.76
C TYR B 190 19.33 -1.81 -24.05
N LYS B 191 18.88 -2.39 -25.15
CA LYS B 191 18.98 -1.79 -26.47
C LYS B 191 17.65 -1.91 -27.19
N HIS B 192 16.98 -0.79 -27.39
CA HIS B 192 15.77 -0.77 -28.21
C HIS B 192 16.18 -0.75 -29.68
N VAL B 193 15.98 -1.86 -30.37
CA VAL B 193 16.50 -2.01 -31.72
C VAL B 193 15.47 -1.57 -32.76
N LEU B 194 14.24 -2.06 -32.66
CA LEU B 194 13.21 -1.76 -33.64
C LEU B 194 11.96 -1.25 -32.94
N THR B 195 11.45 -0.12 -33.40
CA THR B 195 10.17 0.40 -32.92
C THR B 195 9.04 -0.48 -33.42
N LEU B 196 7.91 -0.43 -32.71
CA LEU B 196 6.74 -1.20 -33.12
C LEU B 196 6.27 -0.75 -34.50
N THR B 197 6.47 -1.60 -35.50
CA THR B 197 6.13 -1.28 -36.88
C THR B 197 5.34 -2.43 -37.49
N ASP B 198 4.61 -2.12 -38.56
CA ASP B 198 3.85 -3.09 -39.31
C ASP B 198 4.67 -3.76 -40.41
N GLN B 199 5.96 -3.43 -40.52
CA GLN B 199 6.84 -4.01 -41.53
C GLN B 199 7.42 -5.31 -40.98
N VAL B 200 6.72 -6.41 -41.25
CA VAL B 200 7.14 -7.72 -40.77
C VAL B 200 8.46 -8.13 -41.43
N THR B 201 8.66 -7.77 -42.69
CA THR B 201 9.93 -8.07 -43.35
C THR B 201 11.08 -7.35 -42.68
N ARG B 202 10.88 -6.06 -42.35
CA ARG B 202 11.91 -5.31 -41.63
C ARG B 202 12.19 -5.93 -40.27
N PHE B 203 11.13 -6.34 -39.56
CA PHE B 203 11.31 -6.99 -38.26
C PHE B 203 12.12 -8.27 -38.41
N ASN B 204 11.82 -9.07 -39.43
CA ASN B 204 12.55 -10.32 -39.64
C ASN B 204 14.03 -10.06 -39.95
N GLU B 205 14.30 -9.08 -40.80
CA GLU B 205 15.70 -8.76 -41.13
C GLU B 205 16.46 -8.31 -39.88
N GLU B 206 15.85 -7.41 -39.10
CA GLU B 206 16.53 -6.91 -37.92
C GLU B 206 16.70 -8.00 -36.86
N VAL B 207 15.74 -8.90 -36.77
CA VAL B 207 15.84 -9.99 -35.81
C VAL B 207 16.99 -10.90 -36.22
N LYS B 208 17.07 -11.21 -37.51
CA LYS B 208 18.11 -12.12 -37.98
C LYS B 208 19.49 -11.48 -37.94
N LYS B 209 19.57 -10.15 -37.92
CA LYS B 209 20.88 -9.49 -37.86
C LYS B 209 21.51 -9.51 -36.47
N GLN B 210 20.80 -9.97 -35.44
CA GLN B 210 21.30 -9.85 -34.08
C GLN B 210 22.38 -10.88 -33.77
N SER B 211 23.26 -10.50 -32.85
CA SER B 211 24.33 -11.38 -32.38
C SER B 211 24.49 -11.19 -30.87
N VAL B 212 25.14 -12.16 -30.24
CA VAL B 212 25.20 -12.22 -28.78
C VAL B 212 26.40 -11.43 -28.27
N SER B 213 26.36 -11.12 -26.97
CA SER B 213 27.44 -10.45 -26.27
C SER B 213 27.87 -11.31 -25.09
N ARG B 214 28.72 -10.80 -24.19
CA ARG B 214 29.26 -11.62 -23.12
C ARG B 214 29.33 -10.84 -21.82
N ASN B 215 29.03 -11.53 -20.71
CA ASN B 215 29.31 -11.03 -19.37
C ASN B 215 29.79 -12.20 -18.52
N ARG B 216 29.82 -11.99 -17.20
CA ARG B 216 30.53 -12.88 -16.30
C ARG B 216 29.61 -13.85 -15.55
N ASP B 217 28.56 -13.36 -14.91
CA ASP B 217 27.73 -14.18 -14.04
C ASP B 217 26.48 -14.66 -14.78
N ALA B 218 25.92 -15.77 -14.28
CA ALA B 218 24.78 -16.38 -14.94
C ALA B 218 23.53 -15.50 -14.92
N PRO B 219 23.12 -14.90 -13.80
CA PRO B 219 21.92 -14.04 -13.84
C PRO B 219 22.13 -12.85 -14.76
N GLU B 220 21.04 -12.44 -15.40
CA GLU B 220 21.07 -11.37 -16.39
C GLU B 220 20.12 -10.25 -15.99
N GLY B 221 20.31 -9.09 -16.61
CA GLY B 221 19.48 -7.93 -16.33
C GLY B 221 18.28 -7.83 -17.25
N GLY B 222 17.46 -8.88 -17.30
CA GLY B 222 16.30 -8.87 -18.16
C GLY B 222 15.13 -8.08 -17.60
N PHE B 223 15.04 -7.99 -16.28
CA PHE B 223 13.95 -7.22 -15.67
C PHE B 223 14.13 -5.72 -15.89
N ASP B 224 15.38 -5.26 -15.96
CA ASP B 224 15.63 -3.87 -16.34
C ASP B 224 15.08 -3.59 -17.75
N ALA B 225 15.33 -4.51 -18.69
CA ALA B 225 14.80 -4.36 -20.03
C ALA B 225 13.28 -4.42 -20.03
N ILE B 226 12.70 -5.31 -19.22
CA ILE B 226 11.24 -5.41 -19.14
C ILE B 226 10.65 -4.09 -18.66
N MET B 227 11.21 -3.53 -17.59
CA MET B 227 10.72 -2.25 -17.08
C MET B 227 10.89 -1.13 -18.08
N GLN B 228 12.04 -1.08 -18.76
CA GLN B 228 12.26 -0.01 -19.74
C GLN B 228 11.28 -0.11 -20.89
N ALA B 229 11.07 -1.32 -21.42
CA ALA B 229 10.11 -1.49 -22.51
C ALA B 229 8.68 -1.21 -22.05
N THR B 230 8.39 -1.44 -20.76
CA THR B 230 7.05 -1.16 -20.26
C THR B 230 6.81 0.34 -20.10
N VAL B 231 7.82 1.07 -19.61
CA VAL B 231 7.61 2.48 -19.24
C VAL B 231 8.04 3.46 -20.32
N CYS B 232 8.73 3.03 -21.37
CA CYS B 232 9.10 3.93 -22.46
C CYS B 232 8.12 3.76 -23.62
N ASP B 233 6.92 4.31 -23.41
CA ASP B 233 5.84 4.15 -24.39
C ASP B 233 6.19 4.80 -25.72
N GLU B 234 6.69 6.03 -25.68
CA GLU B 234 7.02 6.74 -26.92
C GLU B 234 8.14 6.04 -27.67
N LYS B 235 9.16 5.55 -26.95
CA LYS B 235 10.27 4.88 -27.60
C LYS B 235 9.86 3.55 -28.20
N ILE B 236 9.12 2.73 -27.43
CA ILE B 236 8.76 1.40 -27.92
C ILE B 236 7.75 1.50 -29.05
N GLY B 237 6.75 2.38 -28.91
CA GLY B 237 5.72 2.51 -29.91
C GLY B 237 4.39 1.91 -29.54
N TRP B 238 4.08 1.77 -28.26
CA TRP B 238 2.82 1.17 -27.83
C TRP B 238 1.65 2.02 -28.30
N ARG B 239 0.60 1.36 -28.77
CA ARG B 239 -0.63 2.04 -29.18
C ARG B 239 -1.63 1.98 -28.05
N ASN B 240 -2.28 3.11 -27.77
CA ASN B 240 -3.22 3.18 -26.66
C ASN B 240 -4.41 2.26 -26.87
N ASP B 241 -4.99 2.26 -28.06
CA ASP B 241 -6.17 1.45 -28.36
C ASP B 241 -5.76 0.13 -29.03
N ALA B 242 -4.96 -0.65 -28.30
CA ALA B 242 -4.47 -1.93 -28.82
C ALA B 242 -4.07 -2.81 -27.65
N SER B 243 -3.88 -4.09 -27.95
CA SER B 243 -3.46 -5.07 -26.96
C SER B 243 -1.94 -5.22 -27.01
N HIS B 244 -1.30 -5.06 -25.85
CA HIS B 244 0.15 -5.06 -25.76
C HIS B 244 0.64 -6.39 -25.19
N LEU B 245 1.48 -7.07 -25.95
CA LEU B 245 2.13 -8.30 -25.50
C LEU B 245 3.63 -8.09 -25.46
N LEU B 246 4.23 -8.36 -24.31
CA LEU B 246 5.68 -8.29 -24.14
C LEU B 246 6.19 -9.72 -23.99
N VAL B 247 7.00 -10.15 -24.94
CA VAL B 247 7.55 -11.50 -24.94
C VAL B 247 8.99 -11.41 -24.45
N PHE B 248 9.26 -12.02 -23.30
CA PHE B 248 10.56 -11.99 -22.65
C PHE B 248 11.24 -13.34 -22.86
N THR B 249 12.44 -13.31 -23.45
CA THR B 249 13.18 -14.51 -23.78
C THR B 249 14.49 -14.52 -23.00
N THR B 250 14.79 -15.66 -22.39
CA THR B 250 16.04 -15.83 -21.64
C THR B 250 16.27 -17.32 -21.44
N ASP B 251 17.44 -17.65 -20.90
CA ASP B 251 17.82 -19.03 -20.67
C ASP B 251 18.50 -19.25 -19.33
N ALA B 252 18.52 -18.24 -18.45
CA ALA B 252 19.19 -18.34 -17.17
C ALA B 252 18.36 -17.64 -16.11
N LYS B 253 18.89 -17.61 -14.89
CA LYS B 253 18.24 -16.88 -13.82
C LYS B 253 18.30 -15.38 -14.11
N THR B 254 17.62 -14.60 -13.27
CA THR B 254 17.51 -13.17 -13.47
C THR B 254 17.99 -12.42 -12.24
N HIS B 255 18.69 -11.31 -12.48
CA HIS B 255 19.03 -10.40 -11.40
C HIS B 255 17.77 -9.69 -10.92
N ILE B 256 17.67 -9.53 -9.60
CA ILE B 256 16.49 -8.91 -8.99
C ILE B 256 16.93 -7.68 -8.21
N ALA B 257 15.99 -7.00 -7.56
CA ALA B 257 16.32 -5.83 -6.76
C ALA B 257 17.23 -6.23 -5.61
N LEU B 258 18.09 -5.29 -5.21
CA LEU B 258 19.11 -5.42 -4.18
C LEU B 258 20.28 -6.28 -4.62
N ASP B 259 20.31 -6.74 -5.87
CA ASP B 259 21.48 -7.40 -6.43
C ASP B 259 22.59 -6.41 -6.78
N GLY B 260 22.24 -5.14 -6.99
CA GLY B 260 23.20 -4.14 -7.43
C GLY B 260 24.15 -3.64 -6.37
N ARG B 261 23.92 -4.01 -5.10
CA ARG B 261 24.85 -3.59 -4.05
C ARG B 261 26.23 -4.19 -4.27
N LEU B 262 26.30 -5.38 -4.86
CA LEU B 262 27.60 -5.97 -5.19
C LEU B 262 28.33 -5.12 -6.23
N ALA B 263 27.61 -4.61 -7.22
CA ALA B 263 28.19 -3.73 -8.22
C ALA B 263 28.36 -2.30 -7.73
N GLY B 264 27.84 -1.98 -6.54
CA GLY B 264 27.94 -0.63 -6.03
C GLY B 264 26.75 0.24 -6.32
N ILE B 265 25.64 -0.34 -6.74
CA ILE B 265 24.43 0.41 -7.09
C ILE B 265 23.42 0.22 -5.96
N VAL B 266 23.09 1.31 -5.28
CA VAL B 266 22.18 1.28 -4.14
C VAL B 266 20.96 2.17 -4.37
N GLN B 267 20.79 2.71 -5.57
CA GLN B 267 19.65 3.55 -5.88
C GLN B 267 18.51 2.70 -6.42
N PRO B 268 17.34 2.71 -5.80
CA PRO B 268 16.24 1.87 -6.28
C PRO B 268 15.73 2.34 -7.64
N ASN B 269 15.17 1.40 -8.39
CA ASN B 269 14.54 1.73 -9.66
C ASN B 269 13.29 2.57 -9.41
N ASP B 270 13.19 3.71 -10.08
CA ASP B 270 12.07 4.62 -9.89
C ASP B 270 10.96 4.43 -10.90
N GLY B 271 11.14 3.55 -11.88
CA GLY B 271 10.10 3.28 -12.85
C GLY B 271 10.00 4.27 -13.99
N GLN B 272 10.85 5.28 -14.04
CA GLN B 272 10.81 6.25 -15.13
C GLN B 272 11.56 5.72 -16.35
N CYS B 273 11.35 6.38 -17.48
CA CYS B 273 11.98 6.02 -18.74
C CYS B 273 13.37 6.65 -18.83
N HIS B 274 14.36 5.84 -19.20
CA HIS B 274 15.73 6.30 -19.32
C HIS B 274 16.37 5.87 -20.63
N VAL B 275 15.56 5.77 -21.69
CA VAL B 275 16.05 5.42 -23.01
C VAL B 275 16.05 6.68 -23.87
N GLY B 276 17.24 7.10 -24.28
CA GLY B 276 17.41 8.33 -25.04
C GLY B 276 17.41 8.09 -26.54
N SER B 277 18.01 9.05 -27.25
CA SER B 277 18.08 8.96 -28.71
C SER B 277 19.06 7.88 -29.17
N ASP B 278 19.95 7.41 -28.30
CA ASP B 278 20.88 6.35 -28.64
C ASP B 278 20.29 4.97 -28.45
N ASN B 279 19.02 4.88 -28.04
CA ASN B 279 18.32 3.60 -27.87
C ASN B 279 19.01 2.71 -26.85
N HIS B 280 19.51 3.32 -25.79
CA HIS B 280 20.23 2.60 -24.74
C HIS B 280 19.69 3.00 -23.37
N TYR B 281 19.70 2.05 -22.44
CA TYR B 281 19.31 2.30 -21.06
C TYR B 281 20.42 3.08 -20.38
N SER B 282 20.25 4.40 -20.27
CA SER B 282 21.30 5.25 -19.75
C SER B 282 21.47 5.14 -18.24
N ALA B 283 20.46 4.65 -17.52
CA ALA B 283 20.53 4.49 -16.08
C ALA B 283 20.87 3.05 -15.67
N SER B 284 21.42 2.27 -16.60
CA SER B 284 21.75 0.88 -16.30
C SER B 284 22.84 0.78 -15.22
N THR B 285 23.84 1.64 -15.27
CA THR B 285 24.96 1.59 -14.35
C THR B 285 24.75 2.41 -13.08
N THR B 286 23.61 3.10 -12.96
CA THR B 286 23.33 3.93 -11.80
C THR B 286 22.09 3.51 -11.01
N MET B 287 21.19 2.74 -11.60
CA MET B 287 19.94 2.35 -10.97
C MET B 287 19.92 0.85 -10.76
N ASP B 288 19.35 0.42 -9.63
CA ASP B 288 19.29 -0.98 -9.27
C ASP B 288 18.25 -1.71 -10.13
N TYR B 289 18.31 -3.04 -10.10
CA TYR B 289 17.34 -3.85 -10.83
C TYR B 289 15.94 -3.64 -10.23
N PRO B 290 14.90 -3.71 -11.06
CA PRO B 290 13.55 -3.48 -10.54
C PRO B 290 13.06 -4.65 -9.70
N SER B 291 12.16 -4.34 -8.79
CA SER B 291 11.54 -5.36 -7.95
C SER B 291 10.28 -5.90 -8.60
N LEU B 292 9.84 -7.06 -8.12
CA LEU B 292 8.65 -7.70 -8.68
C LEU B 292 7.42 -6.85 -8.46
N GLY B 293 7.31 -6.20 -7.30
CA GLY B 293 6.16 -5.34 -7.05
C GLY B 293 6.08 -4.18 -8.02
N LEU B 294 7.21 -3.50 -8.23
CA LEU B 294 7.24 -2.39 -9.17
C LEU B 294 6.99 -2.85 -10.60
N MET B 295 7.54 -4.01 -10.97
CA MET B 295 7.29 -4.56 -12.30
C MET B 295 5.80 -4.85 -12.50
N THR B 296 5.17 -5.46 -11.51
CA THR B 296 3.74 -5.75 -11.62
C THR B 296 2.93 -4.47 -11.68
N GLU B 297 3.29 -3.46 -10.88
CA GLU B 297 2.56 -2.20 -10.91
C GLU B 297 2.67 -1.54 -12.28
N LYS B 298 3.87 -1.51 -12.86
CA LYS B 298 4.04 -0.88 -14.17
C LYS B 298 3.32 -1.67 -15.25
N LEU B 299 3.37 -3.00 -15.19
CA LEU B 299 2.66 -3.81 -16.17
C LEU B 299 1.16 -3.58 -16.10
N SER B 300 0.60 -3.52 -14.89
CA SER B 300 -0.83 -3.24 -14.74
C SER B 300 -1.17 -1.84 -15.22
N GLN B 301 -0.30 -0.86 -14.93
CA GLN B 301 -0.56 0.51 -15.35
C GLN B 301 -0.56 0.64 -16.87
N LYS B 302 0.37 -0.03 -17.54
CA LYS B 302 0.50 0.09 -18.99
C LYS B 302 -0.31 -0.96 -19.75
N ASN B 303 -0.99 -1.86 -19.05
CA ASN B 303 -1.83 -2.89 -19.66
C ASN B 303 -1.01 -3.75 -20.63
N ILE B 304 0.11 -4.25 -20.14
CA ILE B 304 1.04 -5.05 -20.94
C ILE B 304 1.00 -6.48 -20.41
N ASN B 305 0.78 -7.44 -21.32
CA ASN B 305 0.69 -8.85 -20.98
C ASN B 305 2.06 -9.47 -21.14
N LEU B 306 2.76 -9.66 -20.01
CA LEU B 306 4.09 -10.24 -20.03
C LEU B 306 4.01 -11.74 -20.36
N ILE B 307 4.90 -12.18 -21.23
CA ILE B 307 4.99 -13.59 -21.61
C ILE B 307 6.44 -14.03 -21.48
N PHE B 308 6.67 -15.11 -20.74
CA PHE B 308 8.01 -15.66 -20.53
C PHE B 308 8.22 -16.80 -21.51
N ALA B 309 9.14 -16.62 -22.45
CA ALA B 309 9.57 -17.66 -23.38
C ALA B 309 10.97 -18.07 -22.96
N VAL B 310 11.06 -19.03 -22.04
CA VAL B 310 12.31 -19.40 -21.41
C VAL B 310 12.63 -20.84 -21.73
N THR B 311 13.91 -21.19 -21.61
CA THR B 311 14.35 -22.54 -21.88
C THR B 311 13.88 -23.48 -20.77
N GLU B 312 14.03 -24.78 -21.02
CA GLU B 312 13.47 -25.80 -20.13
C GLU B 312 14.09 -25.74 -18.74
N ASN B 313 15.38 -25.41 -18.66
CA ASN B 313 16.07 -25.41 -17.37
C ASN B 313 15.55 -24.35 -16.40
N VAL B 314 14.87 -23.33 -16.90
CA VAL B 314 14.37 -22.24 -16.07
C VAL B 314 12.85 -22.10 -16.14
N VAL B 315 12.17 -23.10 -16.72
CA VAL B 315 10.71 -23.02 -16.86
C VAL B 315 10.06 -22.96 -15.49
N ASN B 316 10.48 -23.82 -14.56
CA ASN B 316 9.87 -23.82 -13.23
C ASN B 316 10.16 -22.53 -12.47
N LEU B 317 11.39 -22.02 -12.59
CA LEU B 317 11.74 -20.77 -11.92
C LEU B 317 10.89 -19.62 -12.42
N TYR B 318 10.71 -19.51 -13.74
CA TYR B 318 9.91 -18.43 -14.26
C TYR B 318 8.42 -18.67 -14.10
N GLN B 319 7.98 -19.93 -13.97
CA GLN B 319 6.60 -20.19 -13.59
C GLN B 319 6.31 -19.69 -12.19
N ASN B 320 7.24 -19.92 -11.26
CA ASN B 320 7.08 -19.38 -9.91
C ASN B 320 7.15 -17.85 -9.91
N TYR B 321 8.03 -17.28 -10.74
CA TYR B 321 8.06 -15.83 -10.89
C TYR B 321 6.72 -15.30 -11.41
N SER B 322 6.13 -15.97 -12.39
CA SER B 322 4.84 -15.55 -12.92
C SER B 322 3.72 -15.76 -11.92
N GLU B 323 3.86 -16.74 -11.03
CA GLU B 323 2.93 -16.85 -9.91
C GLU B 323 3.04 -15.61 -9.02
N LEU B 324 4.26 -15.14 -8.78
CA LEU B 324 4.45 -13.89 -8.05
C LEU B 324 3.98 -12.67 -8.84
N ILE B 325 3.86 -12.77 -10.16
CA ILE B 325 3.41 -11.64 -10.99
C ILE B 325 2.11 -12.02 -11.68
N PRO B 326 0.95 -11.72 -11.10
CA PRO B 326 -0.32 -12.15 -11.69
C PRO B 326 -0.53 -11.58 -13.08
N GLY B 327 -1.13 -12.40 -13.94
CA GLY B 327 -1.37 -12.02 -15.32
C GLY B 327 -0.26 -12.38 -16.28
N THR B 328 0.70 -13.21 -15.87
CA THR B 328 1.85 -13.55 -16.68
C THR B 328 1.85 -15.05 -16.98
N THR B 329 2.15 -15.40 -18.22
CA THR B 329 2.23 -16.79 -18.65
C THR B 329 3.67 -17.13 -19.05
N VAL B 330 3.99 -18.41 -18.93
CA VAL B 330 5.35 -18.91 -19.16
C VAL B 330 5.29 -20.02 -20.21
N GLY B 331 6.21 -19.96 -21.17
CA GLY B 331 6.30 -20.98 -22.19
C GLY B 331 7.73 -21.47 -22.36
N VAL B 332 7.84 -22.62 -23.00
CA VAL B 332 9.13 -23.27 -23.20
C VAL B 332 9.69 -22.84 -24.55
N LEU B 333 10.88 -22.24 -24.54
CA LEU B 333 11.58 -21.89 -25.76
C LEU B 333 12.46 -23.06 -26.17
N SER B 334 12.29 -23.51 -27.42
CA SER B 334 12.99 -24.67 -27.91
C SER B 334 13.15 -24.54 -29.43
N MET B 335 13.51 -25.64 -30.08
CA MET B 335 13.63 -25.64 -31.53
C MET B 335 12.30 -25.31 -32.19
N ASP B 336 11.21 -25.85 -31.65
CA ASP B 336 9.86 -25.50 -32.07
C ASP B 336 9.25 -24.49 -31.10
N SER B 337 8.43 -23.59 -31.64
CA SER B 337 7.84 -22.51 -30.86
C SER B 337 6.36 -22.77 -30.55
N SER B 338 5.96 -24.04 -30.46
CA SER B 338 4.55 -24.37 -30.29
C SER B 338 3.99 -23.81 -28.98
N ASN B 339 4.75 -23.92 -27.89
CA ASN B 339 4.26 -23.47 -26.59
C ASN B 339 4.03 -21.96 -26.58
N VAL B 340 5.03 -21.20 -27.03
CA VAL B 340 4.90 -19.75 -27.01
C VAL B 340 3.83 -19.30 -27.99
N LEU B 341 3.74 -19.96 -29.16
CA LEU B 341 2.70 -19.60 -30.11
C LEU B 341 1.32 -19.89 -29.56
N GLN B 342 1.15 -20.99 -28.83
CA GLN B 342 -0.14 -21.28 -28.20
C GLN B 342 -0.47 -20.24 -27.13
N LEU B 343 0.52 -19.80 -26.36
CA LEU B 343 0.28 -18.74 -25.39
C LEU B 343 -0.16 -17.45 -26.08
N ILE B 344 0.48 -17.12 -27.20
CA ILE B 344 0.11 -15.94 -27.96
C ILE B 344 -1.31 -16.05 -28.49
N VAL B 345 -1.68 -17.23 -28.99
CA VAL B 345 -3.04 -17.45 -29.49
C VAL B 345 -4.05 -17.28 -28.37
N ASP B 346 -3.76 -17.85 -27.20
CA ASP B 346 -4.68 -17.70 -26.07
C ASP B 346 -4.79 -16.25 -25.62
N ALA B 347 -3.67 -15.52 -25.61
CA ALA B 347 -3.71 -14.12 -25.22
C ALA B 347 -4.54 -13.30 -26.21
N TYR B 348 -4.42 -13.58 -27.51
CA TYR B 348 -5.25 -12.90 -28.49
C TYR B 348 -6.72 -13.27 -28.31
N GLY B 349 -7.01 -14.54 -28.01
CA GLY B 349 -8.38 -14.97 -27.79
C GLY B 349 -8.98 -14.42 -26.52
N LYS B 350 -8.16 -13.95 -25.58
CA LYS B 350 -8.64 -13.35 -24.35
C LYS B 350 -8.85 -11.85 -24.46
N ILE B 351 -8.99 -11.39 -25.70
CA ILE B 351 -9.19 -9.98 -25.96
C ILE B 351 -10.66 -9.74 -26.09
N ARG B 352 -11.17 -8.77 -25.42
CA ARG B 352 -12.56 -8.51 -25.40
C ARG B 352 -12.75 -7.05 -25.72
N SER B 353 -13.66 -6.73 -26.60
CA SER B 353 -13.87 -5.35 -27.05
C SER B 353 -15.13 -4.72 -26.47
N LYS B 354 -15.10 -3.40 -26.31
CA LYS B 354 -16.27 -2.70 -25.80
C LYS B 354 -16.77 -1.72 -26.86
N VAL B 355 -18.09 -1.58 -26.95
CA VAL B 355 -18.71 -0.69 -27.93
C VAL B 355 -19.22 0.52 -27.15
N GLU B 356 -18.43 1.58 -27.13
CA GLU B 356 -18.80 2.81 -26.46
C GLU B 356 -19.46 3.74 -27.46
N LEU B 357 -20.75 4.00 -27.27
CA LEU B 357 -21.48 4.89 -28.15
C LEU B 357 -21.11 6.34 -27.85
N GLU B 358 -20.82 7.11 -28.89
CA GLU B 358 -20.56 8.53 -28.76
C GLU B 358 -21.40 9.28 -29.78
N VAL B 359 -21.85 10.47 -29.40
CA VAL B 359 -22.68 11.32 -30.25
C VAL B 359 -21.91 12.60 -30.51
N ARG B 360 -21.80 12.97 -31.78
CA ARG B 360 -21.09 14.17 -32.19
C ARG B 360 -22.06 15.18 -32.79
N ASP B 361 -21.76 16.46 -32.56
CA ASP B 361 -22.54 17.61 -33.02
C ASP B 361 -24.04 17.38 -32.92
N LEU B 362 -24.49 16.80 -31.82
CA LEU B 362 -25.91 16.63 -31.58
C LEU B 362 -26.55 18.00 -31.34
N PRO B 363 -27.65 18.32 -32.02
CA PRO B 363 -28.33 19.59 -31.75
C PRO B 363 -28.82 19.67 -30.31
N GLU B 364 -28.78 20.89 -29.77
CA GLU B 364 -29.18 21.09 -28.38
C GLU B 364 -30.64 20.73 -28.16
N GLU B 365 -31.51 21.10 -29.11
CA GLU B 365 -32.93 20.82 -28.96
C GLU B 365 -33.21 19.32 -28.93
N LEU B 366 -32.36 18.52 -29.55
CA LEU B 366 -32.56 17.08 -29.58
C LEU B 366 -32.01 16.42 -28.33
N SER B 367 -32.67 15.34 -27.92
CA SER B 367 -32.26 14.54 -26.78
C SER B 367 -32.28 13.07 -27.16
N LEU B 368 -31.42 12.29 -26.52
CA LEU B 368 -31.25 10.89 -26.85
C LEU B 368 -31.37 10.03 -25.61
N SER B 369 -31.98 8.85 -25.77
CA SER B 369 -32.08 7.85 -24.72
C SER B 369 -31.57 6.52 -25.27
N PHE B 370 -30.81 5.79 -24.46
CA PHE B 370 -30.10 4.61 -24.92
C PHE B 370 -30.53 3.39 -24.12
N ASN B 371 -30.89 2.33 -24.84
CA ASN B 371 -31.13 1.02 -24.26
C ASN B 371 -30.10 0.05 -24.80
N ALA B 372 -29.39 -0.62 -23.90
CA ALA B 372 -28.33 -1.54 -24.28
C ALA B 372 -28.84 -2.98 -24.17
N THR B 373 -28.76 -3.71 -25.28
CA THR B 373 -29.08 -5.13 -25.30
C THR B 373 -27.78 -5.88 -25.51
N CYS B 374 -27.08 -6.13 -24.40
CA CYS B 374 -25.78 -6.78 -24.46
C CYS B 374 -25.96 -8.29 -24.63
N LEU B 375 -24.88 -9.04 -24.42
CA LEU B 375 -24.93 -10.49 -24.55
C LEU B 375 -25.88 -11.14 -23.56
N ASN B 376 -26.17 -10.47 -22.44
CA ASN B 376 -27.13 -11.00 -21.48
C ASN B 376 -28.56 -10.99 -22.01
N ASN B 377 -28.79 -10.33 -23.14
CA ASN B 377 -30.12 -10.19 -23.74
C ASN B 377 -31.10 -9.48 -22.81
N GLU B 378 -30.57 -8.70 -21.86
CA GLU B 378 -31.39 -7.95 -20.92
C GLU B 378 -31.29 -6.47 -21.26
N VAL B 379 -32.43 -5.86 -21.54
CA VAL B 379 -32.45 -4.44 -21.89
C VAL B 379 -32.13 -3.63 -20.65
N ILE B 380 -31.05 -2.85 -20.73
CA ILE B 380 -30.62 -2.03 -19.60
C ILE B 380 -30.73 -0.56 -20.01
N PRO B 381 -31.84 0.11 -19.70
CA PRO B 381 -31.97 1.51 -20.06
C PRO B 381 -30.96 2.37 -19.33
N GLY B 382 -30.56 3.46 -19.98
CA GLY B 382 -29.55 4.34 -19.44
C GLY B 382 -28.12 3.89 -19.64
N LEU B 383 -27.91 2.75 -20.30
CA LEU B 383 -26.59 2.23 -20.58
C LEU B 383 -26.38 2.14 -22.09
N LYS B 384 -25.18 2.50 -22.54
CA LYS B 384 -24.89 2.59 -23.96
C LYS B 384 -23.62 1.87 -24.36
N SER B 385 -22.89 1.11 -23.46
CA SER B 385 -21.60 0.49 -23.75
C SER B 385 -21.56 -0.90 -23.13
N CYS B 386 -21.88 -1.92 -23.92
CA CYS B 386 -21.73 -3.29 -23.46
C CYS B 386 -20.25 -3.67 -23.42
N MET B 387 -19.94 -4.72 -22.65
CA MET B 387 -18.58 -5.15 -22.46
C MET B 387 -18.46 -6.61 -22.90
N GLY B 388 -17.25 -7.14 -22.85
CA GLY B 388 -17.01 -8.47 -23.38
C GLY B 388 -16.81 -8.41 -24.87
N LEU B 389 -17.65 -9.12 -25.61
CA LEU B 389 -17.70 -9.05 -27.07
C LEU B 389 -16.47 -9.66 -27.73
N LYS B 390 -16.68 -10.30 -28.89
CA LYS B 390 -15.61 -10.96 -29.61
C LYS B 390 -15.79 -10.66 -31.10
N ILE B 391 -14.91 -11.21 -31.93
CA ILE B 391 -15.02 -10.94 -33.36
C ILE B 391 -16.23 -11.66 -33.92
N GLY B 392 -17.08 -10.93 -34.64
CA GLY B 392 -18.28 -11.51 -35.19
C GLY B 392 -19.46 -11.33 -34.26
N ASP B 393 -19.18 -11.16 -32.97
CA ASP B 393 -20.26 -11.01 -32.00
C ASP B 393 -21.00 -9.71 -32.27
N THR B 394 -22.31 -9.72 -32.06
CA THR B 394 -23.14 -8.56 -32.34
C THR B 394 -23.79 -8.05 -31.06
N VAL B 395 -24.04 -6.75 -31.03
CA VAL B 395 -24.79 -6.09 -29.97
C VAL B 395 -25.78 -5.15 -30.63
N SER B 396 -26.85 -4.83 -29.90
CA SER B 396 -27.90 -3.98 -30.44
C SER B 396 -28.24 -2.88 -29.45
N PHE B 397 -28.67 -1.75 -29.98
CA PHE B 397 -29.10 -0.62 -29.17
C PHE B 397 -30.41 -0.08 -29.70
N SER B 398 -31.27 0.35 -28.78
CA SER B 398 -32.50 1.05 -29.11
C SER B 398 -32.35 2.49 -28.64
N ILE B 399 -32.34 3.42 -29.58
CA ILE B 399 -32.14 4.84 -29.28
C ILE B 399 -33.42 5.57 -29.63
N GLU B 400 -33.97 6.30 -28.66
CA GLU B 400 -35.15 7.12 -28.85
C GLU B 400 -34.75 8.58 -28.78
N ALA B 401 -35.07 9.33 -29.84
CA ALA B 401 -34.68 10.72 -29.96
C ALA B 401 -35.89 11.61 -29.72
N LYS B 402 -35.74 12.56 -28.81
CA LYS B 402 -36.77 13.55 -28.52
C LYS B 402 -36.21 14.95 -28.71
N VAL B 403 -37.02 15.82 -29.31
CA VAL B 403 -36.61 17.19 -29.62
C VAL B 403 -37.53 18.14 -28.87
N ARG B 404 -36.92 19.10 -28.17
CA ARG B 404 -37.68 20.12 -27.46
C ARG B 404 -38.11 21.19 -28.44
N GLY B 405 -39.41 21.25 -28.74
CA GLY B 405 -39.90 22.22 -29.70
C GLY B 405 -39.33 21.95 -31.07
N CYS B 406 -39.08 23.03 -31.83
CA CYS B 406 -38.50 22.90 -33.16
C CYS B 406 -37.66 24.13 -33.46
N PRO B 407 -36.48 23.96 -34.06
CA PRO B 407 -35.68 25.13 -34.43
C PRO B 407 -36.07 25.66 -35.80
N GLN B 408 -35.43 26.73 -36.24
CA GLN B 408 -35.66 27.29 -37.56
C GLN B 408 -34.73 26.71 -38.62
N GLU B 409 -33.85 25.77 -38.24
CA GLU B 409 -32.95 25.16 -39.20
C GLU B 409 -33.70 24.30 -40.21
N LYS B 410 -34.79 23.66 -39.78
CA LYS B 410 -35.62 22.80 -40.63
C LYS B 410 -34.87 21.56 -41.09
N GLU B 411 -33.61 21.43 -40.69
CA GLU B 411 -32.81 20.26 -41.03
C GLU B 411 -31.58 20.24 -40.15
N LYS B 412 -31.38 19.14 -39.43
CA LYS B 412 -30.19 18.95 -38.62
C LYS B 412 -29.67 17.53 -38.82
N SER B 413 -28.37 17.35 -38.63
CA SER B 413 -27.74 16.05 -38.81
C SER B 413 -26.65 15.87 -37.76
N PHE B 414 -26.64 14.69 -37.14
CA PHE B 414 -25.59 14.33 -36.21
C PHE B 414 -25.13 12.91 -36.52
N THR B 415 -23.89 12.61 -36.14
CA THR B 415 -23.27 11.33 -36.43
C THR B 415 -23.20 10.50 -35.16
N ILE B 416 -23.71 9.27 -35.23
CA ILE B 416 -23.62 8.32 -34.13
C ILE B 416 -22.48 7.37 -34.44
N LYS B 417 -21.46 7.36 -33.59
CA LYS B 417 -20.28 6.57 -33.82
C LYS B 417 -19.95 5.74 -32.59
N PRO B 418 -19.54 4.49 -32.76
CA PRO B 418 -18.98 3.73 -31.64
C PRO B 418 -17.50 4.02 -31.50
N VAL B 419 -17.07 4.17 -30.25
CA VAL B 419 -15.70 4.57 -29.97
C VAL B 419 -14.74 3.52 -30.46
N GLY B 420 -13.76 3.94 -31.27
CA GLY B 420 -12.79 3.03 -31.84
C GLY B 420 -13.25 2.30 -33.07
N PHE B 421 -14.36 2.70 -33.68
CA PHE B 421 -14.92 2.04 -34.84
C PHE B 421 -14.81 2.96 -36.05
N LYS B 422 -14.34 2.40 -37.17
CA LYS B 422 -14.22 3.18 -38.39
C LYS B 422 -15.59 3.64 -38.89
N ASP B 423 -16.56 2.72 -38.93
CA ASP B 423 -17.88 3.06 -39.44
C ASP B 423 -18.63 3.93 -38.44
N SER B 424 -19.70 4.55 -38.93
CA SER B 424 -20.53 5.41 -38.10
C SER B 424 -21.93 5.50 -38.70
N LEU B 425 -22.86 5.95 -37.86
CA LEU B 425 -24.23 6.14 -38.32
C LEU B 425 -24.58 7.61 -38.33
N ILE B 426 -25.09 8.10 -39.44
CA ILE B 426 -25.48 9.49 -39.60
C ILE B 426 -27.00 9.55 -39.69
N VAL B 427 -27.53 10.71 -39.33
CA VAL B 427 -28.96 10.94 -39.38
C VAL B 427 -29.27 12.16 -40.22
N GLN B 428 -30.53 12.29 -40.60
CA GLN B 428 -31.02 13.50 -41.28
C GLN B 428 -32.30 13.90 -40.54
N VAL B 429 -32.13 14.66 -39.46
CA VAL B 429 -33.26 15.05 -38.64
C VAL B 429 -33.99 16.20 -39.32
N THR B 430 -35.08 15.88 -40.00
CA THR B 430 -35.90 16.86 -40.70
C THR B 430 -37.06 17.27 -39.80
N PHE B 431 -36.92 18.42 -39.14
CA PHE B 431 -37.95 18.94 -38.26
C PHE B 431 -39.09 19.45 -39.13
N ASP B 432 -40.30 18.92 -38.92
CA ASP B 432 -41.47 19.47 -39.60
C ASP B 432 -41.68 20.92 -39.18
N CYS B 433 -41.99 21.14 -37.90
CA CYS B 433 -42.04 22.48 -37.30
C CYS B 433 -43.10 23.36 -37.95
N ASP B 434 -43.83 22.82 -38.92
CA ASP B 434 -44.89 23.54 -39.61
C ASP B 434 -45.76 22.55 -40.38
N CYS B 435 -46.78 23.06 -41.08
CA CYS B 435 -47.75 22.23 -41.77
C CYS B 435 -47.57 22.39 -43.28
N ALA B 436 -47.96 21.34 -44.01
CA ALA B 436 -47.88 21.38 -45.46
C ALA B 436 -48.77 22.46 -46.05
N CYS B 437 -49.93 22.70 -45.44
CA CYS B 437 -50.82 23.76 -45.90
C CYS B 437 -50.25 25.15 -45.69
N GLN B 438 -49.23 25.30 -44.85
CA GLN B 438 -48.65 26.61 -44.58
C GLN B 438 -47.87 27.15 -45.77
N ALA B 439 -47.42 26.28 -46.67
CA ALA B 439 -46.73 26.74 -47.87
C ALA B 439 -47.70 27.49 -48.79
N GLN B 440 -48.98 27.15 -48.74
CA GLN B 440 -50.02 27.80 -49.53
C GLN B 440 -50.72 28.90 -48.75
N ALA B 441 -50.02 29.52 -47.81
CA ALA B 441 -50.61 30.56 -46.98
C ALA B 441 -50.92 31.80 -47.81
N GLU B 442 -51.86 32.60 -47.31
CA GLU B 442 -52.28 33.84 -47.97
C GLU B 442 -51.69 35.00 -47.19
N PRO B 443 -51.12 36.02 -47.85
CA PRO B 443 -50.34 37.04 -47.13
C PRO B 443 -51.11 37.79 -46.05
N ASN B 444 -52.18 38.49 -46.41
CA ASN B 444 -52.88 39.33 -45.44
C ASN B 444 -54.19 39.82 -46.04
N SER B 445 -55.16 40.08 -45.15
CA SER B 445 -56.47 40.57 -45.52
C SER B 445 -57.13 39.70 -46.57
N HIS B 446 -57.75 40.33 -47.58
CA HIS B 446 -58.29 39.63 -48.74
C HIS B 446 -59.26 38.52 -48.34
N ARG B 447 -58.76 37.29 -48.29
CA ARG B 447 -59.62 36.15 -48.01
C ARG B 447 -60.19 36.20 -46.60
N CYS B 448 -59.43 36.72 -45.64
CA CYS B 448 -59.89 36.81 -44.25
C CYS B 448 -60.85 37.99 -44.07
N ASN B 449 -62.00 37.88 -44.73
CA ASN B 449 -63.08 38.86 -44.60
C ASN B 449 -62.61 40.27 -44.90
N ASN B 450 -63.30 41.27 -44.35
CA ASN B 450 -62.90 42.66 -44.51
C ASN B 450 -61.69 43.03 -43.67
N GLY B 451 -61.31 42.18 -42.72
CA GLY B 451 -60.18 42.49 -41.85
C GLY B 451 -58.86 42.36 -42.57
N ASN B 452 -57.80 42.76 -41.88
CA ASN B 452 -56.45 42.79 -42.42
C ASN B 452 -55.50 41.92 -41.61
N GLY B 453 -55.98 40.74 -41.19
CA GLY B 453 -55.13 39.80 -40.50
C GLY B 453 -54.34 38.94 -41.46
N THR B 454 -54.28 37.64 -41.22
CA THR B 454 -53.68 36.71 -42.17
C THR B 454 -54.40 35.38 -42.09
N PHE B 455 -54.62 34.76 -43.25
CA PHE B 455 -55.41 33.55 -43.36
C PHE B 455 -54.55 32.44 -43.94
N GLU B 456 -54.51 31.30 -43.25
CA GLU B 456 -53.74 30.16 -43.71
C GLU B 456 -54.30 28.88 -43.11
N CYS B 457 -54.18 27.79 -43.87
CA CYS B 457 -54.60 26.46 -43.43
C CYS B 457 -56.07 26.45 -43.01
N GLY B 458 -56.90 27.15 -43.78
CA GLY B 458 -58.33 27.17 -43.52
C GLY B 458 -58.75 28.00 -42.33
N VAL B 459 -57.82 28.68 -41.66
CA VAL B 459 -58.10 29.51 -40.50
C VAL B 459 -57.42 30.86 -40.68
N CYS B 460 -57.90 31.83 -39.90
CA CYS B 460 -57.34 33.18 -39.92
C CYS B 460 -56.85 33.56 -38.52
N ARG B 461 -55.79 34.36 -38.50
CA ARG B 461 -55.22 34.86 -37.24
C ARG B 461 -54.85 36.33 -37.47
N CYS B 462 -55.64 37.22 -36.88
CA CYS B 462 -55.45 38.64 -37.09
C CYS B 462 -54.17 39.13 -36.41
N GLY B 463 -53.84 40.39 -36.64
CA GLY B 463 -52.67 41.01 -36.05
C GLY B 463 -52.97 41.68 -34.74
N PRO B 464 -52.16 42.67 -34.37
CA PRO B 464 -52.38 43.39 -33.11
C PRO B 464 -53.71 44.11 -33.11
N GLY B 465 -54.37 44.13 -31.95
CA GLY B 465 -55.62 44.81 -31.79
C GLY B 465 -56.83 43.96 -32.12
N TRP B 466 -56.87 43.43 -33.34
CA TRP B 466 -57.99 42.60 -33.78
C TRP B 466 -57.91 41.25 -33.11
N LEU B 467 -58.73 41.04 -32.09
CA LEU B 467 -58.78 39.77 -31.36
C LEU B 467 -59.95 38.89 -31.80
N GLY B 468 -60.66 39.28 -32.85
CA GLY B 468 -61.77 38.48 -33.31
C GLY B 468 -61.31 37.23 -34.04
N SER B 469 -62.28 36.32 -34.24
CA SER B 469 -61.98 35.07 -34.93
C SER B 469 -61.54 35.32 -36.37
N GLN B 470 -62.21 36.25 -37.06
CA GLN B 470 -61.88 36.60 -38.43
C GLN B 470 -61.79 38.12 -38.55
N CYS B 471 -61.09 38.74 -37.61
CA CYS B 471 -60.89 40.19 -37.57
C CYS B 471 -62.22 40.94 -37.53
N GLU C 3 45.29 -49.47 -27.54
CA GLU C 3 44.65 -50.25 -28.59
C GLU C 3 43.32 -50.81 -28.12
N CYS C 4 42.86 -50.34 -26.96
CA CYS C 4 41.61 -50.79 -26.36
C CYS C 4 40.61 -49.64 -26.32
N ASP C 5 39.38 -49.90 -26.77
CA ASP C 5 38.36 -48.87 -26.77
C ASP C 5 37.83 -48.57 -25.38
N CYS C 6 37.98 -49.49 -24.43
CA CYS C 6 37.54 -49.30 -23.06
C CYS C 6 38.76 -49.32 -22.14
N SER C 7 38.92 -48.25 -21.35
CA SER C 7 40.03 -48.20 -20.41
C SER C 7 39.90 -49.27 -19.33
N SER C 8 38.68 -49.48 -18.82
CA SER C 8 38.45 -50.47 -17.79
C SER C 8 38.20 -51.83 -18.44
N PRO C 9 38.99 -52.86 -18.11
CA PRO C 9 38.75 -54.19 -18.71
C PRO C 9 37.40 -54.79 -18.35
N GLU C 10 36.77 -54.33 -17.26
CA GLU C 10 35.50 -54.89 -16.81
C GLU C 10 34.29 -54.22 -17.45
N ASN C 11 34.51 -53.29 -18.38
CA ASN C 11 33.39 -52.59 -19.02
C ASN C 11 32.62 -53.55 -19.92
N PRO C 12 31.33 -53.75 -19.70
CA PRO C 12 30.56 -54.66 -20.56
C PRO C 12 30.39 -54.16 -21.98
N CYS C 13 30.56 -52.86 -22.23
CA CYS C 13 30.41 -52.34 -23.59
C CYS C 13 31.50 -52.83 -24.53
N CYS C 14 32.62 -53.32 -23.99
CA CYS C 14 33.72 -53.85 -24.79
C CYS C 14 33.89 -55.33 -24.53
N ASP C 15 34.15 -56.09 -25.60
CA ASP C 15 34.37 -57.52 -25.46
C ASP C 15 35.64 -57.79 -24.66
N ALA C 16 35.56 -58.76 -23.75
CA ALA C 16 36.69 -59.05 -22.88
C ALA C 16 37.82 -59.76 -23.61
N ALA C 17 37.50 -60.47 -24.69
CA ALA C 17 38.51 -61.27 -25.38
C ALA C 17 39.55 -60.39 -26.07
N THR C 18 39.10 -59.39 -26.83
CA THR C 18 39.99 -58.55 -27.61
C THR C 18 39.96 -57.08 -27.17
N CYS C 19 39.34 -56.78 -26.03
CA CYS C 19 39.25 -55.43 -25.48
C CYS C 19 38.67 -54.42 -26.48
N LYS C 20 37.98 -54.91 -27.50
CA LYS C 20 37.36 -54.06 -28.51
C LYS C 20 35.85 -53.96 -28.26
N LEU C 21 35.23 -52.98 -28.91
CA LEU C 21 33.80 -52.77 -28.76
C LEU C 21 33.01 -53.97 -29.26
N ARG C 22 32.04 -54.40 -28.47
CA ARG C 22 31.17 -55.50 -28.88
C ARG C 22 30.24 -55.03 -30.01
N PRO C 23 29.77 -55.95 -30.85
CA PRO C 23 28.84 -55.56 -31.91
C PRO C 23 27.58 -54.92 -31.34
N GLY C 24 27.10 -53.89 -32.03
CA GLY C 24 25.95 -53.13 -31.57
C GLY C 24 26.27 -52.04 -30.57
N ALA C 25 27.52 -51.87 -30.18
CA ALA C 25 27.94 -50.86 -29.23
C ALA C 25 28.97 -49.93 -29.87
N GLN C 26 28.89 -48.65 -29.53
CA GLN C 26 29.78 -47.65 -30.09
C GLN C 26 30.63 -46.92 -29.05
N CYS C 27 30.31 -47.05 -27.76
CA CYS C 27 31.07 -46.36 -26.73
C CYS C 27 30.99 -47.15 -25.43
N GLY C 28 31.92 -46.87 -24.53
CA GLY C 28 31.96 -47.55 -23.25
C GLY C 28 32.00 -46.58 -22.07
N GLU C 29 32.29 -45.32 -22.35
CA GLU C 29 32.37 -44.32 -21.29
C GLU C 29 32.13 -42.94 -21.91
N GLY C 30 31.80 -41.98 -21.04
CA GLY C 30 31.58 -40.63 -21.48
C GLY C 30 30.22 -40.08 -21.07
N LEU C 31 30.07 -38.75 -21.09
CA LEU C 31 28.80 -38.14 -20.71
C LEU C 31 27.76 -38.31 -21.80
N CYS C 32 28.17 -38.37 -23.06
CA CYS C 32 27.26 -38.58 -24.18
C CYS C 32 27.10 -40.05 -24.54
N CYS C 33 27.45 -40.95 -23.64
CA CYS C 33 27.36 -42.40 -23.87
C CYS C 33 26.25 -42.97 -22.98
N GLU C 34 25.26 -43.60 -23.60
CA GLU C 34 24.15 -44.23 -22.89
C GLU C 34 24.00 -45.65 -23.39
N GLN C 35 23.89 -46.59 -22.45
CA GLN C 35 23.76 -48.03 -22.72
C GLN C 35 24.65 -48.46 -23.89
N CYS C 36 25.92 -48.10 -23.80
CA CYS C 36 26.92 -48.42 -24.82
C CYS C 36 26.55 -47.84 -26.19
N LYS C 37 25.86 -46.70 -26.21
CA LYS C 37 25.46 -46.06 -27.44
C LYS C 37 25.59 -44.54 -27.28
N PHE C 38 25.82 -43.87 -28.41
CA PHE C 38 25.96 -42.41 -28.38
C PHE C 38 24.64 -41.74 -28.05
N SER C 39 24.71 -40.64 -27.31
CA SER C 39 23.52 -39.87 -26.99
C SER C 39 23.05 -39.10 -28.22
N ARG C 40 21.77 -38.73 -28.19
CA ARG C 40 21.18 -37.99 -29.30
C ARG C 40 21.86 -36.62 -29.44
N ALA C 41 22.03 -36.19 -30.69
CA ALA C 41 22.69 -34.92 -30.95
C ALA C 41 21.88 -33.76 -30.38
N GLY C 42 22.59 -32.75 -29.89
CA GLY C 42 21.95 -31.60 -29.28
C GLY C 42 21.60 -31.75 -27.82
N LYS C 43 21.94 -32.88 -27.20
CA LYS C 43 21.63 -33.11 -25.80
C LYS C 43 22.62 -32.38 -24.91
N ILE C 44 22.10 -31.64 -23.92
CA ILE C 44 22.96 -30.94 -22.98
C ILE C 44 23.60 -31.95 -22.04
N CYS C 45 24.92 -31.87 -21.89
CA CYS C 45 25.66 -32.82 -21.07
C CYS C 45 26.57 -32.16 -20.04
N ARG C 46 26.71 -30.83 -20.05
CA ARG C 46 27.59 -30.15 -19.11
C ARG C 46 27.03 -28.75 -18.86
N ILE C 47 26.36 -28.58 -17.72
CA ILE C 47 25.89 -27.26 -17.33
C ILE C 47 27.09 -26.40 -16.93
N PRO C 48 27.27 -25.23 -17.54
CA PRO C 48 28.45 -24.41 -17.26
C PRO C 48 28.21 -23.45 -16.10
N ARG C 49 29.30 -22.76 -15.71
CA ARG C 49 29.28 -21.76 -14.65
C ARG C 49 29.41 -20.38 -15.29
N GLY C 50 28.52 -19.45 -14.89
CA GLY C 50 28.53 -18.13 -15.46
C GLY C 50 27.79 -18.07 -16.79
N ASP C 51 27.92 -16.92 -17.45
CA ASP C 51 27.28 -16.69 -18.74
C ASP C 51 28.03 -17.47 -19.81
N MET C 52 27.75 -18.76 -19.87
CA MET C 52 28.43 -19.65 -20.81
C MET C 52 27.40 -20.52 -21.50
N PRO C 53 27.62 -20.86 -22.77
CA PRO C 53 26.70 -21.76 -23.46
C PRO C 53 26.87 -23.21 -23.00
N ASP C 54 25.77 -23.95 -23.08
CA ASP C 54 25.77 -25.36 -22.70
C ASP C 54 26.67 -26.17 -23.63
N ASP C 55 27.33 -27.17 -23.07
CA ASP C 55 28.10 -28.13 -23.85
C ASP C 55 27.16 -29.24 -24.31
N ARG C 56 27.05 -29.42 -25.62
CA ARG C 56 26.08 -30.32 -26.21
C ARG C 56 26.72 -31.66 -26.52
N CYS C 57 25.95 -32.56 -27.11
CA CYS C 57 26.43 -33.85 -27.60
C CYS C 57 26.44 -33.82 -29.13
N THR C 58 27.59 -34.19 -29.72
CA THR C 58 27.72 -34.13 -31.17
C THR C 58 26.89 -35.20 -31.86
N GLY C 59 26.49 -36.25 -31.15
CA GLY C 59 25.76 -37.35 -31.75
C GLY C 59 26.61 -38.38 -32.45
N GLN C 60 27.91 -38.12 -32.62
CA GLN C 60 28.83 -39.07 -33.23
C GLN C 60 30.00 -39.41 -32.32
N SER C 61 30.07 -38.83 -31.12
CA SER C 61 31.11 -39.10 -30.15
C SER C 61 30.47 -39.32 -28.79
N ALA C 62 31.28 -39.81 -27.84
CA ALA C 62 30.81 -40.08 -26.49
C ALA C 62 31.21 -39.01 -25.49
N ASP C 63 31.91 -37.96 -25.92
CA ASP C 63 32.39 -36.92 -25.03
C ASP C 63 31.88 -35.56 -25.48
N CYS C 64 31.63 -34.68 -24.52
CA CYS C 64 31.13 -33.34 -24.81
C CYS C 64 32.25 -32.49 -25.41
N PRO C 65 32.03 -31.85 -26.59
CA PRO C 65 33.02 -30.92 -27.14
C PRO C 65 33.12 -29.66 -26.29
N ARG C 66 34.24 -28.96 -26.46
CA ARG C 66 34.50 -27.73 -25.71
C ARG C 66 33.83 -26.57 -26.44
N TYR C 67 32.52 -26.45 -26.23
CA TYR C 67 31.74 -25.35 -26.77
C TYR C 67 31.78 -24.12 -25.85
N HIS C 68 32.75 -24.05 -24.97
CA HIS C 68 32.89 -22.93 -24.03
C HIS C 68 32.99 -21.60 -24.76
C1 NAG D . 35.51 13.48 -6.44
C2 NAG D . 34.05 13.84 -6.76
C3 NAG D . 33.74 13.52 -8.21
C4 NAG D . 34.76 14.15 -9.15
C5 NAG D . 36.19 13.82 -8.70
C6 NAG D . 37.24 14.57 -9.48
C7 NAG D . 32.82 13.57 -4.65
C8 NAG D . 31.86 12.72 -3.87
N2 NAG D . 33.15 13.14 -5.87
O3 NAG D . 32.43 14.00 -8.53
O4 NAG D . 34.58 13.62 -10.46
O5 NAG D . 36.36 14.20 -7.33
O6 NAG D . 37.93 13.71 -10.38
O7 NAG D . 33.27 14.62 -4.20
C1 NAG D . 34.24 14.63 -11.41
C2 NAG D . 34.57 14.08 -12.79
C3 NAG D . 34.18 15.08 -13.88
C4 NAG D . 32.71 15.47 -13.73
C5 NAG D . 32.46 15.99 -12.31
C6 NAG D . 31.01 16.31 -12.04
C7 NAG D . 36.44 12.48 -12.94
C8 NAG D . 35.41 11.40 -12.86
N2 NAG D . 35.98 13.74 -12.90
O3 NAG D . 34.41 14.51 -15.16
O4 NAG D . 32.36 16.47 -14.68
O5 NAG D . 32.86 14.99 -11.36
O6 NAG D . 30.88 17.40 -11.14
O7 NAG D . 37.64 12.24 -13.02
C1 BMA D . 31.55 15.85 -15.70
C2 BMA D . 30.14 16.48 -15.64
C3 BMA D . 29.28 15.94 -16.79
C4 BMA D . 30.02 16.04 -18.14
C5 BMA D . 31.40 15.38 -18.04
C6 BMA D . 32.21 15.50 -19.32
O2 BMA D . 30.20 17.89 -15.81
O3 BMA D . 28.02 16.60 -16.86
O4 BMA D . 29.26 15.40 -19.15
O5 BMA D . 32.13 16.03 -16.99
O6 BMA D . 33.37 14.69 -19.19
C1 NAG E . 33.14 -29.17 14.11
C2 NAG E . 33.47 -30.67 14.00
C3 NAG E . 32.23 -31.53 14.21
C4 NAG E . 31.52 -31.13 15.50
C5 NAG E . 31.28 -29.62 15.55
C6 NAG E . 30.70 -29.15 16.87
C7 NAG E . 33.79 -30.94 11.49
C8 NAG E . 32.41 -30.40 11.22
N2 NAG E . 34.19 -31.03 12.78
O3 NAG E . 32.60 -32.90 14.26
O4 NAG E . 30.26 -31.79 15.59
O5 NAG E . 32.52 -28.92 15.37
O6 NAG E . 31.67 -28.47 17.64
O7 NAG E . 34.52 -31.29 10.58
C1 NAG E . 30.33 -32.88 16.53
C2 NAG E . 28.91 -33.35 16.82
C3 NAG E . 28.93 -34.55 17.77
C4 NAG E . 29.83 -35.64 17.24
C5 NAG E . 31.22 -35.08 16.93
C6 NAG E . 32.14 -36.08 16.27
C7 NAG E . 27.11 -31.67 16.70
C8 NAG E . 26.87 -32.17 15.30
N2 NAG E . 28.09 -32.28 17.38
O3 NAG E . 27.60 -35.04 17.95
O4 NAG E . 29.95 -36.69 18.19
O5 NAG E . 31.11 -33.97 16.02
O6 NAG E . 31.89 -36.18 14.88
O7 NAG E . 26.44 -30.77 17.19
C1 NAG F . 21.95 -25.74 5.55
C2 NAG F . 22.48 -27.14 5.85
C3 NAG F . 23.79 -27.38 5.12
C4 NAG F . 23.64 -27.07 3.63
C5 NAG F . 23.05 -25.69 3.42
C6 NAG F . 22.74 -25.38 1.97
C7 NAG F . 21.68 -27.79 8.08
C8 NAG F . 22.03 -27.94 9.52
N2 NAG F . 22.64 -27.34 7.27
O3 NAG F . 24.20 -28.73 5.29
O4 NAG F . 24.92 -27.10 3.02
O5 NAG F . 21.81 -25.58 4.14
O6 NAG F . 21.72 -26.23 1.47
O7 NAG F . 20.57 -28.08 7.65
C1 NAG F . 25.00 -28.21 2.10
C2 NAG F . 26.26 -28.03 1.25
C3 NAG F . 26.44 -29.22 0.33
C4 NAG F . 26.42 -30.52 1.12
C5 NAG F . 25.15 -30.60 1.97
C6 NAG F . 25.10 -31.81 2.87
C7 NAG F . 26.49 -25.59 1.02
C8 NAG F . 26.37 -24.42 0.09
N2 NAG F . 26.19 -26.79 0.49
O3 NAG F . 27.68 -29.10 -0.36
O4 NAG F . 26.45 -31.64 0.23
O5 NAG F . 25.08 -29.45 2.82
O6 NAG F . 23.97 -31.77 3.73
O7 NAG F . 26.84 -25.47 2.18
C1 BMA F . 27.71 -32.32 0.43
C2 BMA F . 27.51 -33.80 0.03
C3 BMA F . 28.86 -34.52 0.08
C4 BMA F . 29.94 -33.75 -0.70
C5 BMA F . 30.01 -32.28 -0.22
C6 BMA F . 30.95 -31.41 -1.04
O2 BMA F . 27.05 -33.89 -1.31
O3 BMA F . 28.76 -35.85 -0.41
O4 BMA F . 31.20 -34.37 -0.52
O5 BMA F . 28.71 -31.71 -0.36
O6 BMA F . 32.15 -32.12 -1.37
C1 BMA F . 32.28 -32.16 -2.81
C2 BMA F . 32.33 -30.74 -3.38
C3 BMA F . 32.86 -30.77 -4.82
C4 BMA F . 32.84 -32.18 -5.49
C5 BMA F . 33.44 -33.30 -4.55
C6 BMA F . 34.84 -33.72 -4.95
O2 BMA F . 33.23 -29.92 -2.64
O3 BMA F . 34.16 -30.18 -4.92
O4 BMA F . 31.51 -32.51 -5.90
O5 BMA F . 33.47 -32.84 -3.19
O6 BMA F . 35.72 -32.62 -4.78
C1 MAN F . 31.40 -33.90 -6.26
C2 MAN F . 31.76 -34.06 -7.77
C3 MAN F . 30.65 -33.49 -8.65
C4 MAN F . 29.29 -34.05 -8.24
C5 MAN F . 29.03 -33.74 -6.76
C6 MAN F . 27.71 -34.28 -6.26
O2 MAN F . 31.89 -35.43 -8.13
O3 MAN F . 30.90 -33.76 -10.02
O4 MAN F . 28.27 -33.45 -9.02
O5 MAN F . 30.08 -34.36 -5.99
O6 MAN F . 27.50 -33.78 -4.94
C1 MAN F . 28.14 -36.67 0.62
C2 MAN F . 29.08 -37.87 0.88
C3 MAN F . 29.06 -38.84 -0.30
C4 MAN F . 27.62 -39.22 -0.67
C5 MAN F . 26.82 -37.95 -0.96
C6 MAN F . 25.36 -38.24 -1.27
O2 MAN F . 28.65 -38.64 2.01
O3 MAN F . 29.84 -40.00 -0.04
O4 MAN F . 27.63 -40.05 -1.82
O5 MAN F . 26.85 -37.10 0.20
O6 MAN F . 24.72 -37.02 -1.61
C1 NAG G . -19.77 10.61 58.53
C2 NAG G . -19.20 9.22 58.82
C3 NAG G . -17.88 9.35 59.59
C4 NAG G . -16.92 10.27 58.85
C5 NAG G . -17.59 11.61 58.51
C6 NAG G . -16.73 12.50 57.65
C7 NAG G . -21.06 7.64 58.99
C8 NAG G . -21.96 6.88 59.92
N2 NAG G . -20.15 8.42 59.57
O3 NAG G . -17.30 8.06 59.76
O4 NAG G . -15.78 10.53 59.68
O5 NAG G . -18.80 11.37 57.79
O6 NAG G . -16.55 13.77 58.25
O7 NAG G . -21.16 7.55 57.77
C1 NAG G . -14.60 9.95 59.10
C2 NAG G . -13.44 10.19 60.09
C3 NAG G . -12.95 8.89 60.70
C4 NAG G . -12.58 7.85 59.64
C5 NAG G . -13.53 7.93 58.46
C6 NAG G . -13.91 6.58 57.91
C7 NAG G . -12.34 12.23 59.25
C8 NAG G . -11.13 12.79 58.57
N2 NAG G . -12.35 10.90 59.44
O3 NAG G . -13.95 8.35 61.56
O4 NAG G . -11.24 8.07 59.19
O5 NAG G . -14.75 8.55 58.89
O6 NAG G . -15.24 6.55 57.43
O7 NAG G . -13.27 12.94 59.62
C1 BMA G . -10.39 7.14 59.90
C2 BMA G . -9.92 6.06 58.89
C3 BMA G . -8.92 5.13 59.56
C4 BMA G . -7.80 5.91 60.28
C5 BMA G . -8.42 6.95 61.24
C6 BMA G . -7.37 7.80 61.94
O2 BMA G . -9.25 6.66 57.78
O3 BMA G . -8.35 4.22 58.63
O4 BMA G . -6.97 5.03 61.02
O5 BMA G . -9.28 7.82 60.48
O6 BMA G . -8.03 8.56 62.95
C1 NAG H . -5.72 8.77 30.62
C2 NAG H . -5.62 9.78 29.48
C3 NAG H . -4.88 9.17 28.28
C4 NAG H . -5.34 7.74 28.01
C5 NAG H . -5.27 6.89 29.28
C6 NAG H . -4.30 5.74 29.18
C7 NAG H . -7.60 11.20 29.75
C8 NAG H . -8.94 11.57 29.20
N2 NAG H . -6.94 10.25 29.08
O3 NAG H . -3.49 9.20 28.51
O4 NAG H . -6.66 7.73 27.51
O5 NAG H . -4.85 7.70 30.38
O6 NAG H . -4.09 5.11 30.44
O7 NAG H . -7.14 11.74 30.76
C1 NAG H . -6.50 7.29 26.13
C2 NAG H . -7.76 6.73 25.48
C3 NAG H . -7.43 6.17 24.11
C4 NAG H . -6.66 7.20 23.29
C5 NAG H . -5.45 7.68 24.08
C6 NAG H . -4.70 8.74 23.30
C7 NAG H . -9.12 6.00 27.31
C8 NAG H . -9.38 4.91 28.30
N2 NAG H . -8.32 5.69 26.31
O3 NAG H . -8.62 5.83 23.40
O4 NAG H . -6.25 6.60 22.05
O5 NAG H . -5.92 8.27 25.27
O6 NAG H . -5.65 9.76 22.97
O7 NAG H . -9.60 7.12 27.42
C1 NAG I . 8.72 -23.59 -8.03
C2 NAG I . 10.00 -24.28 -7.55
C3 NAG I . 9.72 -25.74 -7.22
C4 NAG I . 8.55 -25.86 -6.25
C5 NAG I . 7.34 -25.12 -6.79
C6 NAG I . 6.18 -25.10 -5.82
C7 NAG I . 11.90 -23.13 -8.59
C8 NAG I . 12.95 -23.20 -9.67
N2 NAG I . 11.05 -24.17 -8.53
O3 NAG I . 10.89 -26.32 -6.66
O4 NAG I . 8.23 -27.23 -6.07
O5 NAG I . 7.68 -23.75 -7.05
O6 NAG I . 6.56 -24.53 -4.57
O7 NAG I . 11.83 -22.18 -7.81
C1 NAG I . 8.63 -27.65 -4.75
C2 NAG I . 7.82 -28.89 -4.36
C3 NAG I . 8.26 -29.40 -2.99
C4 NAG I . 9.76 -29.63 -2.97
C5 NAG I . 10.50 -28.37 -3.41
C6 NAG I . 11.99 -28.57 -3.53
C7 NAG I . 5.63 -28.77 -5.46
C8 NAG I . 4.18 -28.42 -5.29
N2 NAG I . 6.39 -28.61 -4.38
O3 NAG I . 7.57 -30.62 -2.70
O4 NAG I . 10.18 -29.97 -1.65
O5 NAG I . 10.03 -27.96 -4.72
O6 NAG I . 12.64 -28.37 -2.29
O7 NAG I . 6.08 -29.18 -6.52
C1 NAG J . -35.90 1.05 -22.96
C2 NAG J . -36.76 2.02 -23.76
C3 NAG J . -37.91 2.54 -22.91
C4 NAG J . -38.69 1.38 -22.31
C5 NAG J . -37.75 0.42 -21.58
C6 NAG J . -38.45 -0.83 -21.08
C7 NAG J . -35.38 3.11 -25.48
C8 NAG J . -34.59 4.33 -25.83
N2 NAG J . -35.97 3.12 -24.27
O3 NAG J . -38.77 3.34 -23.70
O4 NAG J . -39.67 1.85 -21.40
O5 NAG J . -36.71 -0.02 -22.46
O6 NAG J . -38.85 -1.66 -22.16
O7 NAG J . -35.49 2.15 -26.24
C1 NAG J . -40.99 1.53 -21.90
C2 NAG J . -41.96 1.32 -20.75
C3 NAG J . -43.30 0.89 -21.31
C4 NAG J . -43.78 1.94 -22.31
C5 NAG J . -42.74 2.12 -23.39
C6 NAG J . -43.18 3.20 -24.38
C7 NAG J . -40.64 0.62 -18.85
C8 NAG J . -40.39 -0.48 -17.87
N2 NAG J . -41.46 0.31 -19.85
O3 NAG J . -44.24 0.76 -20.26
O4 NAG J . -45.01 1.51 -22.89
O5 NAG J . -41.49 2.51 -22.82
O6 NAG J . -43.26 4.45 -23.69
O7 NAG J . -40.12 1.72 -18.74
CA CA K . -33.43 -3.51 45.57
CA CA L . 28.95 -21.49 19.76
CA CA M . 16.15 -15.50 23.34
CA CA N . 13.45 -2.91 26.58
CA CA O . 22.59 7.52 26.34
C1 NAG P . 1.74 25.00 41.11
C2 NAG P . 1.75 26.33 41.86
C3 NAG P . 1.02 27.39 41.06
C4 NAG P . 1.59 27.49 39.65
C5 NAG P . 1.60 26.11 38.99
C6 NAG P . 2.29 26.10 37.64
C7 NAG P . 1.84 26.41 44.32
C8 NAG P . 1.06 26.22 45.58
N2 NAG P . 1.15 26.19 43.18
O3 NAG P . 1.14 28.65 41.71
O4 NAG P . 0.81 28.38 38.86
O5 NAG P . 2.31 25.17 39.81
O6 NAG P . 3.65 25.70 37.75
O7 NAG P . 3.01 26.76 44.31
MG MG Q . 23.35 -15.81 -20.21
CA CA R . 22.08 -21.32 -23.52
CA CA S . 24.99 -11.33 -15.61
C1 NAG T . -40.36 1.95 -30.45
C2 NAG T . -40.10 0.88 -31.50
C3 NAG T . -41.37 0.09 -31.78
C4 NAG T . -41.95 -0.46 -30.49
C5 NAG T . -42.14 0.66 -29.48
C6 NAG T . -42.61 0.17 -28.13
C7 NAG T . -38.78 0.84 -33.57
C8 NAG T . -38.36 1.60 -34.78
N2 NAG T . -39.59 1.48 -32.73
O3 NAG T . -41.07 -0.98 -32.68
O4 NAG T . -43.21 -1.08 -30.74
O5 NAG T . -40.89 1.33 -29.27
O6 NAG T . -43.10 1.25 -27.33
O7 NAG T . -38.39 -0.31 -33.36
#